data_4H60
# 
_entry.id   4H60 
# 
_audit_conform.dict_name       mmcif_pdbx.dic 
_audit_conform.dict_version    5.379 
_audit_conform.dict_location   http://mmcif.pdb.org/dictionaries/ascii/mmcif_pdbx.dic 
# 
loop_
_database_2.database_id 
_database_2.database_code 
_database_2.pdbx_database_accession 
_database_2.pdbx_DOI 
PDB   4H60         pdb_00004h60 10.2210/pdb4h60/pdb 
RCSB  RCSB075062   ?            ?                   
WWPDB D_1000075062 ?            ?                   
# 
_pdbx_database_related.db_name        PDB 
_pdbx_database_related.db_id          3TO5 
_pdbx_database_related.details        . 
_pdbx_database_related.content_type   unspecified 
# 
_pdbx_database_status.status_code                     REL 
_pdbx_database_status.entry_id                        4H60 
_pdbx_database_status.recvd_initial_deposition_date   2012-09-19 
_pdbx_database_status.deposit_site                    RCSB 
_pdbx_database_status.process_site                    RCSB 
_pdbx_database_status.status_code_sf                  REL 
_pdbx_database_status.status_code_mr                  ? 
_pdbx_database_status.SG_entry                        ? 
_pdbx_database_status.status_code_cs                  ? 
_pdbx_database_status.methods_development_category    ? 
_pdbx_database_status.pdb_format_compatible           Y 
_pdbx_database_status.status_code_nmr_data            ? 
# 
loop_
_audit_author.name 
_audit_author.pdbx_ordinal 
'Biswas, M.'   1 
'Dasgupta, J.' 2 
'Sen, U.'      3 
# 
loop_
_citation.id 
_citation.title 
_citation.journal_abbrev 
_citation.journal_volume 
_citation.page_first 
_citation.page_last 
_citation.year 
_citation.journal_id_ASTM 
_citation.country 
_citation.journal_id_ISSN 
_citation.journal_id_CSD 
_citation.book_publisher 
_citation.pdbx_database_id_PubMed 
_citation.pdbx_database_id_DOI 
primary 
'Conformational Barrier of CheY3 and Inability of CheY4 to Bind FliM Control the Flagellar Motor Action in Vibrio cholerae.' 
'Plos One'                 8  e73923 e73923 2013 ? US 1932-6203 ? ? 24066084 10.1371/journal.pone.0073923 
1       'Overexpression, purification, crystallization and preliminary X-ray analysis of CheY4 from Vibrio cholerae O395.' 
'Acta Crystallogr.,Sect.F' 67 1645   1648   2011 ? DK 1744-3091 ? ? 22139188 10.1107/S1744309111041972    
# 
loop_
_citation_author.citation_id 
_citation_author.name 
_citation_author.ordinal 
_citation_author.identifier_ORCID 
primary 'Biswas, M.'   1 ? 
primary 'Dey, S.'      2 ? 
primary 'Khamrui, S.'  3 ? 
primary 'Sen, U.'      4 ? 
primary 'Dasgupta, J.' 5 ? 
1       'Biswas, M.'   6 ? 
1       'Khamrui, S.'  7 ? 
1       'Sen, U.'      8 ? 
1       'Dasgupta, J.' 9 ? 
# 
_cell.entry_id           4H60 
_cell.length_a           95.291 
_cell.length_b           31.014 
_cell.length_c           32.735 
_cell.angle_alpha        90.00 
_cell.angle_beta         96.59 
_cell.angle_gamma        90.00 
_cell.Z_PDB              4 
_cell.pdbx_unique_axis   ? 
_cell.length_a_esd       ? 
_cell.length_b_esd       ? 
_cell.length_c_esd       ? 
_cell.angle_alpha_esd    ? 
_cell.angle_beta_esd     ? 
_cell.angle_gamma_esd    ? 
# 
_symmetry.entry_id                         4H60 
_symmetry.space_group_name_H-M             'C 1 2 1' 
_symmetry.pdbx_full_space_group_name_H-M   ? 
_symmetry.cell_setting                     ? 
_symmetry.Int_Tables_number                5 
_symmetry.space_group_name_Hall            ? 
# 
loop_
_entity.id 
_entity.type 
_entity.src_method 
_entity.pdbx_description 
_entity.formula_weight 
_entity.pdbx_number_of_molecules 
_entity.pdbx_ec 
_entity.pdbx_mutation 
_entity.pdbx_fragment 
_entity.details 
1 polymer     man 'Chemotaxis protein CheY' 13290.412 1   ? ? 'UNP residues 7-125' ? 
2 non-polymer syn 'CALCIUM ION'             40.078    1   ? ? ?                    ? 
3 non-polymer syn 'SULFATE ION'             96.063    1   ? ? ?                    ? 
4 water       nat water                     18.015    113 ? ? ?                    ? 
# 
_entity_name_com.entity_id   1 
_entity_name_com.name        CheY4 
# 
_entity_poly.entity_id                      1 
_entity_poly.type                           'polypeptide(L)' 
_entity_poly.nstd_linkage                   no 
_entity_poly.nstd_monomer                   no 
_entity_poly.pdbx_seq_one_letter_code       
;AMAKVLAVDDSISIRQMVSHTLQDAGYEVETAADGREALAKAQKARFDVIISDVNMPVMTGFEFVKAVRMQSQYKFTPIL
MLTTETSPEKKQEGKAVGATGWLVKPFNPETLLKTLQRVL
;
_entity_poly.pdbx_seq_one_letter_code_can   
;AMAKVLAVDDSISIRQMVSHTLQDAGYEVETAADGREALAKAQKARFDVIISDVNMPVMTGFEFVKAVRMQSQYKFTPIL
MLTTETSPEKKQEGKAVGATGWLVKPFNPETLLKTLQRVL
;
_entity_poly.pdbx_strand_id                 A 
_entity_poly.pdbx_target_identifier         ? 
# 
loop_
_entity_poly_seq.entity_id 
_entity_poly_seq.num 
_entity_poly_seq.mon_id 
_entity_poly_seq.hetero 
1 1   ALA n 
1 2   MET n 
1 3   ALA n 
1 4   LYS n 
1 5   VAL n 
1 6   LEU n 
1 7   ALA n 
1 8   VAL n 
1 9   ASP n 
1 10  ASP n 
1 11  SER n 
1 12  ILE n 
1 13  SER n 
1 14  ILE n 
1 15  ARG n 
1 16  GLN n 
1 17  MET n 
1 18  VAL n 
1 19  SER n 
1 20  HIS n 
1 21  THR n 
1 22  LEU n 
1 23  GLN n 
1 24  ASP n 
1 25  ALA n 
1 26  GLY n 
1 27  TYR n 
1 28  GLU n 
1 29  VAL n 
1 30  GLU n 
1 31  THR n 
1 32  ALA n 
1 33  ALA n 
1 34  ASP n 
1 35  GLY n 
1 36  ARG n 
1 37  GLU n 
1 38  ALA n 
1 39  LEU n 
1 40  ALA n 
1 41  LYS n 
1 42  ALA n 
1 43  GLN n 
1 44  LYS n 
1 45  ALA n 
1 46  ARG n 
1 47  PHE n 
1 48  ASP n 
1 49  VAL n 
1 50  ILE n 
1 51  ILE n 
1 52  SER n 
1 53  ASP n 
1 54  VAL n 
1 55  ASN n 
1 56  MET n 
1 57  PRO n 
1 58  VAL n 
1 59  MET n 
1 60  THR n 
1 61  GLY n 
1 62  PHE n 
1 63  GLU n 
1 64  PHE n 
1 65  VAL n 
1 66  LYS n 
1 67  ALA n 
1 68  VAL n 
1 69  ARG n 
1 70  MET n 
1 71  GLN n 
1 72  SER n 
1 73  GLN n 
1 74  TYR n 
1 75  LYS n 
1 76  PHE n 
1 77  THR n 
1 78  PRO n 
1 79  ILE n 
1 80  LEU n 
1 81  MET n 
1 82  LEU n 
1 83  THR n 
1 84  THR n 
1 85  GLU n 
1 86  THR n 
1 87  SER n 
1 88  PRO n 
1 89  GLU n 
1 90  LYS n 
1 91  LYS n 
1 92  GLN n 
1 93  GLU n 
1 94  GLY n 
1 95  LYS n 
1 96  ALA n 
1 97  VAL n 
1 98  GLY n 
1 99  ALA n 
1 100 THR n 
1 101 GLY n 
1 102 TRP n 
1 103 LEU n 
1 104 VAL n 
1 105 LYS n 
1 106 PRO n 
1 107 PHE n 
1 108 ASN n 
1 109 PRO n 
1 110 GLU n 
1 111 THR n 
1 112 LEU n 
1 113 LEU n 
1 114 LYS n 
1 115 THR n 
1 116 LEU n 
1 117 GLN n 
1 118 ARG n 
1 119 VAL n 
1 120 LEU n 
# 
_entity_src_gen.entity_id                          1 
_entity_src_gen.pdbx_src_id                        1 
_entity_src_gen.pdbx_alt_source_flag               sample 
_entity_src_gen.pdbx_seq_type                      ? 
_entity_src_gen.pdbx_beg_seq_num                   ? 
_entity_src_gen.pdbx_end_seq_num                   ? 
_entity_src_gen.gene_src_common_name               ? 
_entity_src_gen.gene_src_genus                     ? 
_entity_src_gen.pdbx_gene_src_gene                 cheY-4 
_entity_src_gen.gene_src_species                   ? 
_entity_src_gen.gene_src_strain                    'ATCC 39541 / Ogawa 395 / O395' 
_entity_src_gen.gene_src_tissue                    ? 
_entity_src_gen.gene_src_tissue_fraction           ? 
_entity_src_gen.gene_src_details                   ? 
_entity_src_gen.pdbx_gene_src_fragment             ? 
_entity_src_gen.pdbx_gene_src_scientific_name      'Vibrio cholerae' 
_entity_src_gen.pdbx_gene_src_ncbi_taxonomy_id     345073 
_entity_src_gen.pdbx_gene_src_variant              ? 
_entity_src_gen.pdbx_gene_src_cell_line            ? 
_entity_src_gen.pdbx_gene_src_atcc                 ? 
_entity_src_gen.pdbx_gene_src_organ                ? 
_entity_src_gen.pdbx_gene_src_organelle            ? 
_entity_src_gen.pdbx_gene_src_cell                 ? 
_entity_src_gen.pdbx_gene_src_cellular_location    ? 
_entity_src_gen.host_org_common_name               ? 
_entity_src_gen.pdbx_host_org_scientific_name      'Escherichia coli' 
_entity_src_gen.pdbx_host_org_ncbi_taxonomy_id     562 
_entity_src_gen.host_org_genus                     ? 
_entity_src_gen.pdbx_host_org_gene                 ? 
_entity_src_gen.pdbx_host_org_organ                ? 
_entity_src_gen.host_org_species                   ? 
_entity_src_gen.pdbx_host_org_tissue               ? 
_entity_src_gen.pdbx_host_org_tissue_fraction      ? 
_entity_src_gen.pdbx_host_org_strain               ? 
_entity_src_gen.pdbx_host_org_variant              ? 
_entity_src_gen.pdbx_host_org_cell_line            ? 
_entity_src_gen.pdbx_host_org_atcc                 ? 
_entity_src_gen.pdbx_host_org_culture_collection   ? 
_entity_src_gen.pdbx_host_org_cell                 ? 
_entity_src_gen.pdbx_host_org_organelle            ? 
_entity_src_gen.pdbx_host_org_cellular_location    ? 
_entity_src_gen.pdbx_host_org_vector_type          ? 
_entity_src_gen.pdbx_host_org_vector               ? 
_entity_src_gen.host_org_details                   ? 
_entity_src_gen.expression_system_id               ? 
_entity_src_gen.plasmid_name                       ? 
_entity_src_gen.plasmid_details                    ? 
_entity_src_gen.pdbx_description                   ? 
# 
_struct_ref.id                         1 
_struct_ref.db_name                    UNP 
_struct_ref.db_code                    C3M734_VIBC3 
_struct_ref.pdbx_db_accession          C3M734 
_struct_ref.entity_id                  1 
_struct_ref.pdbx_seq_one_letter_code   
;MAKVLAVDDSISIRQMVSHTLQDAGYEVETAADGREALAKAQKARFDVIISDVNMPVMTGFEFVKAVRMQSQYKFTPILM
LTTETSPEKKQEGKAVGATGWLVKPFNPETLLKTLQRVL
;
_struct_ref.pdbx_align_begin           7 
_struct_ref.pdbx_db_isoform            ? 
# 
_struct_ref_seq.align_id                      1 
_struct_ref_seq.ref_id                        1 
_struct_ref_seq.pdbx_PDB_id_code              4H60 
_struct_ref_seq.pdbx_strand_id                A 
_struct_ref_seq.seq_align_beg                 2 
_struct_ref_seq.pdbx_seq_align_beg_ins_code   ? 
_struct_ref_seq.seq_align_end                 120 
_struct_ref_seq.pdbx_seq_align_end_ins_code   ? 
_struct_ref_seq.pdbx_db_accession             C3M734 
_struct_ref_seq.db_align_beg                  7 
_struct_ref_seq.pdbx_db_align_beg_ins_code    ? 
_struct_ref_seq.db_align_end                  125 
_struct_ref_seq.pdbx_db_align_end_ins_code    ? 
_struct_ref_seq.pdbx_auth_seq_align_beg       1 
_struct_ref_seq.pdbx_auth_seq_align_end       119 
# 
_struct_ref_seq_dif.align_id                     1 
_struct_ref_seq_dif.pdbx_pdb_id_code             4H60 
_struct_ref_seq_dif.mon_id                       ALA 
_struct_ref_seq_dif.pdbx_pdb_strand_id           A 
_struct_ref_seq_dif.seq_num                      1 
_struct_ref_seq_dif.pdbx_pdb_ins_code            ? 
_struct_ref_seq_dif.pdbx_seq_db_name             UNP 
_struct_ref_seq_dif.pdbx_seq_db_accession_code   C3M734 
_struct_ref_seq_dif.db_mon_id                    ? 
_struct_ref_seq_dif.pdbx_seq_db_seq_num          ? 
_struct_ref_seq_dif.details                      'expression tag' 
_struct_ref_seq_dif.pdbx_auth_seq_num            -1 
_struct_ref_seq_dif.pdbx_ordinal                 1 
# 
loop_
_chem_comp.id 
_chem_comp.type 
_chem_comp.mon_nstd_flag 
_chem_comp.name 
_chem_comp.pdbx_synonyms 
_chem_comp.formula 
_chem_comp.formula_weight 
ALA 'L-peptide linking' y ALANINE         ? 'C3 H7 N O2'     89.093  
ARG 'L-peptide linking' y ARGININE        ? 'C6 H15 N4 O2 1' 175.209 
ASN 'L-peptide linking' y ASPARAGINE      ? 'C4 H8 N2 O3'    132.118 
ASP 'L-peptide linking' y 'ASPARTIC ACID' ? 'C4 H7 N O4'     133.103 
CA  non-polymer         . 'CALCIUM ION'   ? 'Ca 2'           40.078  
GLN 'L-peptide linking' y GLUTAMINE       ? 'C5 H10 N2 O3'   146.144 
GLU 'L-peptide linking' y 'GLUTAMIC ACID' ? 'C5 H9 N O4'     147.129 
GLY 'peptide linking'   y GLYCINE         ? 'C2 H5 N O2'     75.067  
HIS 'L-peptide linking' y HISTIDINE       ? 'C6 H10 N3 O2 1' 156.162 
HOH non-polymer         . WATER           ? 'H2 O'           18.015  
ILE 'L-peptide linking' y ISOLEUCINE      ? 'C6 H13 N O2'    131.173 
LEU 'L-peptide linking' y LEUCINE         ? 'C6 H13 N O2'    131.173 
LYS 'L-peptide linking' y LYSINE          ? 'C6 H15 N2 O2 1' 147.195 
MET 'L-peptide linking' y METHIONINE      ? 'C5 H11 N O2 S'  149.211 
PHE 'L-peptide linking' y PHENYLALANINE   ? 'C9 H11 N O2'    165.189 
PRO 'L-peptide linking' y PROLINE         ? 'C5 H9 N O2'     115.130 
SER 'L-peptide linking' y SERINE          ? 'C3 H7 N O3'     105.093 
SO4 non-polymer         . 'SULFATE ION'   ? 'O4 S -2'        96.063  
THR 'L-peptide linking' y THREONINE       ? 'C4 H9 N O3'     119.119 
TRP 'L-peptide linking' y TRYPTOPHAN      ? 'C11 H12 N2 O2'  204.225 
TYR 'L-peptide linking' y TYROSINE        ? 'C9 H11 N O3'    181.189 
VAL 'L-peptide linking' y VALINE          ? 'C5 H11 N O2'    117.146 
# 
_exptl.entry_id          4H60 
_exptl.method            'X-RAY DIFFRACTION' 
_exptl.crystals_number   1 
# 
_exptl_crystal.id                    1 
_exptl_crystal.density_meas          ? 
_exptl_crystal.density_Matthews      1.81 
_exptl_crystal.density_percent_sol   31.96 
_exptl_crystal.description           ? 
_exptl_crystal.F_000                 ? 
_exptl_crystal.preparation           ? 
# 
_exptl_crystal_grow.crystal_id      1 
_exptl_crystal_grow.method          'VAPOR DIFFUSION, HANGING DROP' 
_exptl_crystal_grow.temp            293 
_exptl_crystal_grow.temp_details    ? 
_exptl_crystal_grow.pH              4.0 
_exptl_crystal_grow.pdbx_details    '1.6 M ammonium sulfate, pH 4.0, VAPOR DIFFUSION, HANGING DROP, temperature 293K' 
_exptl_crystal_grow.pdbx_pH_range   ? 
# 
_diffrn.id                     1 
_diffrn.ambient_temp           100 
_diffrn.ambient_temp_details   ? 
_diffrn.crystal_id             1 
# 
_diffrn_detector.diffrn_id              1 
_diffrn_detector.detector               'IMAGE PLATE' 
_diffrn_detector.type                   'MAR scanner 345 mm plate' 
_diffrn_detector.pdbx_collection_date   2004-01-01 
_diffrn_detector.details                ? 
# 
_diffrn_radiation.diffrn_id                        1 
_diffrn_radiation.wavelength_id                    1 
_diffrn_radiation.pdbx_monochromatic_or_laue_m_l   M 
_diffrn_radiation.monochromator                    GRAPHITE 
_diffrn_radiation.pdbx_diffrn_protocol             'SINGLE WAVELENGTH' 
_diffrn_radiation.pdbx_scattering_type             x-ray 
# 
_diffrn_radiation_wavelength.id           1 
_diffrn_radiation_wavelength.wavelength   1.54 
_diffrn_radiation_wavelength.wt           1.0 
# 
_diffrn_source.diffrn_id                   1 
_diffrn_source.source                      'ROTATING ANODE' 
_diffrn_source.type                        'RIGAKU RU300' 
_diffrn_source.pdbx_synchrotron_site       ? 
_diffrn_source.pdbx_synchrotron_beamline   ? 
_diffrn_source.pdbx_wavelength             ? 
_diffrn_source.pdbx_wavelength_list        1.54 
# 
_reflns.entry_id                     4H60 
_reflns.observed_criterion_sigma_I   0.0 
_reflns.observed_criterion_sigma_F   0.0 
_reflns.d_resolution_low             30.0 
_reflns.d_resolution_high            1.66 
_reflns.number_obs                   10882 
_reflns.number_all                   11447 
_reflns.percent_possible_obs         95.1 
_reflns.pdbx_Rmerge_I_obs            0.0449 
_reflns.pdbx_Rsym_value              ? 
_reflns.pdbx_netI_over_sigmaI        8.6 
_reflns.B_iso_Wilson_estimate        18.4 
_reflns.pdbx_redundancy              ? 
_reflns.R_free_details               ? 
_reflns.limit_h_max                  ? 
_reflns.limit_h_min                  ? 
_reflns.limit_k_max                  ? 
_reflns.limit_k_min                  ? 
_reflns.limit_l_max                  ? 
_reflns.limit_l_min                  ? 
_reflns.observed_criterion_F_max     ? 
_reflns.observed_criterion_F_min     ? 
_reflns.pdbx_chi_squared             ? 
_reflns.pdbx_scaling_rejects         ? 
_reflns.pdbx_ordinal                 1 
_reflns.pdbx_diffrn_id               1 
# 
_reflns_shell.d_res_high             1.66 
_reflns_shell.d_res_low              ? 
_reflns_shell.percent_possible_all   ? 
_reflns_shell.Rmerge_I_obs           ? 
_reflns_shell.pdbx_Rsym_value        ? 
_reflns_shell.meanI_over_sigI_obs    ? 
_reflns_shell.pdbx_redundancy        ? 
_reflns_shell.percent_possible_obs   ? 
_reflns_shell.number_unique_all      ? 
_reflns_shell.number_measured_all    ? 
_reflns_shell.number_measured_obs    ? 
_reflns_shell.number_unique_obs      ? 
_reflns_shell.pdbx_chi_squared       ? 
_reflns_shell.pdbx_ordinal           1 
_reflns_shell.pdbx_diffrn_id         1 
# 
_refine.entry_id                                 4H60 
_refine.ls_number_reflns_obs                     10882 
_refine.ls_number_reflns_all                     11447 
_refine.pdbx_ls_sigma_I                          ? 
_refine.pdbx_ls_sigma_F                          0.0 
_refine.pdbx_data_cutoff_high_absF               861015.34 
_refine.pdbx_data_cutoff_low_absF                0.0 
_refine.pdbx_data_cutoff_high_rms_absF           ? 
_refine.ls_d_res_low                             22.24 
_refine.ls_d_res_high                            1.66 
_refine.ls_percent_reflns_obs                    95.0 
_refine.ls_R_factor_obs                          0.218 
_refine.ls_R_factor_all                          ? 
_refine.ls_R_factor_R_work                       0.218 
_refine.ls_R_factor_R_free                       0.246 
_refine.ls_R_factor_R_free_error                 0.010 
_refine.ls_R_factor_R_free_error_details         ? 
_refine.ls_percent_reflns_R_free                 5.0 
_refine.ls_number_reflns_R_free                  548 
_refine.ls_number_parameters                     ? 
_refine.ls_number_restraints                     ? 
_refine.occupancy_min                            ? 
_refine.occupancy_max                            ? 
_refine.correlation_coeff_Fo_to_Fc               ? 
_refine.correlation_coeff_Fo_to_Fc_free          ? 
_refine.B_iso_mean                               20.3 
_refine.aniso_B[1][1]                            0.96 
_refine.aniso_B[2][2]                            -1.96 
_refine.aniso_B[3][3]                            1.00 
_refine.aniso_B[1][2]                            0.00 
_refine.aniso_B[1][3]                            -2.63 
_refine.aniso_B[2][3]                            0.00 
_refine.solvent_model_details                    'FLAT MODEL' 
_refine.solvent_model_param_ksol                 0.4 
_refine.solvent_model_param_bsol                 44.7319 
_refine.pdbx_solvent_vdw_probe_radii             ? 
_refine.pdbx_solvent_ion_probe_radii             ? 
_refine.pdbx_solvent_shrinkage_radii             ? 
_refine.pdbx_ls_cross_valid_method               THROUGHOUT 
_refine.details                                  'BULK SOLVENT MODEL USED' 
_refine.pdbx_starting_model                      'PDB ENTRY 3TO5' 
_refine.pdbx_method_to_determine_struct          'MOLECULAR REPLACEMENT' 
_refine.pdbx_isotropic_thermal_model             RESTRAINED 
_refine.pdbx_stereochemistry_target_values       'Engh & Huber' 
_refine.pdbx_stereochem_target_val_spec_case     ? 
_refine.pdbx_R_Free_selection_details            RANDOM 
_refine.pdbx_overall_ESU_R                       ? 
_refine.pdbx_overall_ESU_R_Free                  ? 
_refine.overall_SU_ML                            ? 
_refine.pdbx_overall_phase_error                 ? 
_refine.overall_SU_B                             ? 
_refine.overall_SU_R_Cruickshank_DPI             ? 
_refine.ls_redundancy_reflns_obs                 ? 
_refine.B_iso_min                                ? 
_refine.B_iso_max                                ? 
_refine.overall_SU_R_free                        ? 
_refine.ls_wR_factor_R_free                      ? 
_refine.ls_wR_factor_R_work                      ? 
_refine.overall_FOM_free_R_set                   ? 
_refine.overall_FOM_work_R_set                   ? 
_refine.pdbx_diffrn_id                           1 
_refine.pdbx_refine_id                           'X-RAY DIFFRACTION' 
_refine.pdbx_TLS_residual_ADP_flag               ? 
_refine.pdbx_overall_SU_R_free_Cruickshank_DPI   ? 
_refine.pdbx_overall_SU_R_Blow_DPI               ? 
_refine.pdbx_overall_SU_R_free_Blow_DPI          ? 
# 
_refine_analyze.entry_id                        4H60 
_refine_analyze.Luzzati_coordinate_error_obs    0.22 
_refine_analyze.Luzzati_sigma_a_obs             0.19 
_refine_analyze.Luzzati_d_res_low_obs           5.00 
_refine_analyze.Luzzati_coordinate_error_free   0.24 
_refine_analyze.Luzzati_sigma_a_free            0.18 
_refine_analyze.Luzzati_d_res_low_free          ? 
_refine_analyze.number_disordered_residues      ? 
_refine_analyze.occupancy_sum_hydrogen          ? 
_refine_analyze.occupancy_sum_non_hydrogen      ? 
_refine_analyze.pdbx_Luzzati_d_res_high_obs     ? 
_refine_analyze.pdbx_refine_id                  'X-RAY DIFFRACTION' 
# 
_refine_hist.pdbx_refine_id                   'X-RAY DIFFRACTION' 
_refine_hist.cycle_id                         LAST 
_refine_hist.pdbx_number_atoms_protein        930 
_refine_hist.pdbx_number_atoms_nucleic_acid   0 
_refine_hist.pdbx_number_atoms_ligand         6 
_refine_hist.number_atoms_solvent             113 
_refine_hist.number_atoms_total               1049 
_refine_hist.d_res_high                       1.66 
_refine_hist.d_res_low                        22.24 
# 
loop_
_refine_ls_restr.type 
_refine_ls_restr.dev_ideal 
_refine_ls_restr.dev_ideal_target 
_refine_ls_restr.weight 
_refine_ls_restr.number 
_refine_ls_restr.pdbx_restraint_function 
_refine_ls_restr.pdbx_refine_id 
c_bond_d           0.021 ?    ? ? ? 'X-RAY DIFFRACTION' 
c_angle_deg        1.5   ?    ? ? ? 'X-RAY DIFFRACTION' 
c_dihedral_angle_d 23.2  ?    ? ? ? 'X-RAY DIFFRACTION' 
c_improper_angle_d 1.23  ?    ? ? ? 'X-RAY DIFFRACTION' 
c_mcbond_it        2.02  1.50 ? ? ? 'X-RAY DIFFRACTION' 
c_mcangle_it       3.15  2.00 ? ? ? 'X-RAY DIFFRACTION' 
c_scbond_it        4.94  2.00 ? ? ? 'X-RAY DIFFRACTION' 
c_scangle_it       7.50  2.50 ? ? ? 'X-RAY DIFFRACTION' 
# 
_refine_ls_shell.pdbx_total_number_of_bins_used   6 
_refine_ls_shell.d_res_high                       1.66 
_refine_ls_shell.d_res_low                        1.76 
_refine_ls_shell.number_reflns_R_work             1647 
_refine_ls_shell.R_factor_R_work                  0.392 
_refine_ls_shell.percent_reflns_obs               93.1 
_refine_ls_shell.R_factor_R_free                  0.322 
_refine_ls_shell.R_factor_R_free_error            0.032 
_refine_ls_shell.percent_reflns_R_free            5.7 
_refine_ls_shell.number_reflns_R_free             100 
_refine_ls_shell.number_reflns_all                ? 
_refine_ls_shell.R_factor_all                     ? 
_refine_ls_shell.number_reflns_obs                ? 
_refine_ls_shell.redundancy_reflns_obs            ? 
_refine_ls_shell.pdbx_refine_id                   'X-RAY DIFFRACTION' 
# 
loop_
_pdbx_xplor_file.serial_no 
_pdbx_xplor_file.param_file 
_pdbx_xplor_file.topol_file 
_pdbx_xplor_file.pdbx_refine_id 
1 protein_rep.param protein.top 'X-RAY DIFFRACTION' 
2 water_rep.param   water.top   'X-RAY DIFFRACTION' 
3 ion.param         ion.top     'X-RAY DIFFRACTION' 
4 cis_peptide.param ?           'X-RAY DIFFRACTION' 
# 
_struct.entry_id                  4H60 
_struct.title                     
'High resolution structure of Vibrio cholerae chemotaxis protein CheY4 crystallized in low pH (4.0) condition' 
_struct.pdbx_model_details        ? 
_struct.pdbx_CASP_flag            ? 
_struct.pdbx_model_type_details   ? 
# 
_struct_keywords.entry_id        4H60 
_struct_keywords.pdbx_keywords   'SIGNALING PROTEIN' 
_struct_keywords.text            'Rossmann Fold, response regulator, chemotaxis, SIGNALING PROTEIN' 
# 
loop_
_struct_asym.id 
_struct_asym.pdbx_blank_PDB_chainid_flag 
_struct_asym.pdbx_modified 
_struct_asym.entity_id 
_struct_asym.details 
A N N 1 ? 
B N N 2 ? 
C N N 3 ? 
D N N 4 ? 
# 
_struct_biol.id        1 
_struct_biol.details   ? 
# 
loop_
_struct_conf.conf_type_id 
_struct_conf.id 
_struct_conf.pdbx_PDB_helix_id 
_struct_conf.beg_label_comp_id 
_struct_conf.beg_label_asym_id 
_struct_conf.beg_label_seq_id 
_struct_conf.pdbx_beg_PDB_ins_code 
_struct_conf.end_label_comp_id 
_struct_conf.end_label_asym_id 
_struct_conf.end_label_seq_id 
_struct_conf.pdbx_end_PDB_ins_code 
_struct_conf.beg_auth_comp_id 
_struct_conf.beg_auth_asym_id 
_struct_conf.beg_auth_seq_id 
_struct_conf.end_auth_comp_id 
_struct_conf.end_auth_asym_id 
_struct_conf.end_auth_seq_id 
_struct_conf.pdbx_PDB_helix_class 
_struct_conf.details 
_struct_conf.pdbx_PDB_helix_length 
HELX_P HELX_P1 1 SER A 11  ? GLY A 26  ? SER A 10  GLY A 25  1 ? 16 
HELX_P HELX_P2 2 ASP A 34  ? ALA A 45  ? ASP A 33  ALA A 44  1 ? 12 
HELX_P HELX_P3 3 THR A 60  ? ARG A 69  ? THR A 59  ARG A 68  1 ? 10 
HELX_P HELX_P4 4 MET A 70  ? LYS A 75  ? MET A 69  LYS A 74  5 ? 6  
HELX_P HELX_P5 5 SER A 87  ? GLY A 98  ? SER A 86  GLY A 97  1 ? 12 
HELX_P HELX_P6 6 ASN A 108 ? LEU A 120 ? ASN A 107 LEU A 119 1 ? 13 
# 
_struct_conf_type.id          HELX_P 
_struct_conf_type.criteria    ? 
_struct_conf_type.reference   ? 
# 
loop_
_struct_conn.id 
_struct_conn.conn_type_id 
_struct_conn.pdbx_leaving_atom_flag 
_struct_conn.pdbx_PDB_id 
_struct_conn.ptnr1_label_asym_id 
_struct_conn.ptnr1_label_comp_id 
_struct_conn.ptnr1_label_seq_id 
_struct_conn.ptnr1_label_atom_id 
_struct_conn.pdbx_ptnr1_label_alt_id 
_struct_conn.pdbx_ptnr1_PDB_ins_code 
_struct_conn.pdbx_ptnr1_standard_comp_id 
_struct_conn.ptnr1_symmetry 
_struct_conn.ptnr2_label_asym_id 
_struct_conn.ptnr2_label_comp_id 
_struct_conn.ptnr2_label_seq_id 
_struct_conn.ptnr2_label_atom_id 
_struct_conn.pdbx_ptnr2_label_alt_id 
_struct_conn.pdbx_ptnr2_PDB_ins_code 
_struct_conn.ptnr1_auth_asym_id 
_struct_conn.ptnr1_auth_comp_id 
_struct_conn.ptnr1_auth_seq_id 
_struct_conn.ptnr2_auth_asym_id 
_struct_conn.ptnr2_auth_comp_id 
_struct_conn.ptnr2_auth_seq_id 
_struct_conn.ptnr2_symmetry 
_struct_conn.pdbx_ptnr3_label_atom_id 
_struct_conn.pdbx_ptnr3_label_seq_id 
_struct_conn.pdbx_ptnr3_label_comp_id 
_struct_conn.pdbx_ptnr3_label_asym_id 
_struct_conn.pdbx_ptnr3_label_alt_id 
_struct_conn.pdbx_ptnr3_PDB_ins_code 
_struct_conn.details 
_struct_conn.pdbx_dist_value 
_struct_conn.pdbx_value_order 
_struct_conn.pdbx_role 
metalc1 metalc ? ? A ASP 10 OD1 ? ? ? 1_555 B CA  . CA ? ? A ASP 9   A CA  201 1_555 ? ? ? ? ? ? ? 2.619 ? ? 
metalc2 metalc ? ? A ASP 53 OD2 ? ? ? 1_555 B CA  . CA ? ? A ASP 52  A CA  201 1_555 ? ? ? ? ? ? ? 2.247 ? ? 
metalc3 metalc ? ? A ASN 55 O   ? ? ? 1_555 B CA  . CA ? ? A ASN 54  A CA  201 1_555 ? ? ? ? ? ? ? 2.251 ? ? 
metalc4 metalc ? ? B CA  .  CA  ? ? ? 1_555 D HOH . O  ? ? A CA  201 A HOH 368 1_555 ? ? ? ? ? ? ? 2.331 ? ? 
# 
_struct_conn_type.id          metalc 
_struct_conn_type.criteria    ? 
_struct_conn_type.reference   ? 
# 
_struct_mon_prot_cis.pdbx_id                1 
_struct_mon_prot_cis.label_comp_id          LYS 
_struct_mon_prot_cis.label_seq_id           105 
_struct_mon_prot_cis.label_asym_id          A 
_struct_mon_prot_cis.label_alt_id           . 
_struct_mon_prot_cis.pdbx_PDB_ins_code      ? 
_struct_mon_prot_cis.auth_comp_id           LYS 
_struct_mon_prot_cis.auth_seq_id            104 
_struct_mon_prot_cis.auth_asym_id           A 
_struct_mon_prot_cis.pdbx_label_comp_id_2   PRO 
_struct_mon_prot_cis.pdbx_label_seq_id_2    106 
_struct_mon_prot_cis.pdbx_label_asym_id_2   A 
_struct_mon_prot_cis.pdbx_PDB_ins_code_2    ? 
_struct_mon_prot_cis.pdbx_auth_comp_id_2    PRO 
_struct_mon_prot_cis.pdbx_auth_seq_id_2     105 
_struct_mon_prot_cis.pdbx_auth_asym_id_2    A 
_struct_mon_prot_cis.pdbx_PDB_model_num     1 
_struct_mon_prot_cis.pdbx_omega_angle       -1.52 
# 
_struct_sheet.id               A 
_struct_sheet.type             ? 
_struct_sheet.number_strands   5 
_struct_sheet.details          ? 
# 
loop_
_struct_sheet_order.sheet_id 
_struct_sheet_order.range_id_1 
_struct_sheet_order.range_id_2 
_struct_sheet_order.offset 
_struct_sheet_order.sense 
A 1 2 ? parallel 
A 2 3 ? parallel 
A 3 4 ? parallel 
A 4 5 ? parallel 
# 
loop_
_struct_sheet_range.sheet_id 
_struct_sheet_range.id 
_struct_sheet_range.beg_label_comp_id 
_struct_sheet_range.beg_label_asym_id 
_struct_sheet_range.beg_label_seq_id 
_struct_sheet_range.pdbx_beg_PDB_ins_code 
_struct_sheet_range.end_label_comp_id 
_struct_sheet_range.end_label_asym_id 
_struct_sheet_range.end_label_seq_id 
_struct_sheet_range.pdbx_end_PDB_ins_code 
_struct_sheet_range.beg_auth_comp_id 
_struct_sheet_range.beg_auth_asym_id 
_struct_sheet_range.beg_auth_seq_id 
_struct_sheet_range.end_auth_comp_id 
_struct_sheet_range.end_auth_asym_id 
_struct_sheet_range.end_auth_seq_id 
A 1 GLU A 28  ? ALA A 32  ? GLU A 27  ALA A 31  
A 2 LYS A 4   ? VAL A 8   ? LYS A 3   VAL A 7   
A 3 VAL A 49  ? ASP A 53  ? VAL A 48  ASP A 52  
A 4 ILE A 79  ? THR A 83  ? ILE A 78  THR A 82  
A 5 GLY A 101 ? VAL A 104 ? GLY A 100 VAL A 103 
# 
loop_
_pdbx_struct_sheet_hbond.sheet_id 
_pdbx_struct_sheet_hbond.range_id_1 
_pdbx_struct_sheet_hbond.range_id_2 
_pdbx_struct_sheet_hbond.range_1_label_atom_id 
_pdbx_struct_sheet_hbond.range_1_label_comp_id 
_pdbx_struct_sheet_hbond.range_1_label_asym_id 
_pdbx_struct_sheet_hbond.range_1_label_seq_id 
_pdbx_struct_sheet_hbond.range_1_PDB_ins_code 
_pdbx_struct_sheet_hbond.range_1_auth_atom_id 
_pdbx_struct_sheet_hbond.range_1_auth_comp_id 
_pdbx_struct_sheet_hbond.range_1_auth_asym_id 
_pdbx_struct_sheet_hbond.range_1_auth_seq_id 
_pdbx_struct_sheet_hbond.range_2_label_atom_id 
_pdbx_struct_sheet_hbond.range_2_label_comp_id 
_pdbx_struct_sheet_hbond.range_2_label_asym_id 
_pdbx_struct_sheet_hbond.range_2_label_seq_id 
_pdbx_struct_sheet_hbond.range_2_PDB_ins_code 
_pdbx_struct_sheet_hbond.range_2_auth_atom_id 
_pdbx_struct_sheet_hbond.range_2_auth_comp_id 
_pdbx_struct_sheet_hbond.range_2_auth_asym_id 
_pdbx_struct_sheet_hbond.range_2_auth_seq_id 
A 1 2 O GLU A 28 ? O GLU A 27 N VAL A 5   ? N VAL A 4   
A 2 3 N VAL A 8  ? N VAL A 7  O ILE A 51  ? O ILE A 50  
A 3 4 N SER A 52 ? N SER A 51 O LEU A 80  ? O LEU A 79  
A 4 5 N MET A 81 ? N MET A 80 O GLY A 101 ? O GLY A 100 
# 
loop_
_struct_site.id 
_struct_site.pdbx_evidence_code 
_struct_site.pdbx_auth_asym_id 
_struct_site.pdbx_auth_comp_id 
_struct_site.pdbx_auth_seq_id 
_struct_site.pdbx_auth_ins_code 
_struct_site.pdbx_num_residues 
_struct_site.details 
AC1 Software A CA  201 ? 5 'BINDING SITE FOR RESIDUE CA A 201'  
AC2 Software A SO4 202 ? 8 'BINDING SITE FOR RESIDUE SO4 A 202' 
# 
loop_
_struct_site_gen.id 
_struct_site_gen.site_id 
_struct_site_gen.pdbx_num_res 
_struct_site_gen.label_comp_id 
_struct_site_gen.label_asym_id 
_struct_site_gen.label_seq_id 
_struct_site_gen.pdbx_auth_ins_code 
_struct_site_gen.auth_comp_id 
_struct_site_gen.auth_asym_id 
_struct_site_gen.auth_seq_id 
_struct_site_gen.label_atom_id 
_struct_site_gen.label_alt_id 
_struct_site_gen.symmetry 
_struct_site_gen.details 
1  AC1 5 ASP A 10  ? ASP A 9   . ? 1_555 ? 
2  AC1 5 ASP A 53  ? ASP A 52  . ? 1_555 ? 
3  AC1 5 ASN A 55  ? ASN A 54  . ? 1_555 ? 
4  AC1 5 SO4 C .   ? SO4 A 202 . ? 1_555 ? 
5  AC1 5 HOH D .   ? HOH A 368 . ? 1_555 ? 
6  AC2 8 ASP A 53  ? ASP A 52  . ? 1_555 ? 
7  AC2 8 VAL A 54  ? VAL A 53  . ? 1_555 ? 
8  AC2 8 ASN A 55  ? ASN A 54  . ? 1_555 ? 
9  AC2 8 THR A 83  ? THR A 82  . ? 1_555 ? 
10 AC2 8 THR A 84  ? THR A 83  . ? 1_555 ? 
11 AC2 8 LYS A 105 ? LYS A 104 . ? 1_555 ? 
12 AC2 8 CA  B .   ? CA  A 201 . ? 1_555 ? 
13 AC2 8 HOH D .   ? HOH A 392 . ? 1_555 ? 
# 
_atom_sites.entry_id                    4H60 
_atom_sites.fract_transf_matrix[1][1]   -0.00629394 
_atom_sites.fract_transf_matrix[1][2]   -0.00675375 
_atom_sites.fract_transf_matrix[1][3]   -0.00513480 
_atom_sites.fract_transf_matrix[2][1]   0.01823358 
_atom_sites.fract_transf_matrix[2][2]   -0.02462544 
_atom_sites.fract_transf_matrix[2][3]   0.01003992 
_atom_sites.fract_transf_matrix[3][1]   -0.01952351 
_atom_sites.fract_transf_matrix[3][2]   -0.00498518 
_atom_sites.fract_transf_matrix[3][3]   0.02322939 
_atom_sites.fract_transf_vector[1]      -0.135274 
_atom_sites.fract_transf_vector[2]      -0.422568 
_atom_sites.fract_transf_vector[3]      -0.135993 
# 
loop_
_atom_type.symbol 
C  
CA 
N  
O  
S  
# 
loop_
_atom_site.group_PDB 
_atom_site.id 
_atom_site.type_symbol 
_atom_site.label_atom_id 
_atom_site.label_alt_id 
_atom_site.label_comp_id 
_atom_site.label_asym_id 
_atom_site.label_entity_id 
_atom_site.label_seq_id 
_atom_site.pdbx_PDB_ins_code 
_atom_site.Cartn_x 
_atom_site.Cartn_y 
_atom_site.Cartn_z 
_atom_site.occupancy 
_atom_site.B_iso_or_equiv 
_atom_site.pdbx_formal_charge 
_atom_site.auth_seq_id 
_atom_site.auth_comp_id 
_atom_site.auth_asym_id 
_atom_site.auth_atom_id 
_atom_site.pdbx_PDB_model_num 
ATOM   1    N  N   . ALA A 1 1   ? -1.945  -17.605 10.372  1.00 39.98 ? -1  ALA A N   1 
ATOM   2    C  CA  . ALA A 1 1   ? -1.220  -16.392 10.851  1.00 39.98 ? -1  ALA A CA  1 
ATOM   3    C  C   . ALA A 1 1   ? -0.461  -15.725 9.706   1.00 39.98 ? -1  ALA A C   1 
ATOM   4    O  O   . ALA A 1 1   ? 0.626   -15.179 9.910   1.00 39.98 ? -1  ALA A O   1 
ATOM   5    C  CB  . ALA A 1 1   ? -0.250  -16.766 11.964  1.00 45.00 ? -1  ALA A CB  1 
ATOM   6    N  N   . MET A 1 2   ? -1.021  -15.774 8.499   1.00 20.62 ? 1   MET A N   1 
ATOM   7    C  CA  . MET A 1 2   ? -0.348  -15.144 7.375   1.00 19.36 ? 1   MET A CA  1 
ATOM   8    C  C   . MET A 1 2   ? -0.485  -13.629 7.463   1.00 16.69 ? 1   MET A C   1 
ATOM   9    O  O   . MET A 1 2   ? -1.512  -13.107 7.905   1.00 14.23 ? 1   MET A O   1 
ATOM   10   C  CB  . MET A 1 2   ? -0.891  -15.673 6.040   1.00 26.37 ? 1   MET A CB  1 
ATOM   11   C  CG  . MET A 1 2   ? -2.348  -16.100 6.033   1.00 30.13 ? 1   MET A CG  1 
ATOM   12   S  SD  . MET A 1 2   ? -2.816  -17.004 4.518   1.00 36.79 ? 1   MET A SD  1 
ATOM   13   C  CE  . MET A 1 2   ? -1.559  -16.471 3.368   1.00 28.83 ? 1   MET A CE  1 
ATOM   14   N  N   . ALA A 1 3   ? 0.577   -12.932 7.076   1.00 11.68 ? 2   ALA A N   1 
ATOM   15   C  CA  . ALA A 1 3   ? 0.599   -11.480 7.095   1.00 11.22 ? 2   ALA A CA  1 
ATOM   16   C  C   . ALA A 1 3   ? -0.466  -10.995 6.129   1.00 9.11  ? 2   ALA A C   1 
ATOM   17   O  O   . ALA A 1 3   ? -0.590  -11.509 5.016   1.00 11.36 ? 2   ALA A O   1 
ATOM   18   C  CB  . ALA A 1 3   ? 1.969   -10.970 6.682   1.00 9.69  ? 2   ALA A CB  1 
ATOM   19   N  N   . LYS A 1 4   ? -1.242  -10.014 6.569   1.00 10.38 ? 3   LYS A N   1 
ATOM   20   C  CA  . LYS A 1 4   ? -2.320  -9.488  5.762   1.00 8.51  ? 3   LYS A CA  1 
ATOM   21   C  C   . LYS A 1 4   ? -1.913  -8.200  5.084   1.00 9.33  ? 3   LYS A C   1 
ATOM   22   O  O   . LYS A 1 4   ? -1.487  -7.243  5.734   1.00 9.53  ? 3   LYS A O   1 
ATOM   23   C  CB  . LYS A 1 4   ? -3.556  -9.268  6.635   1.00 16.75 ? 3   LYS A CB  1 
ATOM   24   C  CG  . LYS A 1 4   ? -4.082  -10.556 7.263   1.00 26.73 ? 3   LYS A CG  1 
ATOM   25   C  CD  . LYS A 1 4   ? -5.276  -10.312 8.173   1.00 26.73 ? 3   LYS A CD  1 
ATOM   26   C  CE  . LYS A 1 4   ? -6.463  -9.762  7.411   1.00 26.73 ? 3   LYS A CE  1 
ATOM   27   N  NZ  . LYS A 1 4   ? -7.657  -9.597  8.294   1.00 26.73 ? 3   LYS A NZ  1 
ATOM   28   N  N   . VAL A 1 5   ? -2.055  -8.193  3.765   1.00 8.13  ? 4   VAL A N   1 
ATOM   29   C  CA  . VAL A 1 5   ? -1.697  -7.041  2.964   1.00 7.23  ? 4   VAL A CA  1 
ATOM   30   C  C   . VAL A 1 5   ? -2.901  -6.442  2.281   1.00 8.55  ? 4   VAL A C   1 
ATOM   31   O  O   . VAL A 1 5   ? -3.760  -7.154  1.752   1.00 7.34  ? 4   VAL A O   1 
ATOM   32   C  CB  . VAL A 1 5   ? -0.691  -7.419  1.859   1.00 6.24  ? 4   VAL A CB  1 
ATOM   33   C  CG1 . VAL A 1 5   ? -0.324  -6.192  1.029   1.00 8.72  ? 4   VAL A CG1 1 
ATOM   34   C  CG2 . VAL A 1 5   ? 0.558   -8.017  2.482   1.00 11.23 ? 4   VAL A CG2 1 
ATOM   35   N  N   . LEU A 1 6   ? -2.956  -5.119  2.304   1.00 6.54  ? 5   LEU A N   1 
ATOM   36   C  CA  . LEU A 1 6   ? -4.009  -4.408  1.615   1.00 9.41  ? 5   LEU A CA  1 
ATOM   37   C  C   . LEU A 1 6   ? -3.266  -3.614  0.553   1.00 9.05  ? 5   LEU A C   1 
ATOM   38   O  O   . LEU A 1 6   ? -2.437  -2.775  0.877   1.00 10.69 ? 5   LEU A O   1 
ATOM   39   C  CB  . LEU A 1 6   ? -4.753  -3.466  2.562   1.00 11.66 ? 5   LEU A CB  1 
ATOM   40   C  CG  . LEU A 1 6   ? -5.782  -2.575  1.865   1.00 12.13 ? 5   LEU A CG  1 
ATOM   41   C  CD1 . LEU A 1 6   ? -6.861  -3.425  1.181   1.00 10.71 ? 5   LEU A CD1 1 
ATOM   42   C  CD2 . LEU A 1 6   ? -6.390  -1.640  2.890   1.00 11.65 ? 5   LEU A CD2 1 
ATOM   43   N  N   . ALA A 1 7   ? -3.541  -3.907  -0.711  1.00 8.07  ? 6   ALA A N   1 
ATOM   44   C  CA  . ALA A 1 7   ? -2.894  -3.210  -1.817  1.00 7.19  ? 6   ALA A CA  1 
ATOM   45   C  C   . ALA A 1 7   ? -3.936  -2.345  -2.491  1.00 6.65  ? 6   ALA A C   1 
ATOM   46   O  O   . ALA A 1 7   ? -4.982  -2.830  -2.924  1.00 7.57  ? 6   ALA A O   1 
ATOM   47   C  CB  . ALA A 1 7   ? -2.314  -4.201  -2.806  1.00 9.24  ? 6   ALA A CB  1 
ATOM   48   N  N   . VAL A 1 8   ? -3.634  -1.058  -2.582  1.00 5.13  ? 7   VAL A N   1 
ATOM   49   C  CA  . VAL A 1 8   ? -4.555  -0.102  -3.167  1.00 6.50  ? 7   VAL A CA  1 
ATOM   50   C  C   . VAL A 1 8   ? -3.975  0.490   -4.443  1.00 5.72  ? 7   VAL A C   1 
ATOM   51   O  O   . VAL A 1 8   ? -2.916  1.111   -4.428  1.00 7.45  ? 7   VAL A O   1 
ATOM   52   C  CB  . VAL A 1 8   ? -4.847  1.037   -2.168  1.00 8.29  ? 7   VAL A CB  1 
ATOM   53   C  CG1 . VAL A 1 8   ? -6.049  1.835   -2.627  1.00 8.49  ? 7   VAL A CG1 1 
ATOM   54   C  CG2 . VAL A 1 8   ? -5.095  0.463   -0.775  1.00 11.45 ? 7   VAL A CG2 1 
ATOM   55   N  N   . ASP A 1 9   ? -4.688  0.291   -5.545  1.00 8.45  ? 8   ASP A N   1 
ATOM   56   C  CA  . ASP A 1 9   ? -4.263  0.803   -6.841  1.00 11.55 ? 8   ASP A CA  1 
ATOM   57   C  C   . ASP A 1 9   ? -5.464  0.653   -7.759  1.00 12.84 ? 8   ASP A C   1 
ATOM   58   O  O   . ASP A 1 9   ? -6.131  -0.374  -7.741  1.00 11.50 ? 8   ASP A O   1 
ATOM   59   C  CB  . ASP A 1 9   ? -3.079  -0.010  -7.374  1.00 12.82 ? 8   ASP A CB  1 
ATOM   60   C  CG  . ASP A 1 9   ? -2.366  0.679   -8.529  1.00 15.34 ? 8   ASP A CG  1 
ATOM   61   O  OD1 . ASP A 1 9   ? -3.031  0.997   -9.533  1.00 13.57 ? 8   ASP A OD1 1 
ATOM   62   O  OD2 . ASP A 1 9   ? -1.139  0.897   -8.434  1.00 14.57 ? 8   ASP A OD2 1 
ATOM   63   N  N   . ASP A 1 10  ? -5.747  1.682   -8.552  1.00 12.46 ? 9   ASP A N   1 
ATOM   64   C  CA  . ASP A 1 10  ? -6.885  1.634   -9.457  1.00 13.20 ? 9   ASP A CA  1 
ATOM   65   C  C   . ASP A 1 10  ? -6.635  0.692   -10.629 1.00 12.36 ? 9   ASP A C   1 
ATOM   66   O  O   . ASP A 1 10  ? -7.575  0.204   -11.248 1.00 8.90  ? 9   ASP A O   1 
ATOM   67   C  CB  . ASP A 1 10  ? -7.196  3.033   -9.989  1.00 17.64 ? 9   ASP A CB  1 
ATOM   68   C  CG  . ASP A 1 10  ? -6.011  3.664   -10.677 1.00 20.72 ? 9   ASP A CG  1 
ATOM   69   O  OD1 . ASP A 1 10  ? -4.969  3.848   -10.014 1.00 23.89 ? 9   ASP A OD1 1 
ATOM   70   O  OD2 . ASP A 1 10  ? -6.120  3.979   -11.880 1.00 23.10 ? 9   ASP A OD2 1 
ATOM   71   N  N   . SER A 1 11  ? -5.367  0.437   -10.924 1.00 10.78 ? 10  SER A N   1 
ATOM   72   C  CA  . SER A 1 11  ? -5.018  -0.435  -12.036 1.00 11.35 ? 10  SER A CA  1 
ATOM   73   C  C   . SER A 1 11  ? -5.380  -1.886  -11.765 1.00 11.00 ? 10  SER A C   1 
ATOM   74   O  O   . SER A 1 11  ? -4.959  -2.453  -10.759 1.00 10.69 ? 10  SER A O   1 
ATOM   75   C  CB  . SER A 1 11  ? -3.524  -0.341  -12.329 1.00 13.25 ? 10  SER A CB  1 
ATOM   76   O  OG  . SER A 1 11  ? -3.141  -1.334  -13.263 1.00 12.87 ? 10  SER A OG  1 
ATOM   77   N  N   . ILE A 1 12  ? -6.167  -2.480  -12.658 1.00 11.84 ? 11  ILE A N   1 
ATOM   78   C  CA  . ILE A 1 12  ? -6.556  -3.879  -12.514 1.00 11.19 ? 11  ILE A CA  1 
ATOM   79   C  C   . ILE A 1 12  ? -5.287  -4.699  -12.626 1.00 12.11 ? 11  ILE A C   1 
ATOM   80   O  O   . ILE A 1 12  ? -5.052  -5.615  -11.841 1.00 10.79 ? 11  ILE A O   1 
ATOM   81   C  CB  . ILE A 1 12  ? -7.536  -4.323  -13.638 1.00 8.94  ? 11  ILE A CB  1 
ATOM   82   C  CG1 . ILE A 1 12  ? -8.934  -3.746  -13.379 1.00 10.14 ? 11  ILE A CG1 1 
ATOM   83   C  CG2 . ILE A 1 12  ? -7.592  -5.848  -13.722 1.00 9.98  ? 11  ILE A CG2 1 
ATOM   84   C  CD1 . ILE A 1 12  ? -9.661  -4.365  -12.194 1.00 15.93 ? 11  ILE A CD1 1 
ATOM   85   N  N   . SER A 1 13  ? -4.463  -4.356  -13.610 1.00 9.97  ? 12  SER A N   1 
ATOM   86   C  CA  . SER A 1 13  ? -3.214  -5.070  -13.830 1.00 12.25 ? 12  SER A CA  1 
ATOM   87   C  C   . SER A 1 13  ? -2.308  -5.047  -12.606 1.00 10.28 ? 12  SER A C   1 
ATOM   88   O  O   . SER A 1 13  ? -1.788  -6.084  -12.203 1.00 9.50  ? 12  SER A O   1 
ATOM   89   C  CB  . SER A 1 13  ? -2.460  -4.483  -15.023 1.00 16.70 ? 12  SER A CB  1 
ATOM   90   O  OG  . SER A 1 13  ? -3.189  -4.673  -16.223 1.00 20.41 ? 12  SER A OG  1 
ATOM   91   N  N   . ILE A 1 14  ? -2.113  -3.868  -12.020 1.00 10.47 ? 13  ILE A N   1 
ATOM   92   C  CA  . ILE A 1 14  ? -1.260  -3.745  -10.847 1.00 9.96  ? 13  ILE A CA  1 
ATOM   93   C  C   . ILE A 1 14  ? -1.855  -4.519  -9.679  1.00 10.26 ? 13  ILE A C   1 
ATOM   94   O  O   . ILE A 1 14  ? -1.147  -5.232  -8.975  1.00 8.47  ? 13  ILE A O   1 
ATOM   95   C  CB  . ILE A 1 14  ? -1.070  -2.270  -10.426 1.00 11.87 ? 13  ILE A CB  1 
ATOM   96   C  CG1 . ILE A 1 14  ? -0.288  -1.516  -11.508 1.00 13.58 ? 13  ILE A CG1 1 
ATOM   97   C  CG2 . ILE A 1 14  ? -0.314  -2.205  -9.105  1.00 11.37 ? 13  ILE A CG2 1 
ATOM   98   C  CD1 . ILE A 1 14  ? 1.111   -2.059  -11.762 1.00 15.87 ? 13  ILE A CD1 1 
ATOM   99   N  N   . ARG A 1 15  ? -3.159  -4.379  -9.474  1.00 10.31 ? 14  ARG A N   1 
ATOM   100  C  CA  . ARG A 1 15  ? -3.800  -5.109  -8.393  1.00 11.43 ? 14  ARG A CA  1 
ATOM   101  C  C   . ARG A 1 15  ? -3.629  -6.619  -8.590  1.00 11.71 ? 14  ARG A C   1 
ATOM   102  O  O   . ARG A 1 15  ? -3.346  -7.338  -7.633  1.00 12.35 ? 14  ARG A O   1 
ATOM   103  C  CB  . ARG A 1 15  ? -5.285  -4.759  -8.318  1.00 15.47 ? 14  ARG A CB  1 
ATOM   104  C  CG  . ARG A 1 15  ? -5.601  -3.592  -7.405  1.00 21.78 ? 14  ARG A CG  1 
ATOM   105  C  CD  . ARG A 1 15  ? -7.084  -3.343  -7.407  1.00 23.19 ? 14  ARG A CD  1 
ATOM   106  N  NE  . ARG A 1 15  ? -7.512  -2.689  -8.636  1.00 26.21 ? 14  ARG A NE  1 
ATOM   107  C  CZ  . ARG A 1 15  ? -8.764  -2.688  -9.075  1.00 25.41 ? 14  ARG A CZ  1 
ATOM   108  N  NH1 . ARG A 1 15  ? -9.704  -3.321  -8.387  1.00 26.39 ? 14  ARG A NH1 1 
ATOM   109  N  NH2 . ARG A 1 15  ? -9.081  -2.032  -10.182 1.00 20.70 ? 14  ARG A NH2 1 
ATOM   110  N  N   . GLN A 1 16  ? -3.784  -7.102  -9.822  1.00 8.75  ? 15  GLN A N   1 
ATOM   111  C  CA  . GLN A 1 16  ? -3.639  -8.537  -10.080 1.00 9.80  ? 15  GLN A CA  1 
ATOM   112  C  C   . GLN A 1 16  ? -2.197  -8.981  -9.877  1.00 9.34  ? 15  GLN A C   1 
ATOM   113  O  O   . GLN A 1 16  ? -1.937  -10.026 -9.283  1.00 8.68  ? 15  GLN A O   1 
ATOM   114  C  CB  . GLN A 1 16  ? -4.086  -8.894  -11.505 1.00 17.22 ? 15  GLN A CB  1 
ATOM   115  C  CG  . GLN A 1 16  ? -4.128  -10.407 -11.781 1.00 20.49 ? 15  GLN A CG  1 
ATOM   116  C  CD  . GLN A 1 16  ? -2.855  -10.941 -12.405 1.00 20.79 ? 15  GLN A CD  1 
ATOM   117  O  OE1 . GLN A 1 16  ? -2.537  -12.124 -12.291 1.00 24.33 ? 15  GLN A OE1 1 
ATOM   118  N  NE2 . GLN A 1 16  ? -2.127  -10.069 -13.092 1.00 14.45 ? 15  GLN A NE2 1 
ATOM   119  N  N   . MET A 1 17  ? -1.258  -8.164  -10.323 1.00 11.87 ? 16  MET A N   1 
ATOM   120  C  CA  . MET A 1 17  ? 0.143   -8.521  -10.215 1.00 12.05 ? 16  MET A CA  1 
ATOM   121  C  C   . MET A 1 17  ? 0.583   -8.572  -8.780  1.00 10.79 ? 16  MET A C   1 
ATOM   122  O  O   . MET A 1 17  ? 1.268   -9.395  -8.440  1.00 10.47 ? 16  MET A O   1 
ATOM   123  C  CB  . MET A 1 17  ? 1.020   -7.581  -10.907 1.00 30.02 ? 16  MET A CB  1 
ATOM   124  C  CG  . MET A 1 17  ? 0.624   -7.370  -12.268 1.00 37.09 ? 16  MET A CG  1 
ATOM   125  S  SD  . MET A 1 17  ? 1.141   -5.824  -12.981 1.00 47.09 ? 16  MET A SD  1 
ATOM   126  C  CE  . MET A 1 17  ? 2.524   -6.411  -13.936 1.00 43.07 ? 16  MET A CE  1 
ATOM   127  N  N   . VAL A 1 18  ? 0.190   -7.548  -8.006  1.00 8.35  ? 17  VAL A N   1 
ATOM   128  C  CA  . VAL A 1 18  ? 0.548   -7.519  -6.592  1.00 8.00  ? 17  VAL A CA  1 
ATOM   129  C  C   . VAL A 1 18  ? -0.147  -8.657  -5.859  1.00 8.22  ? 17  VAL A C   1 
ATOM   130  O  O   . VAL A 1 18  ? 0.484   -9.393  -5.112  1.00 6.82  ? 17  VAL A O   1 
ATOM   131  C  CB  . VAL A 1 18  ? 0.160   -6.166  -5.948  1.00 7.77  ? 17  VAL A CB  1 
ATOM   132  C  CG1 . VAL A 1 18  ? 0.301   -6.238  -4.429  1.00 8.97  ? 17  VAL A CG1 1 
ATOM   133  C  CG2 . VAL A 1 18  ? 1.044   -5.063  -6.509  1.00 11.30 ? 17  VAL A CG2 1 
ATOM   134  N  N   . SER A 1 19  ? -1.449  -8.804  -6.086  1.00 9.47  ? 18  SER A N   1 
ATOM   135  C  CA  . SER A 1 19  ? -2.210  -9.866  -5.436  1.00 8.78  ? 18  SER A CA  1 
ATOM   136  C  C   . SER A 1 19  ? -1.637  -11.238 -5.784  1.00 9.47  ? 18  SER A C   1 
ATOM   137  O  O   . SER A 1 19  ? -1.414  -12.066 -4.905  1.00 8.19  ? 18  SER A O   1 
ATOM   138  C  CB  . SER A 1 19  ? -3.673  -9.812  -5.868  1.00 11.07 ? 18  SER A CB  1 
ATOM   139  O  OG  . SER A 1 19  ? -4.409  -10.869 -5.275  1.00 15.14 ? 18  SER A OG  1 
ATOM   140  N  N   . HIS A 1 20  ? -1.395  -11.471 -7.070  1.00 8.32  ? 19  HIS A N   1 
ATOM   141  C  CA  . HIS A 1 20  ? -0.858  -12.751 -7.518  1.00 9.35  ? 19  HIS A CA  1 
ATOM   142  C  C   . HIS A 1 20  ? 0.535   -13.003 -6.946  1.00 10.30 ? 19  HIS A C   1 
ATOM   143  O  O   . HIS A 1 20  ? 0.794   -14.060 -6.364  1.00 10.94 ? 19  HIS A O   1 
ATOM   144  C  CB  . HIS A 1 20  ? -0.793  -12.789 -9.044  1.00 10.12 ? 19  HIS A CB  1 
ATOM   145  C  CG  . HIS A 1 20  ? -0.221  -14.058 -9.588  1.00 11.29 ? 19  HIS A CG  1 
ATOM   146  N  ND1 . HIS A 1 20  ? -0.837  -15.280 -9.420  1.00 13.85 ? 19  HIS A ND1 1 
ATOM   147  C  CD2 . HIS A 1 20  ? 0.888   -14.292 -10.329 1.00 12.75 ? 19  HIS A CD2 1 
ATOM   148  C  CE1 . HIS A 1 20  ? -0.133  -16.211 -10.041 1.00 13.42 ? 19  HIS A CE1 1 
ATOM   149  N  NE2 . HIS A 1 20  ? 0.917   -15.639 -10.599 1.00 14.88 ? 19  HIS A NE2 1 
ATOM   150  N  N   . THR A 1 21  ? 1.428   -12.031 -7.113  1.00 9.20  ? 20  THR A N   1 
ATOM   151  C  CA  . THR A 1 21  ? 2.793   -12.161 -6.615  1.00 10.16 ? 20  THR A CA  1 
ATOM   152  C  C   . THR A 1 21  ? 2.792   -12.401 -5.111  1.00 10.21 ? 20  THR A C   1 
ATOM   153  O  O   . THR A 1 21  ? 3.423   -13.338 -4.630  1.00 9.44  ? 20  THR A O   1 
ATOM   154  C  CB  . THR A 1 21  ? 3.629   -10.896 -6.909  1.00 11.02 ? 20  THR A CB  1 
ATOM   155  O  OG1 . THR A 1 21  ? 3.792   -10.744 -8.320  1.00 14.41 ? 20  THR A OG1 1 
ATOM   156  C  CG2 . THR A 1 21  ? 5.008   -10.993 -6.257  1.00 11.02 ? 20  THR A CG2 1 
ATOM   157  N  N   . LEU A 1 22  ? 2.066   -11.569 -4.370  1.00 10.09 ? 21  LEU A N   1 
ATOM   158  C  CA  . LEU A 1 22  ? 2.041   -11.712 -2.922  1.00 9.12  ? 21  LEU A CA  1 
ATOM   159  C  C   . LEU A 1 22  ? 1.320   -12.947 -2.403  1.00 9.76  ? 21  LEU A C   1 
ATOM   160  O  O   . LEU A 1 22  ? 1.779   -13.567 -1.450  1.00 7.90  ? 21  LEU A O   1 
ATOM   161  C  CB  . LEU A 1 22  ? 1.465   -10.452 -2.272  1.00 9.70  ? 21  LEU A CB  1 
ATOM   162  C  CG  . LEU A 1 22  ? 2.264   -9.170  -2.525  1.00 9.18  ? 21  LEU A CG  1 
ATOM   163  C  CD1 . LEU A 1 22  ? 1.744   -8.064  -1.605  1.00 9.19  ? 21  LEU A CD1 1 
ATOM   164  C  CD2 . LEU A 1 22  ? 3.752   -9.418  -2.268  1.00 9.16  ? 21  LEU A CD2 1 
ATOM   165  N  N   . GLN A 1 23  ? 0.195   -13.319 -3.007  1.00 10.17 ? 22  GLN A N   1 
ATOM   166  C  CA  . GLN A 1 23  ? -0.490  -14.516 -2.533  1.00 10.40 ? 22  GLN A CA  1 
ATOM   167  C  C   . GLN A 1 23  ? 0.338   -15.748 -2.858  1.00 10.80 ? 22  GLN A C   1 
ATOM   168  O  O   . GLN A 1 23  ? 0.409   -16.678 -2.060  1.00 9.44  ? 22  GLN A O   1 
ATOM   169  C  CB  . GLN A 1 23  ? -1.878  -14.638 -3.154  1.00 10.37 ? 22  GLN A CB  1 
ATOM   170  C  CG  . GLN A 1 23  ? -2.862  -13.694 -2.526  1.00 9.99  ? 22  GLN A CG  1 
ATOM   171  C  CD  . GLN A 1 23  ? -4.272  -13.947 -2.989  1.00 11.78 ? 22  GLN A CD  1 
ATOM   172  O  OE1 . GLN A 1 23  ? -4.825  -15.032 -2.780  1.00 11.17 ? 22  GLN A OE1 1 
ATOM   173  N  NE2 . GLN A 1 23  ? -4.867  -12.946 -3.624  1.00 8.15  ? 22  GLN A NE2 1 
ATOM   174  N  N   . ASP A 1 24  ? 0.967   -15.754 -4.028  1.00 10.95 ? 23  ASP A N   1 
ATOM   175  C  CA  . ASP A 1 24  ? 1.803   -16.890 -4.412  1.00 12.01 ? 23  ASP A CA  1 
ATOM   176  C  C   . ASP A 1 24  ? 2.970   -17.009 -3.445  1.00 12.28 ? 23  ASP A C   1 
ATOM   177  O  O   . ASP A 1 24  ? 3.413   -18.111 -3.128  1.00 13.03 ? 23  ASP A O   1 
ATOM   178  C  CB  . ASP A 1 24  ? 2.321   -16.721 -5.840  1.00 20.96 ? 23  ASP A CB  1 
ATOM   179  C  CG  . ASP A 1 24  ? 1.265   -17.028 -6.881  1.00 24.98 ? 23  ASP A CG  1 
ATOM   180  O  OD1 . ASP A 1 24  ? 0.109   -17.309 -6.496  1.00 22.64 ? 23  ASP A OD1 1 
ATOM   181  O  OD2 . ASP A 1 24  ? 1.594   -16.988 -8.082  1.00 25.45 ? 23  ASP A OD2 1 
ATOM   182  N  N   . ALA A 1 25  ? 3.424   -15.885 -2.946  1.00 11.46 ? 24  ALA A N   1 
ATOM   183  C  CA  . ALA A 1 25  ? 4.517   -15.910 -1.995  1.00 11.08 ? 24  ALA A CA  1 
ATOM   184  C  C   . ALA A 1 25  ? 4.098   -16.453 -0.669  1.00 13.12 ? 24  ALA A C   1 
ATOM   185  O  O   . ALA A 1 25  ? 4.804   -17.086 -0.037  1.00 13.34 ? 24  ALA A O   1 
ATOM   186  C  CB  . ALA A 1 25  ? 5.057   -14.533 -1.779  1.00 13.67 ? 24  ALA A CB  1 
ATOM   187  N  N   . GLY A 1 26  ? 2.898   -16.040 -0.265  1.00 11.51 ? 25  GLY A N   1 
ATOM   188  C  CA  . GLY A 1 26  ? 2.403   -16.514 1.015   1.00 12.89 ? 25  GLY A CA  1 
ATOM   189  C  C   . GLY A 1 26  ? 1.689   -15.482 1.872   1.00 13.08 ? 25  GLY A C   1 
ATOM   190  O  O   . GLY A 1 26  ? 1.448   -15.713 3.053   1.00 15.60 ? 25  GLY A O   1 
ATOM   191  N  N   . TYR A 1 27  ? 1.364   -14.333 1.293   1.00 8.57  ? 26  TYR A N   1 
ATOM   192  C  CA  . TYR A 1 27  ? 0.647   -13.300 2.036   1.00 7.04  ? 26  TYR A CA  1 
ATOM   193  C  C   . TYR A 1 27  ? -0.846  -13.462 1.825   1.00 6.82  ? 26  TYR A C   1 
ATOM   194  O  O   . TYR A 1 27  ? -1.274  -14.036 0.823   1.00 8.59  ? 26  TYR A O   1 
ATOM   195  C  CB  . TYR A 1 27  ? 0.996   -11.900 1.524   1.00 9.72  ? 26  TYR A CB  1 
ATOM   196  C  CG  . TYR A 1 27  ? 2.350   -11.386 1.911   1.00 7.67  ? 26  TYR A CG  1 
ATOM   197  C  CD1 . TYR A 1 27  ? 3.446   -11.548 1.070   1.00 7.33  ? 26  TYR A CD1 1 
ATOM   198  C  CD2 . TYR A 1 27  ? 2.533   -10.722 3.121   1.00 6.29  ? 26  TYR A CD2 1 
ATOM   199  C  CE1 . TYR A 1 27  ? 4.702   -11.050 1.432   1.00 7.39  ? 26  TYR A CE1 1 
ATOM   200  C  CE2 . TYR A 1 27  ? 3.773   -10.230 3.491   1.00 4.89  ? 26  TYR A CE2 1 
ATOM   201  C  CZ  . TYR A 1 27  ? 4.851   -10.397 2.646   1.00 6.95  ? 26  TYR A CZ  1 
ATOM   202  O  OH  . TYR A 1 27  ? 6.076   -9.921  3.037   1.00 9.83  ? 26  TYR A OH  1 
ATOM   203  N  N   . GLU A 1 28  ? -1.638  -12.966 2.774   1.00 8.06  ? 27  GLU A N   1 
ATOM   204  C  CA  . GLU A 1 28  ? -3.080  -12.969 2.590   1.00 8.33  ? 27  GLU A CA  1 
ATOM   205  C  C   . GLU A 1 28  ? -3.202  -11.579 1.998   1.00 9.07  ? 27  GLU A C   1 
ATOM   206  O  O   . GLU A 1 28  ? -2.714  -10.606 2.578   1.00 10.75 ? 27  GLU A O   1 
ATOM   207  C  CB  . GLU A 1 28  ? -3.848  -13.039 3.906   1.00 7.50  ? 27  GLU A CB  1 
ATOM   208  C  CG  . GLU A 1 28  ? -5.358  -13.009 3.684   1.00 10.76 ? 27  GLU A CG  1 
ATOM   209  C  CD  . GLU A 1 28  ? -6.155  -13.111 4.966   1.00 13.94 ? 27  GLU A CD  1 
ATOM   210  O  OE1 . GLU A 1 28  ? -5.654  -13.706 5.938   1.00 16.96 ? 27  GLU A OE1 1 
ATOM   211  O  OE2 . GLU A 1 28  ? -7.299  -12.614 4.991   1.00 14.91 ? 27  GLU A OE2 1 
ATOM   212  N  N   . VAL A 1 29  ? -3.841  -11.477 0.846   1.00 6.77  ? 28  VAL A N   1 
ATOM   213  C  CA  . VAL A 1 29  ? -3.917  -10.189 0.189   1.00 7.96  ? 28  VAL A CA  1 
ATOM   214  C  C   . VAL A 1 29  ? -5.306  -9.768  -0.218  1.00 7.89  ? 28  VAL A C   1 
ATOM   215  O  O   . VAL A 1 29  ? -6.084  -10.550 -0.750  1.00 10.22 ? 28  VAL A O   1 
ATOM   216  C  CB  . VAL A 1 29  ? -3.043  -10.186 -1.084  1.00 6.00  ? 28  VAL A CB  1 
ATOM   217  C  CG1 . VAL A 1 29  ? -3.054  -8.811  -1.734  1.00 8.83  ? 28  VAL A CG1 1 
ATOM   218  C  CG2 . VAL A 1 29  ? -1.630  -10.613 -0.744  1.00 7.24  ? 28  VAL A CG2 1 
ATOM   219  N  N   . GLU A 1 30  ? -5.615  -8.514  0.063   1.00 8.21  ? 29  GLU A N   1 
ATOM   220  C  CA  . GLU A 1 30  ? -6.875  -7.961  -0.357  1.00 8.33  ? 29  GLU A CA  1 
ATOM   221  C  C   . GLU A 1 30  ? -6.458  -6.730  -1.117  1.00 7.57  ? 29  GLU A C   1 
ATOM   222  O  O   . GLU A 1 30  ? -5.454  -6.092  -0.790  1.00 8.31  ? 29  GLU A O   1 
ATOM   223  C  CB  . GLU A 1 30  ? -7.764  -7.607  0.834   1.00 8.65  ? 29  GLU A CB  1 
ATOM   224  C  CG  . GLU A 1 30  ? -8.382  -8.835  1.490   1.00 8.93  ? 29  GLU A CG  1 
ATOM   225  C  CD  . GLU A 1 30  ? -9.421  -8.470  2.530   1.00 11.06 ? 29  GLU A CD  1 
ATOM   226  O  OE1 . GLU A 1 30  ? -9.872  -7.306  2.530   1.00 12.05 ? 29  GLU A OE1 1 
ATOM   227  O  OE2 . GLU A 1 30  ? -9.788  -9.350  3.339   1.00 11.38 ? 29  GLU A OE2 1 
ATOM   228  N  N   . THR A 1 31  ? -7.191  -6.427  -2.170  1.00 7.81  ? 30  THR A N   1 
ATOM   229  C  CA  . THR A 1 31  ? -6.871  -5.262  -2.950  1.00 6.73  ? 30  THR A CA  1 
ATOM   230  C  C   . THR A 1 31  ? -8.090  -4.382  -2.924  1.00 8.41  ? 30  THR A C   1 
ATOM   231  O  O   . THR A 1 31  ? -9.202  -4.848  -2.655  1.00 6.81  ? 30  THR A O   1 
ATOM   232  C  CB  . THR A 1 31  ? -6.538  -5.625  -4.410  1.00 11.51 ? 30  THR A CB  1 
ATOM   233  O  OG1 . THR A 1 31  ? -7.678  -6.236  -5.021  1.00 11.39 ? 30  THR A OG1 1 
ATOM   234  C  CG2 . THR A 1 31  ? -5.360  -6.589  -4.463  1.00 10.32 ? 30  THR A CG2 1 
ATOM   235  N  N   . ALA A 1 32  ? -7.868  -3.103  -3.174  1.00 8.66  ? 31  ALA A N   1 
ATOM   236  C  CA  . ALA A 1 32  ? -8.944  -2.134  -3.205  1.00 9.59  ? 31  ALA A CA  1 
ATOM   237  C  C   . ALA A 1 32  ? -8.668  -1.304  -4.440  1.00 8.99  ? 31  ALA A C   1 
ATOM   238  O  O   . ALA A 1 32  ? -7.521  -0.977  -4.735  1.00 9.22  ? 31  ALA A O   1 
ATOM   239  C  CB  . ALA A 1 32  ? -8.918  -1.264  -1.956  1.00 9.72  ? 31  ALA A CB  1 
ATOM   240  N  N   . ALA A 1 33  ? -9.724  -0.987  -5.173  1.00 9.02  ? 32  ALA A N   1 
ATOM   241  C  CA  . ALA A 1 33  ? -9.603  -0.213  -6.399  1.00 9.36  ? 32  ALA A CA  1 
ATOM   242  C  C   . ALA A 1 33  ? -9.373  1.268   -6.133  1.00 10.02 ? 32  ALA A C   1 
ATOM   243  O  O   . ALA A 1 33  ? -8.990  2.011   -7.036  1.00 9.29  ? 32  ALA A O   1 
ATOM   244  C  CB  . ALA A 1 33  ? -10.859 -0.395  -7.230  1.00 12.17 ? 32  ALA A CB  1 
ATOM   245  N  N   . ASP A 1 34  ? -9.595  1.686   -4.891  1.00 7.47  ? 33  ASP A N   1 
ATOM   246  C  CA  . ASP A 1 34  ? -9.450  3.086   -4.521  1.00 8.54  ? 33  ASP A CA  1 
ATOM   247  C  C   . ASP A 1 34  ? -9.374  3.266   -3.007  1.00 9.15  ? 33  ASP A C   1 
ATOM   248  O  O   . ASP A 1 34  ? -9.595  2.325   -2.245  1.00 8.91  ? 33  ASP A O   1 
ATOM   249  C  CB  . ASP A 1 34  ? -10.642 3.865   -5.068  1.00 11.62 ? 33  ASP A CB  1 
ATOM   250  C  CG  . ASP A 1 34  ? -11.956 3.166   -4.791  1.00 14.41 ? 33  ASP A CG  1 
ATOM   251  O  OD1 . ASP A 1 34  ? -12.636 2.761   -5.764  1.00 18.03 ? 33  ASP A OD1 1 
ATOM   252  O  OD2 . ASP A 1 34  ? -12.305 3.015   -3.599  1.00 12.25 ? 33  ASP A OD2 1 
ATOM   253  N  N   . GLY A 1 35  ? -9.075  4.491   -2.587  1.00 8.55  ? 34  GLY A N   1 
ATOM   254  C  CA  . GLY A 1 35  ? -8.946  4.784   -1.172  1.00 8.35  ? 34  GLY A CA  1 
ATOM   255  C  C   . GLY A 1 35  ? -10.185 4.525   -0.334  1.00 8.41  ? 34  GLY A C   1 
ATOM   256  O  O   . GLY A 1 35  ? -10.078 3.993   0.775   1.00 7.76  ? 34  GLY A O   1 
ATOM   257  N  N   . ARG A 1 36  ? -11.355 4.902   -0.837  1.00 9.12  ? 35  ARG A N   1 
ATOM   258  C  CA  . ARG A 1 36  ? -12.577 4.695   -0.071  1.00 9.80  ? 35  ARG A CA  1 
ATOM   259  C  C   . ARG A 1 36  ? -12.837 3.213   0.156   1.00 8.84  ? 35  ARG A C   1 
ATOM   260  O  O   . ARG A 1 36  ? -13.194 2.800   1.261   1.00 8.08  ? 35  ARG A O   1 
ATOM   261  C  CB  . ARG A 1 36  ? -13.776 5.358   -0.763  1.00 16.15 ? 35  ARG A CB  1 
ATOM   262  C  CG  . ARG A 1 36  ? -14.107 4.852   -2.153  1.00 19.37 ? 35  ARG A CG  1 
ATOM   263  C  CD  . ARG A 1 36  ? -15.325 5.602   -2.696  1.00 23.45 ? 35  ARG A CD  1 
ATOM   264  N  NE  . ARG A 1 36  ? -15.747 5.126   -4.012  1.00 23.51 ? 35  ARG A NE  1 
ATOM   265  C  CZ  . ARG A 1 36  ? -15.016 5.222   -5.118  1.00 23.77 ? 35  ARG A CZ  1 
ATOM   266  N  NH1 . ARG A 1 36  ? -13.810 5.779   -5.084  1.00 23.27 ? 35  ARG A NH1 1 
ATOM   267  N  NH2 . ARG A 1 36  ? -15.496 4.765   -6.267  1.00 26.93 ? 35  ARG A NH2 1 
ATOM   268  N  N   . GLU A 1 37  ? -12.649 2.403   -0.879  1.00 8.25  ? 36  GLU A N   1 
ATOM   269  C  CA  . GLU A 1 37  ? -12.867 0.972   -0.724  1.00 7.17  ? 36  GLU A CA  1 
ATOM   270  C  C   . GLU A 1 37  ? -11.826 0.440   0.247   1.00 7.28  ? 36  GLU A C   1 
ATOM   271  O  O   . GLU A 1 37  ? -12.137 -0.375  1.117   1.00 7.59  ? 36  GLU A O   1 
ATOM   272  C  CB  . GLU A 1 37  ? -12.737 0.243   -2.065  1.00 10.73 ? 36  GLU A CB  1 
ATOM   273  C  CG  . GLU A 1 37  ? -12.915 -1.262  -1.939  1.00 9.94  ? 36  GLU A CG  1 
ATOM   274  C  CD  . GLU A 1 37  ? -12.942 -1.972  -3.283  1.00 13.47 ? 36  GLU A CD  1 
ATOM   275  O  OE1 . GLU A 1 37  ? -12.086 -1.687  -4.140  1.00 15.53 ? 36  GLU A OE1 1 
ATOM   276  O  OE2 . GLU A 1 37  ? -13.826 -2.826  -3.477  1.00 17.56 ? 36  GLU A OE2 1 
ATOM   277  N  N   . ALA A 1 38  ? -10.592 0.912   0.088   1.00 10.19 ? 37  ALA A N   1 
ATOM   278  C  CA  . ALA A 1 38  ? -9.488  0.493   0.944   1.00 8.10  ? 37  ALA A CA  1 
ATOM   279  C  C   . ALA A 1 38  ? -9.797  0.803   2.401   1.00 9.26  ? 37  ALA A C   1 
ATOM   280  O  O   . ALA A 1 38  ? -9.580  -0.028  3.271   1.00 5.96  ? 37  ALA A O   1 
ATOM   281  C  CB  . ALA A 1 38  ? -8.192  1.192   0.515   1.00 8.00  ? 37  ALA A CB  1 
ATOM   282  N  N   . LEU A 1 39  ? -10.300 2.004   2.668   1.00 9.80  ? 38  LEU A N   1 
ATOM   283  C  CA  . LEU A 1 39  ? -10.630 2.383   4.038   1.00 11.62 ? 38  LEU A CA  1 
ATOM   284  C  C   . LEU A 1 39  ? -11.734 1.494   4.613   1.00 11.67 ? 38  LEU A C   1 
ATOM   285  O  O   . LEU A 1 39  ? -11.700 1.137   5.795   1.00 12.63 ? 38  LEU A O   1 
ATOM   286  C  CB  . LEU A 1 39  ? -11.054 3.854   4.094   1.00 8.28  ? 38  LEU A CB  1 
ATOM   287  C  CG  . LEU A 1 39  ? -9.918  4.847   3.815   1.00 10.04 ? 38  LEU A CG  1 
ATOM   288  C  CD1 . LEU A 1 39  ? -10.479 6.250   3.656   1.00 10.32 ? 38  LEU A CD1 1 
ATOM   289  C  CD2 . LEU A 1 39  ? -8.900  4.790   4.940   1.00 9.64  ? 38  LEU A CD2 1 
ATOM   290  N  N   . ALA A 1 40  ? -12.706 1.135   3.783   1.00 10.55 ? 39  ALA A N   1 
ATOM   291  C  CA  . ALA A 1 40  ? -13.806 0.284   4.231   1.00 9.83  ? 39  ALA A CA  1 
ATOM   292  C  C   . ALA A 1 40  ? -13.261 -1.102  4.537   1.00 10.24 ? 39  ALA A C   1 
ATOM   293  O  O   . ALA A 1 40  ? -13.654 -1.735  5.519   1.00 9.74  ? 39  ALA A O   1 
ATOM   294  C  CB  . ALA A 1 40  ? -14.892 0.198   3.152   1.00 9.89  ? 39  ALA A CB  1 
ATOM   295  N  N   . LYS A 1 41  ? -12.359 -1.583  3.691   1.00 8.61  ? 40  LYS A N   1 
ATOM   296  C  CA  . LYS A 1 41  ? -11.790 -2.898  3.926   1.00 8.96  ? 40  LYS A CA  1 
ATOM   297  C  C   . LYS A 1 41  ? -10.889 -2.879  5.154   1.00 10.63 ? 40  LYS A C   1 
ATOM   298  O  O   . LYS A 1 41  ? -10.890 -3.820  5.945   1.00 9.12  ? 40  LYS A O   1 
ATOM   299  C  CB  . LYS A 1 41  ? -11.006 -3.376  2.698   1.00 8.14  ? 40  LYS A CB  1 
ATOM   300  C  CG  . LYS A 1 41  ? -11.904 -3.781  1.518   1.00 9.10  ? 40  LYS A CG  1 
ATOM   301  C  CD  . LYS A 1 41  ? -11.135 -4.577  0.462   1.00 9.69  ? 40  LYS A CD  1 
ATOM   302  C  CE  . LYS A 1 41  ? -12.059 -5.004  -0.679  1.00 9.16  ? 40  LYS A CE  1 
ATOM   303  N  NZ  . LYS A 1 41  ? -11.460 -6.020  -1.606  1.00 7.81  ? 40  LYS A NZ  1 
ATOM   304  N  N   . ALA A 1 42  ? -10.135 -1.796  5.324   1.00 8.48  ? 41  ALA A N   1 
ATOM   305  C  CA  . ALA A 1 42  ? -9.222  -1.674  6.456   1.00 11.59 ? 41  ALA A CA  1 
ATOM   306  C  C   . ALA A 1 42  ? -9.934  -1.682  7.802   1.00 12.48 ? 41  ALA A C   1 
ATOM   307  O  O   . ALA A 1 42  ? -9.385  -2.162  8.792   1.00 11.96 ? 41  ALA A O   1 
ATOM   308  C  CB  . ALA A 1 42  ? -8.400  -0.404  6.322   1.00 10.56 ? 41  ALA A CB  1 
ATOM   309  N  N   . GLN A 1 43  ? -11.152 -1.153  7.833   1.00 12.91 ? 42  GLN A N   1 
ATOM   310  C  CA  . GLN A 1 43  ? -11.939 -1.078  9.066   1.00 17.56 ? 42  GLN A CA  1 
ATOM   311  C  C   . GLN A 1 43  ? -12.571 -2.399  9.492   1.00 18.59 ? 42  GLN A C   1 
ATOM   312  O  O   . GLN A 1 43  ? -12.949 -2.556  10.654  1.00 18.54 ? 42  GLN A O   1 
ATOM   313  C  CB  . GLN A 1 43  ? -13.051 -0.044  8.908   1.00 39.42 ? 42  GLN A CB  1 
ATOM   314  C  CG  . GLN A 1 43  ? -12.565 1.353   8.609   1.00 44.42 ? 42  GLN A CG  1 
ATOM   315  C  CD  . GLN A 1 43  ? -13.635 2.195   7.949   1.00 48.66 ? 42  GLN A CD  1 
ATOM   316  O  OE1 . GLN A 1 43  ? -14.114 1.867   6.864   1.00 49.87 ? 42  GLN A OE1 1 
ATOM   317  N  NE2 . GLN A 1 43  ? -14.019 3.285   8.600   1.00 48.58 ? 42  GLN A NE2 1 
ATOM   318  N  N   . LYS A 1 44  ? -12.697 -3.341  8.563   1.00 19.81 ? 43  LYS A N   1 
ATOM   319  C  CA  . LYS A 1 44  ? -13.307 -4.628  8.885   1.00 21.48 ? 43  LYS A CA  1 
ATOM   320  C  C   . LYS A 1 44  ? -12.309 -5.766  9.038   1.00 21.43 ? 43  LYS A C   1 
ATOM   321  O  O   . LYS A 1 44  ? -12.633 -6.812  9.597   1.00 23.29 ? 43  LYS A O   1 
ATOM   322  C  CB  . LYS A 1 44  ? -14.354 -4.993  7.826   1.00 36.30 ? 43  LYS A CB  1 
ATOM   323  C  CG  . LYS A 1 44  ? -15.518 -4.017  7.757   1.00 39.02 ? 43  LYS A CG  1 
ATOM   324  C  CD  . LYS A 1 44  ? -16.135 -3.813  9.133   1.00 42.88 ? 43  LYS A CD  1 
ATOM   325  C  CE  . LYS A 1 44  ? -17.214 -2.745  9.109   1.00 43.99 ? 43  LYS A CE  1 
ATOM   326  N  NZ  . LYS A 1 44  ? -17.700 -2.440  10.482  1.00 45.89 ? 43  LYS A NZ  1 
ATOM   327  N  N   . ALA A 1 45  ? -11.095 -5.558  8.541   1.00 18.67 ? 44  ALA A N   1 
ATOM   328  C  CA  . ALA A 1 45  ? -10.045 -6.567  8.629   1.00 17.65 ? 44  ALA A CA  1 
ATOM   329  C  C   . ALA A 1 45  ? -8.780  -5.911  9.168   1.00 18.45 ? 44  ALA A C   1 
ATOM   330  O  O   . ALA A 1 45  ? -8.578  -4.717  8.988   1.00 18.27 ? 44  ALA A O   1 
ATOM   331  C  CB  . ALA A 1 45  ? -9.780  -7.170  7.252   1.00 21.03 ? 44  ALA A CB  1 
ATOM   332  N  N   . ARG A 1 46  ? -7.927  -6.694  9.819   1.00 26.02 ? 45  ARG A N   1 
ATOM   333  C  CA  . ARG A 1 46  ? -6.692  -6.165  10.388  1.00 25.97 ? 45  ARG A CA  1 
ATOM   334  C  C   . ARG A 1 46  ? -5.479  -6.375  9.496   1.00 24.53 ? 45  ARG A C   1 
ATOM   335  O  O   . ARG A 1 46  ? -4.872  -7.446  9.513   1.00 26.78 ? 45  ARG A O   1 
ATOM   336  C  CB  . ARG A 1 46  ? -6.415  -6.817  11.740  1.00 35.40 ? 45  ARG A CB  1 
ATOM   337  C  CG  . ARG A 1 46  ? -7.482  -6.576  12.780  1.00 40.38 ? 45  ARG A CG  1 
ATOM   338  C  CD  . ARG A 1 46  ? -6.915  -6.820  14.161  1.00 45.19 ? 45  ARG A CD  1 
ATOM   339  N  NE  . ARG A 1 46  ? -5.624  -6.152  14.306  1.00 48.73 ? 45  ARG A NE  1 
ATOM   340  C  CZ  . ARG A 1 46  ? -5.166  -5.644  15.443  1.00 50.99 ? 45  ARG A CZ  1 
ATOM   341  N  NH1 . ARG A 1 46  ? -5.896  -5.724  16.546  1.00 51.85 ? 45  ARG A NH1 1 
ATOM   342  N  NH2 . ARG A 1 46  ? -3.980  -5.052  15.476  1.00 52.69 ? 45  ARG A NH2 1 
ATOM   343  N  N   . PHE A 1 47  ? -5.110  -5.355  8.730   1.00 10.77 ? 46  PHE A N   1 
ATOM   344  C  CA  . PHE A 1 47  ? -3.951  -5.488  7.861   1.00 10.20 ? 46  PHE A CA  1 
ATOM   345  C  C   . PHE A 1 47  ? -2.647  -5.165  8.561   1.00 10.18 ? 46  PHE A C   1 
ATOM   346  O  O   . PHE A 1 47  ? -2.579  -4.274  9.408   1.00 9.58  ? 46  PHE A O   1 
ATOM   347  C  CB  . PHE A 1 47  ? -4.116  -4.621  6.618   1.00 11.20 ? 46  PHE A CB  1 
ATOM   348  C  CG  . PHE A 1 47  ? -5.254  -5.059  5.758   1.00 11.28 ? 46  PHE A CG  1 
ATOM   349  C  CD1 . PHE A 1 47  ? -6.496  -4.443  5.862   1.00 10.37 ? 46  PHE A CD1 1 
ATOM   350  C  CD2 . PHE A 1 47  ? -5.112  -6.156  4.912   1.00 9.58  ? 46  PHE A CD2 1 
ATOM   351  C  CE1 . PHE A 1 47  ? -7.587  -4.917  5.139   1.00 11.45 ? 46  PHE A CE1 1 
ATOM   352  C  CE2 . PHE A 1 47  ? -6.197  -6.636  4.186   1.00 12.19 ? 46  PHE A CE2 1 
ATOM   353  C  CZ  . PHE A 1 47  ? -7.436  -6.015  4.302   1.00 11.06 ? 46  PHE A CZ  1 
ATOM   354  N  N   . ASP A 1 48  ? -1.611  -5.902  8.190   1.00 11.76 ? 47  ASP A N   1 
ATOM   355  C  CA  . ASP A 1 48  ? -0.291  -5.731  8.774   1.00 9.32  ? 47  ASP A CA  1 
ATOM   356  C  C   . ASP A 1 48  ? 0.576   -4.786  7.971   1.00 9.81  ? 47  ASP A C   1 
ATOM   357  O  O   . ASP A 1 48  ? 1.584   -4.289  8.461   1.00 10.11 ? 47  ASP A O   1 
ATOM   358  C  CB  . ASP A 1 48  ? 0.384   -7.087  8.885   1.00 11.83 ? 47  ASP A CB  1 
ATOM   359  C  CG  . ASP A 1 48  ? -0.414  -8.037  9.725   1.00 14.71 ? 47  ASP A CG  1 
ATOM   360  O  OD1 . ASP A 1 48  ? -0.584  -7.734  10.927  1.00 13.45 ? 47  ASP A OD1 1 
ATOM   361  O  OD2 . ASP A 1 48  ? -0.883  -9.062  9.184   1.00 11.82 ? 47  ASP A OD2 1 
ATOM   362  N  N   . VAL A 1 49  ? 0.192   -4.556  6.725   1.00 9.77  ? 48  VAL A N   1 
ATOM   363  C  CA  . VAL A 1 49  ? 0.937   -3.656  5.873   1.00 8.99  ? 48  VAL A CA  1 
ATOM   364  C  C   . VAL A 1 49  ? 0.015   -3.197  4.763   1.00 8.68  ? 48  VAL A C   1 
ATOM   365  O  O   . VAL A 1 49  ? -0.824  -3.959  4.279   1.00 8.34  ? 48  VAL A O   1 
ATOM   366  C  CB  . VAL A 1 49  ? 2.197   -4.337  5.278   1.00 10.11 ? 48  VAL A CB  1 
ATOM   367  C  CG1 . VAL A 1 49  ? 1.804   -5.573  4.480   1.00 10.69 ? 48  VAL A CG1 1 
ATOM   368  C  CG2 . VAL A 1 49  ? 2.957   -3.344  4.408   1.00 11.71 ? 48  VAL A CG2 1 
ATOM   369  N  N   . ILE A 1 50  ? 0.152   -1.935  4.387   1.00 5.27  ? 49  ILE A N   1 
ATOM   370  C  CA  . ILE A 1 50  ? -0.676  -1.376  3.337   1.00 7.96  ? 49  ILE A CA  1 
ATOM   371  C  C   . ILE A 1 50  ? 0.211   -0.840  2.239   1.00 8.42  ? 49  ILE A C   1 
ATOM   372  O  O   . ILE A 1 50  ? 1.209   -0.182  2.501   1.00 11.44 ? 49  ILE A O   1 
ATOM   373  C  CB  . ILE A 1 50  ? -1.550  -0.223  3.867   1.00 10.77 ? 49  ILE A CB  1 
ATOM   374  C  CG1 . ILE A 1 50  ? -2.463  -0.736  4.981   1.00 6.97  ? 49  ILE A CG1 1 
ATOM   375  C  CG2 . ILE A 1 50  ? -2.367  0.375   2.737   1.00 8.98  ? 49  ILE A CG2 1 
ATOM   376  C  CD1 . ILE A 1 50  ? -3.390  0.330   5.542   1.00 13.22 ? 49  ILE A CD1 1 
ATOM   377  N  N   . ILE A 1 51  ? -0.152  -1.159  1.005   1.00 7.65  ? 50  ILE A N   1 
ATOM   378  C  CA  . ILE A 1 51  ? 0.581   -0.689  -0.161  1.00 6.39  ? 50  ILE A CA  1 
ATOM   379  C  C   . ILE A 1 51  ? -0.400  0.243   -0.837  1.00 7.23  ? 50  ILE A C   1 
ATOM   380  O  O   . ILE A 1 51  ? -1.542  -0.131  -1.098  1.00 8.51  ? 50  ILE A O   1 
ATOM   381  C  CB  . ILE A 1 51  ? 0.914   -1.824  -1.138  1.00 9.94  ? 50  ILE A CB  1 
ATOM   382  C  CG1 . ILE A 1 51  ? 1.936   -2.771  -0.513  1.00 11.29 ? 50  ILE A CG1 1 
ATOM   383  C  CG2 . ILE A 1 51  ? 1.474   -1.256  -2.446  1.00 13.35 ? 50  ILE A CG2 1 
ATOM   384  C  CD1 . ILE A 1 51  ? 2.169   -4.034  -1.329  1.00 10.64 ? 50  ILE A CD1 1 
ATOM   385  N  N   . SER A 1 52  ? 0.032   1.459   -1.114  1.00 6.79  ? 51  SER A N   1 
ATOM   386  C  CA  . SER A 1 52  ? -0.858  2.388   -1.762  1.00 9.13  ? 51  SER A CA  1 
ATOM   387  C  C   . SER A 1 52  ? -0.189  3.099   -2.913  1.00 9.24  ? 51  SER A C   1 
ATOM   388  O  O   . SER A 1 52  ? 0.908   3.632   -2.784  1.00 10.47 ? 51  SER A O   1 
ATOM   389  C  CB  . SER A 1 52  ? -1.375  3.414   -0.765  1.00 13.13 ? 51  SER A CB  1 
ATOM   390  O  OG  . SER A 1 52  ? -2.212  4.334   -1.435  1.00 14.54 ? 51  SER A OG  1 
ATOM   391  N  N   . ASP A 1 53  ? -0.771  3.000   -4.075  1.00 9.95  ? 52  ASP A N   1 
ATOM   392  C  CA  . ASP A 1 53  ? -0.378  3.750   -5.209  1.00 12.04 ? 52  ASP A CA  1 
ATOM   393  C  C   . ASP A 1 53  ? -0.445  5.273   -4.782  1.00 13.14 ? 52  ASP A C   1 
ATOM   394  O  O   . ASP A 1 53  ? -1.179  5.638   -3.946  1.00 13.99 ? 52  ASP A O   1 
ATOM   395  C  CB  . ASP A 1 53  ? -1.334  3.398   -6.336  1.00 20.76 ? 52  ASP A CB  1 
ATOM   396  C  CG  . ASP A 1 53  ? -1.018  3.966   -7.566  1.00 23.95 ? 52  ASP A CG  1 
ATOM   397  O  OD1 . ASP A 1 53  ? 0.078   4.112   -7.866  1.00 23.96 ? 52  ASP A OD1 1 
ATOM   398  O  OD2 . ASP A 1 53  ? -1.959  4.182   -8.275  1.00 30.78 ? 52  ASP A OD2 1 
ATOM   399  N  N   . VAL A 1 54  ? 0.442   6.050   -5.397  1.00 15.07 ? 53  VAL A N   1 
ATOM   400  C  CA  . VAL A 1 54  ? 0.452   7.476   -5.084  1.00 15.96 ? 53  VAL A CA  1 
ATOM   401  C  C   . VAL A 1 54  ? -0.622  8.183   -5.900  1.00 17.22 ? 53  VAL A C   1 
ATOM   402  O  O   . VAL A 1 54  ? -1.471  8.885   -5.353  1.00 18.50 ? 53  VAL A O   1 
ATOM   403  C  CB  . VAL A 1 54  ? 1.836   8.109   -5.390  1.00 13.03 ? 53  VAL A CB  1 
ATOM   404  C  CG1 . VAL A 1 54  ? 1.753   9.626   -5.352  1.00 15.18 ? 53  VAL A CG1 1 
ATOM   405  C  CG2 . VAL A 1 54  ? 2.856   7.623   -4.372  1.00 15.67 ? 53  VAL A CG2 1 
ATOM   406  N  N   . ASN A 1 55  ? -0.590  7.979   -7.210  1.00 17.56 ? 54  ASN A N   1 
ATOM   407  C  CA  . ASN A 1 55  ? -1.564  8.612   -8.082  1.00 18.20 ? 54  ASN A CA  1 
ATOM   408  C  C   . ASN A 1 55  ? -2.720  7.718   -8.480  1.00 18.82 ? 54  ASN A C   1 
ATOM   409  O  O   . ASN A 1 55  ? -2.570  6.775   -9.260  1.00 20.72 ? 54  ASN A O   1 
ATOM   410  C  CB  . ASN A 1 55  ? -0.889  9.160   -9.339  1.00 28.27 ? 54  ASN A CB  1 
ATOM   411  C  CG  . ASN A 1 55  ? -0.173  10.466  -9.085  1.00 31.87 ? 54  ASN A CG  1 
ATOM   412  O  OD1 . ASN A 1 55  ? 0.870   10.499  -8.434  1.00 34.53 ? 54  ASN A OD1 1 
ATOM   413  N  ND2 . ASN A 1 55  ? -0.741  11.556  -9.586  1.00 33.78 ? 54  ASN A ND2 1 
ATOM   414  N  N   . MET A 1 56  ? -3.878  8.020   -7.916  1.00 14.20 ? 55  MET A N   1 
ATOM   415  C  CA  . MET A 1 56  ? -5.094  7.298   -8.226  1.00 13.97 ? 55  MET A CA  1 
ATOM   416  C  C   . MET A 1 56  ? -6.084  8.362   -8.664  1.00 13.87 ? 55  MET A C   1 
ATOM   417  O  O   . MET A 1 56  ? -5.886  9.544   -8.380  1.00 12.89 ? 55  MET A O   1 
ATOM   418  C  CB  . MET A 1 56  ? -5.597  6.544   -6.999  1.00 15.45 ? 55  MET A CB  1 
ATOM   419  C  CG  . MET A 1 56  ? -4.657  5.429   -6.596  1.00 14.14 ? 55  MET A CG  1 
ATOM   420  S  SD  . MET A 1 56  ? -5.297  4.459   -5.250  1.00 14.71 ? 55  MET A SD  1 
ATOM   421  C  CE  . MET A 1 56  ? -4.683  5.403   -3.828  1.00 13.26 ? 55  MET A CE  1 
ATOM   422  N  N   . PRO A 1 57  ? -7.150  7.958   -9.368  1.00 16.33 ? 56  PRO A N   1 
ATOM   423  C  CA  . PRO A 1 57  ? -8.193  8.853   -9.877  1.00 16.11 ? 56  PRO A CA  1 
ATOM   424  C  C   . PRO A 1 57  ? -8.863  9.772   -8.862  1.00 16.23 ? 56  PRO A C   1 
ATOM   425  O  O   . PRO A 1 57  ? -8.972  10.975  -9.090  1.00 16.55 ? 56  PRO A O   1 
ATOM   426  C  CB  . PRO A 1 57  ? -9.192  7.889   -10.506 1.00 15.10 ? 56  PRO A CB  1 
ATOM   427  C  CG  . PRO A 1 57  ? -8.324  6.768   -10.973 1.00 15.38 ? 56  PRO A CG  1 
ATOM   428  C  CD  . PRO A 1 57  ? -7.407  6.571   -9.799  1.00 15.14 ? 56  PRO A CD  1 
ATOM   429  N  N   . VAL A 1 58  ? -9.310  9.206   -7.747  1.00 12.30 ? 57  VAL A N   1 
ATOM   430  C  CA  . VAL A 1 58  ? -10.013 9.986   -6.732  1.00 11.37 ? 57  VAL A CA  1 
ATOM   431  C  C   . VAL A 1 58  ? -9.137  10.315  -5.528  1.00 11.88 ? 57  VAL A C   1 
ATOM   432  O  O   . VAL A 1 58  ? -8.467  11.340  -5.502  1.00 11.05 ? 57  VAL A O   1 
ATOM   433  C  CB  . VAL A 1 58  ? -11.292 9.233   -6.269  1.00 13.38 ? 57  VAL A CB  1 
ATOM   434  C  CG1 . VAL A 1 58  ? -12.135 10.121  -5.363  1.00 11.85 ? 57  VAL A CG1 1 
ATOM   435  C  CG2 . VAL A 1 58  ? -12.100 8.799   -7.491  1.00 12.88 ? 57  VAL A CG2 1 
ATOM   436  N  N   . MET A 1 59  ? -9.139  9.456   -4.518  1.00 12.60 ? 58  MET A N   1 
ATOM   437  C  CA  . MET A 1 59  ? -8.318  9.734   -3.351  1.00 13.18 ? 58  MET A CA  1 
ATOM   438  C  C   . MET A 1 59  ? -6.861  9.395   -3.673  1.00 13.42 ? 58  MET A C   1 
ATOM   439  O  O   . MET A 1 59  ? -6.563  8.286   -4.115  1.00 12.59 ? 58  MET A O   1 
ATOM   440  C  CB  . MET A 1 59  ? -8.799  8.901   -2.166  1.00 12.12 ? 58  MET A CB  1 
ATOM   441  C  CG  . MET A 1 59  ? -8.276  9.381   -0.832  1.00 11.02 ? 58  MET A CG  1 
ATOM   442  S  SD  . MET A 1 59  ? -8.741  8.244   0.486   1.00 12.17 ? 58  MET A SD  1 
ATOM   443  C  CE  . MET A 1 59  ? -10.481 8.557   0.615   1.00 12.03 ? 58  MET A CE  1 
ATOM   444  N  N   . THR A 1 60  ? -5.955  10.346  -3.471  1.00 12.26 ? 59  THR A N   1 
ATOM   445  C  CA  . THR A 1 60  ? -4.549  10.074  -3.745  1.00 12.15 ? 59  THR A CA  1 
ATOM   446  C  C   . THR A 1 60  ? -4.023  9.172   -2.652  1.00 11.67 ? 59  THR A C   1 
ATOM   447  O  O   . THR A 1 60  ? -4.641  9.033   -1.588  1.00 8.74  ? 59  THR A O   1 
ATOM   448  C  CB  . THR A 1 60  ? -3.678  11.354  -3.762  1.00 19.29 ? 59  THR A CB  1 
ATOM   449  O  OG1 . THR A 1 60  ? -3.643  11.936  -2.453  1.00 27.20 ? 59  THR A OG1 1 
ATOM   450  C  CG2 . THR A 1 60  ? -4.231  12.360  -4.758  1.00 11.68 ? 59  THR A CG2 1 
ATOM   451  N  N   . GLY A 1 61  ? -2.884  8.544   -2.917  1.00 12.16 ? 60  GLY A N   1 
ATOM   452  C  CA  . GLY A 1 61  ? -2.292  7.674   -1.923  1.00 10.98 ? 60  GLY A CA  1 
ATOM   453  C  C   . GLY A 1 61  ? -2.005  8.444   -0.647  1.00 9.81  ? 60  GLY A C   1 
ATOM   454  O  O   . GLY A 1 61  ? -2.212  7.934   0.445   1.00 8.74  ? 60  GLY A O   1 
ATOM   455  N  N   . PHE A 1 62  ? -1.593  9.711   -0.767  1.00 10.55 ? 61  PHE A N   1 
ATOM   456  C  CA  . PHE A 1 62  ? -1.238  10.477  0.415   1.00 12.45 ? 61  PHE A CA  1 
ATOM   457  C  C   . PHE A 1 62  ? -2.458  10.744  1.290   1.00 12.59 ? 61  PHE A C   1 
ATOM   458  O  O   . PHE A 1 62  ? -2.374  10.616  2.446   1.00 12.35 ? 61  PHE A O   1 
ATOM   459  C  CB  . PHE A 1 62  ? -0.521  11.783  0.147   1.00 17.19 ? 61  PHE A CB  1 
ATOM   460  C  CG  . PHE A 1 62  ? 0.847   11.602  -0.526  1.00 19.83 ? 61  PHE A CG  1 
ATOM   461  C  CD1 . PHE A 1 62  ? 1.211   12.277  -1.673  1.00 22.76 ? 61  PHE A CD1 1 
ATOM   462  C  CD2 . PHE A 1 62  ? 1.745   10.823  0.041   1.00 22.34 ? 61  PHE A CD2 1 
ATOM   463  C  CE1 . PHE A 1 62  ? 2.481   12.069  -2.089  1.00 24.58 ? 61  PHE A CE1 1 
ATOM   464  C  CE2 . PHE A 1 62  ? 2.904   10.571  -0.430  1.00 25.29 ? 61  PHE A CE2 1 
ATOM   465  C  CZ  . PHE A 1 62  ? 3.294   11.235  -1.439  1.00 25.25 ? 61  PHE A CZ  1 
ATOM   466  N  N   . GLU A 1 63  ? -3.547  11.123  0.664   1.00 10.84 ? 62  GLU A N   1 
ATOM   467  C  CA  . GLU A 1 63  ? -4.751  11.374  1.449   1.00 12.34 ? 62  GLU A CA  1 
ATOM   468  C  C   . GLU A 1 63  ? -5.260  10.074  2.056   1.00 11.51 ? 62  GLU A C   1 
ATOM   469  O  O   . GLU A 1 63  ? -5.748  10.057  3.187   1.00 11.20 ? 62  GLU A O   1 
ATOM   470  C  CB  . GLU A 1 63  ? -5.838  12.050  0.600   1.00 30.64 ? 62  GLU A CB  1 
ATOM   471  C  CG  . GLU A 1 63  ? -5.811  11.715  -0.875  1.00 38.76 ? 62  GLU A CG  1 
ATOM   472  C  CD  . GLU A 1 63  ? -6.712  12.632  -1.696  1.00 42.37 ? 62  GLU A CD  1 
ATOM   473  O  OE1 . GLU A 1 63  ? -6.581  12.657  -2.937  1.00 46.36 ? 62  GLU A OE1 1 
ATOM   474  O  OE2 . GLU A 1 63  ? -7.557  13.329  -1.100  1.00 46.03 ? 62  GLU A OE2 1 
ATOM   475  N  N   . PHE A 1 64  ? -5.137  8.974   1.316   1.00 9.61  ? 63  PHE A N   1 
ATOM   476  C  CA  . PHE A 1 64  ? -5.575  7.688   1.842   1.00 9.99  ? 63  PHE A CA  1 
ATOM   477  C  C   . PHE A 1 64  ? -4.747  7.321   3.077   1.00 10.28 ? 63  PHE A C   1 
ATOM   478  O  O   . PHE A 1 64  ? -5.288  6.882   4.093   1.00 10.07 ? 63  PHE A O   1 
ATOM   479  C  CB  . PHE A 1 64  ? -5.425  6.592   0.782   1.00 9.20  ? 63  PHE A CB  1 
ATOM   480  C  CG  . PHE A 1 64  ? -5.427  5.208   1.353   1.00 9.43  ? 63  PHE A CG  1 
ATOM   481  C  CD1 . PHE A 1 64  ? -6.546  4.719   2.018   1.00 10.09 ? 63  PHE A CD1 1 
ATOM   482  C  CD2 . PHE A 1 64  ? -4.292  4.413   1.283   1.00 9.40  ? 63  PHE A CD2 1 
ATOM   483  C  CE1 . PHE A 1 64  ? -6.526  3.460   2.614   1.00 10.47 ? 63  PHE A CE1 1 
ATOM   484  C  CE2 . PHE A 1 64  ? -4.266  3.156   1.876   1.00 11.56 ? 63  PHE A CE2 1 
ATOM   485  C  CZ  . PHE A 1 64  ? -5.387  2.682   2.542   1.00 10.35 ? 63  PHE A CZ  1 
ATOM   486  N  N   . VAL A 1 65  ? -3.434  7.503   2.986   1.00 8.94  ? 64  VAL A N   1 
ATOM   487  C  CA  . VAL A 1 65  ? -2.549  7.178   4.098   1.00 10.17 ? 64  VAL A CA  1 
ATOM   488  C  C   . VAL A 1 65  ? -2.862  8.062   5.294   1.00 11.18 ? 64  VAL A C   1 
ATOM   489  O  O   . VAL A 1 65  ? -2.895  7.597   6.430   1.00 10.94 ? 64  VAL A O   1 
ATOM   490  C  CB  . VAL A 1 65  ? -1.073  7.344   3.694   1.00 12.36 ? 64  VAL A CB  1 
ATOM   491  C  CG1 . VAL A 1 65  ? -0.169  7.164   4.909   1.00 13.13 ? 64  VAL A CG1 1 
ATOM   492  C  CG2 . VAL A 1 65  ? -0.726  6.315   2.624   1.00 14.90 ? 64  VAL A CG2 1 
ATOM   493  N  N   . LYS A 1 66  ? -3.112  9.337   5.027   1.00 14.75 ? 65  LYS A N   1 
ATOM   494  C  CA  . LYS A 1 66  ? -3.433  10.286  6.082   1.00 16.82 ? 65  LYS A CA  1 
ATOM   495  C  C   . LYS A 1 66  ? -4.695  9.807   6.800   1.00 16.52 ? 65  LYS A C   1 
ATOM   496  O  O   . LYS A 1 66  ? -4.763  9.807   8.027   1.00 16.12 ? 65  LYS A O   1 
ATOM   497  C  CB  . LYS A 1 66  ? -3.665  11.672  5.473   1.00 29.02 ? 65  LYS A CB  1 
ATOM   498  C  CG  . LYS A 1 66  ? -3.750  12.803  6.483   1.00 35.54 ? 65  LYS A CG  1 
ATOM   499  C  CD  . LYS A 1 66  ? -3.813  14.154  5.780   1.00 39.23 ? 65  LYS A CD  1 
ATOM   500  C  CE  . LYS A 1 66  ? -3.705  15.300  6.775   1.00 42.45 ? 65  LYS A CE  1 
ATOM   501  N  NZ  . LYS A 1 66  ? -2.421  15.247  7.528   1.00 43.47 ? 65  LYS A NZ  1 
ATOM   502  N  N   . ALA A 1 67  ? -5.682  9.381   6.022   1.00 13.51 ? 66  ALA A N   1 
ATOM   503  C  CA  . ALA A 1 67  ? -6.943  8.909   6.576   1.00 13.23 ? 66  ALA A CA  1 
ATOM   504  C  C   . ALA A 1 67  ? -6.807  7.599   7.332   1.00 14.25 ? 66  ALA A C   1 
ATOM   505  O  O   . ALA A 1 67  ? -7.289  7.472   8.456   1.00 14.54 ? 66  ALA A O   1 
ATOM   506  C  CB  . ALA A 1 67  ? -7.967  8.752   5.468   1.00 13.47 ? 66  ALA A CB  1 
ATOM   507  N  N   . VAL A 1 68  ? -6.149  6.618   6.724   1.00 11.92 ? 67  VAL A N   1 
ATOM   508  C  CA  . VAL A 1 68  ? -6.016  5.322   7.373   1.00 12.02 ? 67  VAL A CA  1 
ATOM   509  C  C   . VAL A 1 68  ? -5.216  5.416   8.675   1.00 12.28 ? 67  VAL A C   1 
ATOM   510  O  O   . VAL A 1 68  ? -5.488  4.686   9.628   1.00 11.89 ? 67  VAL A O   1 
ATOM   511  C  CB  . VAL A 1 68  ? -5.393  4.275   6.407   1.00 10.65 ? 67  VAL A CB  1 
ATOM   512  C  CG1 . VAL A 1 68  ? -3.877  4.376   6.414   1.00 15.02 ? 67  VAL A CG1 1 
ATOM   513  C  CG2 . VAL A 1 68  ? -5.877  2.880   6.779   1.00 9.92  ? 67  VAL A CG2 1 
ATOM   514  N  N   . ARG A 1 69  ? -4.249  6.329   8.723   1.00 13.88 ? 68  ARG A N   1 
ATOM   515  C  CA  . ARG A 1 69  ? -3.434  6.523   9.923   1.00 15.13 ? 68  ARG A CA  1 
ATOM   516  C  C   . ARG A 1 69  ? -4.281  7.061   11.080  1.00 17.62 ? 68  ARG A C   1 
ATOM   517  O  O   . ARG A 1 69  ? -3.846  7.065   12.236  1.00 17.44 ? 68  ARG A O   1 
ATOM   518  C  CB  . ARG A 1 69  ? -2.283  7.487   9.627   1.00 17.16 ? 68  ARG A CB  1 
ATOM   519  C  CG  . ARG A 1 69  ? -1.103  6.855   8.907   1.00 16.46 ? 68  ARG A CG  1 
ATOM   520  C  CD  . ARG A 1 69  ? -0.006  6.484   9.891   1.00 16.37 ? 68  ARG A CD  1 
ATOM   521  N  NE  . ARG A 1 69  ? 1.186   5.954   9.235   1.00 16.28 ? 68  ARG A NE  1 
ATOM   522  C  CZ  . ARG A 1 69  ? 1.487   4.660   9.148   1.00 16.65 ? 68  ARG A CZ  1 
ATOM   523  N  NH1 . ARG A 1 69  ? 0.682   3.747   9.677   1.00 15.62 ? 68  ARG A NH1 1 
ATOM   524  N  NH2 . ARG A 1 69  ? 2.602   4.280   8.534   1.00 16.36 ? 68  ARG A NH2 1 
ATOM   525  N  N   . MET A 1 70  ? -5.489  7.519   10.764  1.00 19.12 ? 69  MET A N   1 
ATOM   526  C  CA  . MET A 1 70  ? -6.397  8.035   11.782  1.00 21.55 ? 69  MET A CA  1 
ATOM   527  C  C   . MET A 1 70  ? -7.082  6.868   12.483  1.00 20.26 ? 69  MET A C   1 
ATOM   528  O  O   . MET A 1 70  ? -7.513  6.988   13.632  1.00 21.44 ? 69  MET A O   1 
ATOM   529  C  CB  . MET A 1 70  ? -7.448  8.951   11.154  1.00 28.25 ? 69  MET A CB  1 
ATOM   530  C  CG  . MET A 1 70  ? -6.918  10.308  10.736  1.00 34.31 ? 69  MET A CG  1 
ATOM   531  S  SD  . MET A 1 70  ? -8.211  11.317  9.994   1.00 42.99 ? 69  MET A SD  1 
ATOM   532  C  CE  . MET A 1 70  ? -9.233  11.673  11.430  1.00 39.31 ? 69  MET A CE  1 
ATOM   533  N  N   . GLN A 1 71  ? -7.201  5.748   11.774  1.00 17.00 ? 70  GLN A N   1 
ATOM   534  C  CA  . GLN A 1 71  ? -7.800  4.546   12.345  1.00 16.82 ? 70  GLN A CA  1 
ATOM   535  C  C   . GLN A 1 71  ? -6.751  4.064   13.340  1.00 16.46 ? 70  GLN A C   1 
ATOM   536  O  O   . GLN A 1 71  ? -5.606  3.810   12.969  1.00 14.51 ? 70  GLN A O   1 
ATOM   537  C  CB  . GLN A 1 71  ? -8.054  3.498   11.250  1.00 22.77 ? 70  GLN A CB  1 
ATOM   538  C  CG  . GLN A 1 71  ? -9.246  3.826   10.344  1.00 25.12 ? 70  GLN A CG  1 
ATOM   539  C  CD  . GLN A 1 71  ? -9.438  2.829   9.204   1.00 26.05 ? 70  GLN A CD  1 
ATOM   540  O  OE1 . GLN A 1 71  ? -9.255  1.625   9.374   1.00 27.40 ? 70  GLN A OE1 1 
ATOM   541  N  NE2 . GLN A 1 71  ? -9.835  3.332   8.040   1.00 24.60 ? 70  GLN A NE2 1 
ATOM   542  N  N   . SER A 1 72  ? -7.138  3.956   14.606  1.00 14.33 ? 71  SER A N   1 
ATOM   543  C  CA  . SER A 1 72  ? -6.212  3.558   15.655  1.00 14.04 ? 71  SER A CA  1 
ATOM   544  C  C   . SER A 1 72  ? -5.370  2.319   15.396  1.00 13.76 ? 71  SER A C   1 
ATOM   545  O  O   . SER A 1 72  ? -4.211  2.273   15.802  1.00 13.21 ? 71  SER A O   1 
ATOM   546  C  CB  . SER A 1 72  ? -6.963  3.394   16.977  1.00 19.82 ? 71  SER A CB  1 
ATOM   547  O  OG  . SER A 1 72  ? -7.574  4.616   17.348  1.00 21.99 ? 71  SER A OG  1 
ATOM   548  N  N   . GLN A 1 73  ? -5.929  1.314   14.730  1.00 12.67 ? 72  GLN A N   1 
ATOM   549  C  CA  . GLN A 1 73  ? -5.160  0.101   14.480  1.00 13.48 ? 72  GLN A CA  1 
ATOM   550  C  C   . GLN A 1 73  ? -4.061  0.327   13.446  1.00 12.78 ? 72  GLN A C   1 
ATOM   551  O  O   . GLN A 1 73  ? -3.182  -0.515  13.282  1.00 13.24 ? 72  GLN A O   1 
ATOM   552  C  CB  . GLN A 1 73  ? -6.065  -1.042  14.004  1.00 15.80 ? 72  GLN A CB  1 
ATOM   553  C  CG  . GLN A 1 73  ? -6.446  -0.967  12.541  1.00 20.82 ? 72  GLN A CG  1 
ATOM   554  C  CD  . GLN A 1 73  ? -6.849  -2.316  11.972  1.00 24.27 ? 72  GLN A CD  1 
ATOM   555  O  OE1 . GLN A 1 73  ? -6.129  -3.305  12.117  1.00 26.81 ? 72  GLN A OE1 1 
ATOM   556  N  NE2 . GLN A 1 73  ? -7.992  -2.357  11.306  1.00 27.82 ? 72  GLN A NE2 1 
ATOM   557  N  N   . TYR A 1 74  ? -4.111  1.460   12.751  1.00 13.74 ? 73  TYR A N   1 
ATOM   558  C  CA  . TYR A 1 74  ? -3.119  1.751   11.725  1.00 12.01 ? 73  TYR A CA  1 
ATOM   559  C  C   . TYR A 1 74  ? -2.206  2.929   12.052  1.00 12.81 ? 73  TYR A C   1 
ATOM   560  O  O   . TYR A 1 74  ? -1.581  3.507   11.163  1.00 10.93 ? 73  TYR A O   1 
ATOM   561  C  CB  . TYR A 1 74  ? -3.817  1.983   10.382  1.00 10.31 ? 73  TYR A CB  1 
ATOM   562  C  CG  . TYR A 1 74  ? -4.579  0.765   9.897   1.00 11.16 ? 73  TYR A CG  1 
ATOM   563  C  CD1 . TYR A 1 74  ? -5.968  0.782   9.784   1.00 14.09 ? 73  TYR A CD1 1 
ATOM   564  C  CD2 . TYR A 1 74  ? -3.908  -0.419  9.593   1.00 11.84 ? 73  TYR A CD2 1 
ATOM   565  C  CE1 . TYR A 1 74  ? -6.678  -0.359  9.382   1.00 13.91 ? 73  TYR A CE1 1 
ATOM   566  C  CE2 . TYR A 1 74  ? -4.607  -1.567  9.190   1.00 13.66 ? 73  TYR A CE2 1 
ATOM   567  C  CZ  . TYR A 1 74  ? -5.989  -1.531  9.093   1.00 14.57 ? 73  TYR A CZ  1 
ATOM   568  O  OH  . TYR A 1 74  ? -6.686  -2.677  8.759   1.00 13.33 ? 73  TYR A OH  1 
ATOM   569  N  N   . LYS A 1 75  ? -2.112  3.275   13.331  1.00 12.63 ? 74  LYS A N   1 
ATOM   570  C  CA  . LYS A 1 75  ? -1.256  4.379   13.739  1.00 13.65 ? 74  LYS A CA  1 
ATOM   571  C  C   . LYS A 1 75  ? 0.199   4.140   13.334  1.00 12.96 ? 74  LYS A C   1 
ATOM   572  O  O   . LYS A 1 75  ? 0.871   5.052   12.852  1.00 12.18 ? 74  LYS A O   1 
ATOM   573  C  CB  . LYS A 1 75  ? -1.333  4.582   15.254  1.00 28.44 ? 74  LYS A CB  1 
ATOM   574  C  CG  . LYS A 1 75  ? -2.705  4.996   15.761  1.00 33.57 ? 74  LYS A CG  1 
ATOM   575  C  CD  . LYS A 1 75  ? -2.669  5.339   17.240  1.00 36.11 ? 74  LYS A CD  1 
ATOM   576  C  CE  . LYS A 1 75  ? -2.217  4.157   18.081  1.00 37.84 ? 74  LYS A CE  1 
ATOM   577  N  NZ  . LYS A 1 75  ? -2.140  4.510   19.525  1.00 37.35 ? 74  LYS A NZ  1 
ATOM   578  N  N   . PHE A 1 76  ? 0.675   2.912   13.516  1.00 17.02 ? 75  PHE A N   1 
ATOM   579  C  CA  . PHE A 1 76  ? 2.061   2.587   13.187  1.00 17.37 ? 75  PHE A CA  1 
ATOM   580  C  C   . PHE A 1 76  ? 2.251   1.525   12.105  1.00 16.49 ? 75  PHE A C   1 
ATOM   581  O  O   . PHE A 1 76  ? 3.381   1.165   11.778  1.00 17.23 ? 75  PHE A O   1 
ATOM   582  C  CB  . PHE A 1 76  ? 2.798   2.158   14.454  1.00 16.16 ? 75  PHE A CB  1 
ATOM   583  C  CG  . PHE A 1 76  ? 2.721   3.165   15.567  1.00 17.28 ? 75  PHE A CG  1 
ATOM   584  C  CD1 . PHE A 1 76  ? 1.879   2.956   16.653  1.00 18.05 ? 75  PHE A CD1 1 
ATOM   585  C  CD2 . PHE A 1 76  ? 3.473   4.334   15.518  1.00 19.62 ? 75  PHE A CD2 1 
ATOM   586  C  CE1 . PHE A 1 76  ? 1.788   3.896   17.677  1.00 17.66 ? 75  PHE A CE1 1 
ATOM   587  C  CE2 . PHE A 1 76  ? 3.388   5.283   16.538  1.00 19.58 ? 75  PHE A CE2 1 
ATOM   588  C  CZ  . PHE A 1 76  ? 2.542   5.060   17.617  1.00 19.14 ? 75  PHE A CZ  1 
ATOM   589  N  N   . THR A 1 77  ? 1.153   1.025   11.551  1.00 11.24 ? 76  THR A N   1 
ATOM   590  C  CA  . THR A 1 77  ? 1.223   0.009   10.505  1.00 11.36 ? 76  THR A CA  1 
ATOM   591  C  C   . THR A 1 77  ? 2.119   0.490   9.366   1.00 12.30 ? 76  THR A C   1 
ATOM   592  O  O   . THR A 1 77  ? 1.994   1.619   8.908   1.00 12.27 ? 76  THR A O   1 
ATOM   593  C  CB  . THR A 1 77  ? -0.178  -0.274  9.942   1.00 12.97 ? 76  THR A CB  1 
ATOM   594  O  OG1 . THR A 1 77  ? -1.051  -0.612  11.024  1.00 12.16 ? 76  THR A OG1 1 
ATOM   595  C  CG2 . THR A 1 77  ? -0.140  -1.425  8.929   1.00 12.85 ? 76  THR A CG2 1 
ATOM   596  N  N   . PRO A 1 78  ? 3.049   -0.358  8.906   1.00 12.29 ? 77  PRO A N   1 
ATOM   597  C  CA  . PRO A 1 78  ? 3.916   0.077   7.809   1.00 11.67 ? 77  PRO A CA  1 
ATOM   598  C  C   . PRO A 1 78  ? 3.101   0.312   6.546   1.00 10.66 ? 77  PRO A C   1 
ATOM   599  O  O   . PRO A 1 78  ? 2.215   -0.478  6.201   1.00 9.49  ? 77  PRO A O   1 
ATOM   600  C  CB  . PRO A 1 78  ? 4.899   -1.085  7.665   1.00 15.64 ? 77  PRO A CB  1 
ATOM   601  C  CG  . PRO A 1 78  ? 4.081   -2.259  8.066   1.00 16.65 ? 77  PRO A CG  1 
ATOM   602  C  CD  . PRO A 1 78  ? 3.347   -1.747  9.289   1.00 14.17 ? 77  PRO A CD  1 
ATOM   603  N  N   . ILE A 1 79  ? 3.388   1.413   5.869   1.00 11.27 ? 78  ILE A N   1 
ATOM   604  C  CA  . ILE A 1 79  ? 2.683   1.743   4.647   1.00 12.36 ? 78  ILE A CA  1 
ATOM   605  C  C   . ILE A 1 79  ? 3.693   2.038   3.553   1.00 13.50 ? 78  ILE A C   1 
ATOM   606  O  O   . ILE A 1 79  ? 4.600   2.847   3.732   1.00 15.41 ? 78  ILE A O   1 
ATOM   607  C  CB  . ILE A 1 79  ? 1.756   2.954   4.852   1.00 11.77 ? 78  ILE A CB  1 
ATOM   608  C  CG1 . ILE A 1 79  ? 0.661   2.587   5.858   1.00 11.81 ? 78  ILE A CG1 1 
ATOM   609  C  CG2 . ILE A 1 79  ? 1.150   3.371   3.529   1.00 11.32 ? 78  ILE A CG2 1 
ATOM   610  C  CD1 . ILE A 1 79  ? -0.350  3.687   6.117   1.00 14.40 ? 78  ILE A CD1 1 
ATOM   611  N  N   . LEU A 1 80  ? 3.534   1.366   2.422   1.00 11.66 ? 79  LEU A N   1 
ATOM   612  C  CA  . LEU A 1 80  ? 4.446   1.548   1.307   1.00 12.16 ? 79  LEU A CA  1 
ATOM   613  C  C   . LEU A 1 80  ? 3.765   2.297   0.189   1.00 12.57 ? 79  LEU A C   1 
ATOM   614  O  O   . LEU A 1 80  ? 2.652   1.954   -0.209  1.00 12.19 ? 79  LEU A O   1 
ATOM   615  C  CB  . LEU A 1 80  ? 4.928   0.190   0.793   1.00 16.41 ? 79  LEU A CB  1 
ATOM   616  C  CG  . LEU A 1 80  ? 5.762   -0.624  1.781   1.00 18.29 ? 79  LEU A CG  1 
ATOM   617  C  CD1 . LEU A 1 80  ? 6.075   -1.987  1.190   1.00 20.68 ? 79  LEU A CD1 1 
ATOM   618  C  CD2 . LEU A 1 80  ? 7.043   0.131   2.103   1.00 21.39 ? 79  LEU A CD2 1 
ATOM   619  N  N   . MET A 1 81  ? 4.432   3.331   -0.309  1.00 14.61 ? 80  MET A N   1 
ATOM   620  C  CA  . MET A 1 81  ? 3.892   4.118   -1.398  1.00 15.14 ? 80  MET A CA  1 
ATOM   621  C  C   . MET A 1 81  ? 4.399   3.504   -2.685  1.00 15.27 ? 80  MET A C   1 
ATOM   622  O  O   . MET A 1 81  ? 5.566   3.139   -2.801  1.00 14.58 ? 80  MET A O   1 
ATOM   623  C  CB  . MET A 1 81  ? 4.341   5.576   -1.291  1.00 16.23 ? 80  MET A CB  1 
ATOM   624  C  CG  . MET A 1 81  ? 3.934   6.241   0.011   1.00 19.16 ? 80  MET A CG  1 
ATOM   625  S  SD  . MET A 1 81  ? 2.219   5.894   0.441   1.00 20.47 ? 80  MET A SD  1 
ATOM   626  C  CE  . MET A 1 81  ? 1.349   6.935   -0.723  1.00 20.99 ? 80  MET A CE  1 
ATOM   627  N  N   . LEU A 1 82  ? 3.504   3.396   -3.653  1.00 11.38 ? 81  LEU A N   1 
ATOM   628  C  CA  . LEU A 1 82  ? 3.824   2.804   -4.933  1.00 13.13 ? 81  LEU A CA  1 
ATOM   629  C  C   . LEU A 1 82  ? 3.720   3.899   -5.986  1.00 13.58 ? 81  LEU A C   1 
ATOM   630  O  O   . LEU A 1 82  ? 2.715   4.602   -6.047  1.00 16.04 ? 81  LEU A O   1 
ATOM   631  C  CB  . LEU A 1 82  ? 2.814   1.692   -5.212  1.00 17.43 ? 81  LEU A CB  1 
ATOM   632  C  CG  . LEU A 1 82  ? 3.077   0.690   -6.323  1.00 21.42 ? 81  LEU A CG  1 
ATOM   633  C  CD1 . LEU A 1 82  ? 1.868   -0.231  -6.480  1.00 23.96 ? 81  LEU A CD1 1 
ATOM   634  C  CD2 . LEU A 1 82  ? 3.341   1.432   -7.598  1.00 22.19 ? 81  LEU A CD2 1 
ATOM   635  N  N   . THR A 1 83  ? 4.751   4.047   -6.813  1.00 13.67 ? 82  THR A N   1 
ATOM   636  C  CA  . THR A 1 83  ? 4.721   5.073   -7.850  1.00 13.94 ? 82  THR A CA  1 
ATOM   637  C  C   . THR A 1 83  ? 5.810   4.873   -8.898  1.00 13.86 ? 82  THR A C   1 
ATOM   638  O  O   . THR A 1 83  ? 6.831   4.239   -8.641  1.00 12.35 ? 82  THR A O   1 
ATOM   639  C  CB  . THR A 1 83  ? 4.865   6.488   -7.239  1.00 21.41 ? 82  THR A CB  1 
ATOM   640  O  OG1 . THR A 1 83  ? 4.616   7.474   -8.248  1.00 23.93 ? 82  THR A OG1 1 
ATOM   641  C  CG2 . THR A 1 83  ? 6.265   6.691   -6.678  1.00 22.54 ? 82  THR A CG2 1 
ATOM   642  N  N   . THR A 1 84  ? 5.574   5.416   -10.087 1.00 16.29 ? 83  THR A N   1 
ATOM   643  C  CA  . THR A 1 84  ? 6.525   5.312   -11.188 1.00 18.60 ? 83  THR A CA  1 
ATOM   644  C  C   . THR A 1 84  ? 7.587   6.403   -11.074 1.00 19.49 ? 83  THR A C   1 
ATOM   645  O  O   . THR A 1 84  ? 8.696   6.270   -11.602 1.00 17.26 ? 83  THR A O   1 
ATOM   646  C  CB  . THR A 1 84  ? 5.823   5.477   -12.548 1.00 21.28 ? 83  THR A CB  1 
ATOM   647  O  OG1 . THR A 1 84  ? 4.750   4.535   -12.651 1.00 22.23 ? 83  THR A OG1 1 
ATOM   648  C  CG2 . THR A 1 84  ? 6.804   5.242   -13.684 1.00 21.89 ? 83  THR A CG2 1 
ATOM   649  N  N   . GLU A 1 85  ? 7.248   7.482   -10.381 1.00 21.16 ? 84  GLU A N   1 
ATOM   650  C  CA  . GLU A 1 85  ? 8.186   8.582   -10.229 1.00 25.54 ? 84  GLU A CA  1 
ATOM   651  C  C   . GLU A 1 85  ? 8.301   9.121   -8.819  1.00 26.27 ? 84  GLU A C   1 
ATOM   652  O  O   . GLU A 1 85  ? 7.489   9.937   -8.387  1.00 27.35 ? 84  GLU A O   1 
ATOM   653  C  CB  . GLU A 1 85  ? 7.809   9.734   -11.162 1.00 41.39 ? 84  GLU A CB  1 
ATOM   654  C  CG  . GLU A 1 85  ? 7.961   9.428   -12.638 1.00 45.66 ? 84  GLU A CG  1 
ATOM   655  C  CD  . GLU A 1 85  ? 7.674   10.639  -13.501 1.00 46.49 ? 84  GLU A CD  1 
ATOM   656  O  OE1 . GLU A 1 85  ? 8.328   11.682  -13.295 1.00 46.35 ? 84  GLU A OE1 1 
ATOM   657  O  OE2 . GLU A 1 85  ? 6.795   10.548  -14.384 1.00 47.80 ? 84  GLU A OE2 1 
ATOM   658  N  N   . THR A 1 86  ? 9.310   8.663   -8.095  1.00 26.38 ? 85  THR A N   1 
ATOM   659  C  CA  . THR A 1 86  ? 9.526   9.166   -6.754  1.00 27.63 ? 85  THR A CA  1 
ATOM   660  C  C   . THR A 1 86  ? 10.214  10.510  -6.943  1.00 27.35 ? 85  THR A C   1 
ATOM   661  O  O   . THR A 1 86  ? 10.726  10.809  -8.024  1.00 26.83 ? 85  THR A O   1 
ATOM   662  C  CB  . THR A 1 86  ? 10.445  8.245   -5.934  1.00 39.40 ? 85  THR A CB  1 
ATOM   663  O  OG1 . THR A 1 86  ? 11.674  8.040   -6.642  1.00 41.53 ? 85  THR A OG1 1 
ATOM   664  C  CG2 . THR A 1 86  ? 9.772   6.907   -5.684  1.00 40.32 ? 85  THR A CG2 1 
ATOM   665  N  N   . SER A 1 87  ? 10.106  11.292  -5.925  1.00 22.01 ? 86  SER A N   1 
ATOM   666  C  CA  . SER A 1 87  ? 10.745  12.615  -5.998  1.00 20.99 ? 86  SER A CA  1 
ATOM   667  C  C   . SER A 1 87  ? 11.017  13.073  -4.545  1.00 21.32 ? 86  SER A C   1 
ATOM   668  O  O   . SER A 1 87  ? 10.261  12.742  -3.752  1.00 18.68 ? 86  SER A O   1 
ATOM   669  C  CB  . SER A 1 87  ? 9.845   13.550  -6.816  1.00 25.69 ? 86  SER A CB  1 
ATOM   670  O  OG  . SER A 1 87  ? 8.796   14.032  -6.170  1.00 25.09 ? 86  SER A OG  1 
ATOM   671  N  N   . PRO A 1 88  ? 12.043  13.904  -4.365  1.00 23.77 ? 87  PRO A N   1 
ATOM   672  C  CA  . PRO A 1 88  ? 12.358  14.357  -3.087  1.00 25.10 ? 87  PRO A CA  1 
ATOM   673  C  C   . PRO A 1 88  ? 11.156  14.973  -2.448  1.00 24.42 ? 87  PRO A C   1 
ATOM   674  O  O   . PRO A 1 88  ? 10.938  14.808  -1.375  1.00 25.42 ? 87  PRO A O   1 
ATOM   675  C  CB  . PRO A 1 88  ? 13.517  15.348  -3.386  1.00 37.83 ? 87  PRO A CB  1 
ATOM   676  C  CG  . PRO A 1 88  ? 14.120  14.761  -4.350  1.00 40.14 ? 87  PRO A CG  1 
ATOM   677  C  CD  . PRO A 1 88  ? 13.092  14.317  -5.285  1.00 39.67 ? 87  PRO A CD  1 
ATOM   678  N  N   . GLU A 1 89  ? 10.359  15.568  -3.226  1.00 25.58 ? 88  GLU A N   1 
ATOM   679  C  CA  . GLU A 1 89  ? 9.127   16.262  -2.871  1.00 27.37 ? 88  GLU A CA  1 
ATOM   680  C  C   . GLU A 1 89  ? 8.067   15.273  -2.384  1.00 26.55 ? 88  GLU A C   1 
ATOM   681  O  O   . GLU A 1 89  ? 7.512   15.427  -1.296  1.00 27.23 ? 88  GLU A O   1 
ATOM   682  C  CB  . GLU A 1 89  ? 8.605   17.034  -4.088  1.00 43.27 ? 88  GLU A CB  1 
ATOM   683  C  CG  . GLU A 1 89  ? 7.192   17.581  -3.950  1.00 46.42 ? 88  GLU A CG  1 
ATOM   684  C  CD  . GLU A 1 89  ? 6.958   18.291  -2.631  1.00 47.86 ? 88  GLU A CD  1 
ATOM   685  O  OE1 . GLU A 1 89  ? 7.904   18.922  -2.114  1.00 48.78 ? 88  GLU A OE1 1 
ATOM   686  O  OE2 . GLU A 1 89  ? 5.820   18.226  -2.115  1.00 49.86 ? 88  GLU A OE2 1 
ATOM   687  N  N   . LYS A 1 90  ? 7.787   14.264  -3.199  1.00 22.38 ? 89  LYS A N   1 
ATOM   688  C  CA  . LYS A 1 90  ? 6.799   13.252  -2.839  1.00 21.29 ? 89  LYS A CA  1 
ATOM   689  C  C   . LYS A 1 90  ? 7.192   12.552  -1.549  1.00 19.27 ? 89  LYS A C   1 
ATOM   690  O  O   . LYS A 1 90  ? 6.342   12.231  -0.723  1.00 17.19 ? 89  LYS A O   1 
ATOM   691  C  CB  . LYS A 1 90  ? 6.674   12.210  -3.950  1.00 32.91 ? 89  LYS A CB  1 
ATOM   692  C  CG  . LYS A 1 90  ? 5.915   12.675  -5.172  1.00 35.72 ? 89  LYS A CG  1 
ATOM   693  C  CD  . LYS A 1 90  ? 6.039   11.653  -6.283  1.00 38.53 ? 89  LYS A CD  1 
ATOM   694  C  CE  . LYS A 1 90  ? 4.718   11.446  -6.996  1.00 40.74 ? 89  LYS A CE  1 
ATOM   695  N  NZ  . LYS A 1 90  ? 4.862   10.508  -8.142  1.00 40.41 ? 89  LYS A NZ  1 
ATOM   696  N  N   . LYS A 1 91  ? 8.484   12.302  -1.378  1.00 21.17 ? 90  LYS A N   1 
ATOM   697  C  CA  . LYS A 1 91  ? 8.943   11.624  -0.178  1.00 23.46 ? 90  LYS A CA  1 
ATOM   698  C  C   . LYS A 1 91  ? 8.718   12.470  1.070   1.00 24.28 ? 90  LYS A C   1 
ATOM   699  O  O   . LYS A 1 91  ? 8.544   11.935  2.165   1.00 24.92 ? 90  LYS A O   1 
ATOM   700  C  CB  . LYS A 1 91  ? 10.407  11.215  -0.339  1.00 22.33 ? 90  LYS A CB  1 
ATOM   701  C  CG  . LYS A 1 91  ? 10.555  10.083  -1.347  1.00 24.69 ? 90  LYS A CG  1 
ATOM   702  C  CD  . LYS A 1 91  ? 11.978  9.600   -1.525  1.00 28.70 ? 90  LYS A CD  1 
ATOM   703  C  CE  . LYS A 1 91  ? 12.010  8.449   -2.520  1.00 28.90 ? 90  LYS A CE  1 
ATOM   704  N  NZ  . LYS A 1 91  ? 13.389  7.967   -2.801  1.00 32.50 ? 90  LYS A NZ  1 
ATOM   705  N  N   . GLN A 1 92  ? 8.699   13.789  0.900   1.00 26.96 ? 91  GLN A N   1 
ATOM   706  C  CA  . GLN A 1 92  ? 8.447   14.685  2.021   1.00 28.70 ? 91  GLN A CA  1 
ATOM   707  C  C   . GLN A 1 92  ? 6.970   14.611  2.378   1.00 28.66 ? 91  GLN A C   1 
ATOM   708  O  O   . GLN A 1 92  ? 6.607   14.555  3.551   1.00 28.49 ? 91  GLN A O   1 
ATOM   709  C  CB  . GLN A 1 92  ? 8.802   16.127  1.666   1.00 56.74 ? 91  GLN A CB  1 
ATOM   710  C  CG  . GLN A 1 92  ? 10.283  16.429  1.671   1.00 59.52 ? 91  GLN A CG  1 
ATOM   711  C  CD  . GLN A 1 92  ? 10.559  17.914  1.582   1.00 63.01 ? 91  GLN A CD  1 
ATOM   712  O  OE1 . GLN A 1 92  ? 10.210  18.564  0.596   1.00 63.49 ? 91  GLN A OE1 1 
ATOM   713  N  NE2 . GLN A 1 92  ? 11.183  18.462  2.617   1.00 64.39 ? 91  GLN A NE2 1 
ATOM   714  N  N   . GLU A 1 93  ? 6.123   14.619  1.353   1.00 25.74 ? 92  GLU A N   1 
ATOM   715  C  CA  . GLU A 1 93  ? 4.682   14.538  1.550   1.00 25.92 ? 92  GLU A CA  1 
ATOM   716  C  C   . GLU A 1 93  ? 4.388   13.209  2.236   1.00 24.27 ? 92  GLU A C   1 
ATOM   717  O  O   . GLU A 1 93  ? 3.534   13.125  3.116   1.00 20.66 ? 92  GLU A O   1 
ATOM   718  C  CB  . GLU A 1 93  ? 3.956   14.592  0.206   1.00 36.31 ? 92  GLU A CB  1 
ATOM   719  C  CG  . GLU A 1 93  ? 4.361   15.752  -0.682  1.00 40.04 ? 92  GLU A CG  1 
ATOM   720  C  CD  . GLU A 1 93  ? 3.665   15.717  -2.029  1.00 41.43 ? 92  GLU A CD  1 
ATOM   721  O  OE1 . GLU A 1 93  ? 2.438   15.942  -2.074  1.00 42.96 ? 92  GLU A OE1 1 
ATOM   722  O  OE2 . GLU A 1 93  ? 4.347   15.456  -3.042  1.00 42.55 ? 92  GLU A OE2 1 
ATOM   723  N  N   . GLY A 1 94  ? 5.112   12.176  1.817   1.00 24.74 ? 93  GLY A N   1 
ATOM   724  C  CA  . GLY A 1 94  ? 4.934   10.860  2.398   1.00 24.37 ? 93  GLY A CA  1 
ATOM   725  C  C   . GLY A 1 94  ? 5.295   10.863  3.870   1.00 24.77 ? 93  GLY A C   1 
ATOM   726  O  O   . GLY A 1 94  ? 4.802   10.035  4.634   1.00 24.44 ? 93  GLY A O   1 
ATOM   727  N  N   . LYS A 1 95  ? 6.156   11.793  4.277   1.00 26.72 ? 94  LYS A N   1 
ATOM   728  C  CA  . LYS A 1 95  ? 6.562   11.875  5.677   1.00 26.54 ? 94  LYS A CA  1 
ATOM   729  C  C   . LYS A 1 95  ? 5.526   12.635  6.492   1.00 26.70 ? 94  LYS A C   1 
ATOM   730  O  O   . LYS A 1 95  ? 5.288   12.326  7.658   1.00 28.31 ? 94  LYS A O   1 
ATOM   731  C  CB  . LYS A 1 95  ? 7.922   12.567  5.812   1.00 55.27 ? 94  LYS A CB  1 
ATOM   732  C  CG  . LYS A 1 95  ? 8.974   11.707  6.502   1.00 58.00 ? 94  LYS A CG  1 
ATOM   733  C  CD  . LYS A 1 95  ? 9.953   12.531  7.332   1.00 58.19 ? 94  LYS A CD  1 
ATOM   734  C  CE  . LYS A 1 95  ? 10.852  13.415  6.478   1.00 58.86 ? 94  LYS A CE  1 
ATOM   735  N  NZ  . LYS A 1 95  ? 10.107  14.485  5.762   1.00 59.88 ? 94  LYS A NZ  1 
ATOM   736  N  N   . ALA A 1 96  ? 4.911   13.634  5.873   1.00 26.74 ? 95  ALA A N   1 
ATOM   737  C  CA  . ALA A 1 96  ? 3.896   14.425  6.552   1.00 26.62 ? 95  ALA A CA  1 
ATOM   738  C  C   . ALA A 1 96  ? 2.658   13.579  6.831   1.00 27.25 ? 95  ALA A C   1 
ATOM   739  O  O   . ALA A 1 96  ? 1.925   13.840  7.787   1.00 27.82 ? 95  ALA A O   1 
ATOM   740  C  CB  . ALA A 1 96  ? 3.524   15.631  5.706   1.00 25.12 ? 95  ALA A CB  1 
ATOM   741  N  N   . VAL A 1 97  ? 2.431   12.506  5.999   1.00 23.61 ? 96  VAL A N   1 
ATOM   742  C  CA  . VAL A 1 97  ? 1.278   11.630  6.159   1.00 23.18 ? 96  VAL A CA  1 
ATOM   743  C  C   . VAL A 1 97  ? 1.662   10.370  6.922   1.00 22.34 ? 96  VAL A C   1 
ATOM   744  O  O   . VAL A 1 97  ? 0.897   9.778   7.408   1.00 21.86 ? 96  VAL A O   1 
ATOM   745  C  CB  . VAL A 1 97  ? 0.597   11.340  4.782   1.00 24.18 ? 96  VAL A CB  1 
ATOM   746  C  CG1 . VAL A 1 97  ? 0.525   12.502  4.155   1.00 25.34 ? 96  VAL A CG1 1 
ATOM   747  C  CG2 . VAL A 1 97  ? 1.355   10.620  4.018   1.00 25.18 ? 96  VAL A CG2 1 
ATOM   748  N  N   . GLY A 1 98  ? 2.889   10.104  7.050   1.00 28.89 ? 97  GLY A N   1 
ATOM   749  C  CA  . GLY A 1 98  ? 3.282   8.925   7.804   1.00 29.87 ? 97  GLY A CA  1 
ATOM   750  C  C   . GLY A 1 98  ? 3.687   7.714   6.993   1.00 30.08 ? 97  GLY A C   1 
ATOM   751  O  O   . GLY A 1 98  ? 3.754   6.608   7.524   1.00 30.53 ? 97  GLY A O   1 
ATOM   752  N  N   . ALA A 1 99  ? 3.905   7.820   5.708   1.00 28.21 ? 98  ALA A N   1 
ATOM   753  C  CA  . ALA A 1 99  ? 4.331   6.727   4.946   1.00 27.41 ? 98  ALA A CA  1 
ATOM   754  C  C   . ALA A 1 99  ? 5.601   6.146   5.505   1.00 27.56 ? 98  ALA A C   1 
ATOM   755  O  O   . ALA A 1 99  ? 6.346   6.828   6.152   1.00 26.99 ? 98  ALA A O   1 
ATOM   756  C  CB  . ALA A 1 99  ? 4.617   7.083   3.568   1.00 35.66 ? 98  ALA A CB  1 
ATOM   757  N  N   . THR A 1 100 ? 5.769   4.876   5.231   1.00 26.23 ? 99  THR A N   1 
ATOM   758  C  CA  . THR A 1 100 ? 6.910   4.147   5.769   1.00 24.49 ? 99  THR A CA  1 
ATOM   759  C  C   . THR A 1 100 ? 8.022   3.918   4.756   1.00 24.58 ? 99  THR A C   1 
ATOM   760  O  O   . THR A 1 100 ? 9.204   4.037   5.083   1.00 24.53 ? 99  THR A O   1 
ATOM   761  C  CB  . THR A 1 100 ? 6.461   2.788   6.326   1.00 22.76 ? 99  THR A CB  1 
ATOM   762  O  OG1 . THR A 1 100 ? 5.409   2.994   7.278   1.00 20.99 ? 99  THR A OG1 1 
ATOM   763  C  CG2 . THR A 1 100 ? 7.620   2.071   6.996   1.00 22.20 ? 99  THR A CG2 1 
ATOM   764  N  N   . GLY A 1 101 ? 7.636   3.591   3.526   1.00 20.57 ? 100 GLY A N   1 
ATOM   765  C  CA  . GLY A 1 101 ? 8.620   3.337   2.491   1.00 18.58 ? 100 GLY A CA  1 
ATOM   766  C  C   . GLY A 1 101 ? 8.074   3.540   1.092   1.00 16.82 ? 100 GLY A C   1 
ATOM   767  O  O   . GLY A 1 101 ? 6.906   3.887   0.914   1.00 13.42 ? 100 GLY A O   1 
ATOM   768  N  N   . TRP A 1 102 ? 8.925   3.299   0.101   1.00 16.86 ? 101 TRP A N   1 
ATOM   769  C  CA  . TRP A 1 102 ? 8.561   3.479   -1.295  1.00 16.19 ? 101 TRP A CA  1 
ATOM   770  C  C   . TRP A 1 102 ? 8.864   2.274   -2.182  1.00 16.80 ? 101 TRP A C   1 
ATOM   771  O  O   . TRP A 1 102 ? 9.843   1.562   -1.969  1.00 17.33 ? 101 TRP A O   1 
ATOM   772  C  CB  . TRP A 1 102 ? 9.286   4.710   -1.852  1.00 14.42 ? 101 TRP A CB  1 
ATOM   773  C  CG  . TRP A 1 102 ? 8.789   5.986   -1.265  1.00 15.85 ? 101 TRP A CG  1 
ATOM   774  C  CD1 . TRP A 1 102 ? 9.119   6.520   -0.048  1.00 15.01 ? 101 TRP A CD1 1 
ATOM   775  C  CD2 . TRP A 1 102 ? 7.791   6.845   -1.822  1.00 14.30 ? 101 TRP A CD2 1 
ATOM   776  N  NE1 . TRP A 1 102 ? 8.380   7.654   0.186   1.00 14.92 ? 101 TRP A NE1 1 
ATOM   777  C  CE2 . TRP A 1 102 ? 7.555   7.875   -0.886  1.00 15.88 ? 101 TRP A CE2 1 
ATOM   778  C  CE3 . TRP A 1 102 ? 7.065   6.839   -3.020  1.00 15.53 ? 101 TRP A CE3 1 
ATOM   779  C  CZ2 . TRP A 1 102 ? 6.628   8.892   -1.112  1.00 14.47 ? 101 TRP A CZ2 1 
ATOM   780  C  CZ3 . TRP A 1 102 ? 6.140   7.851   -3.245  1.00 15.53 ? 101 TRP A CZ3 1 
ATOM   781  C  CH2 . TRP A 1 102 ? 5.930   8.863   -2.293  1.00 16.73 ? 101 TRP A CH2 1 
ATOM   782  N  N   . LEU A 1 103 ? 8.009   2.054   -3.177  1.00 12.20 ? 102 LEU A N   1 
ATOM   783  C  CA  . LEU A 1 103 ? 8.190   0.966   -4.132  1.00 13.07 ? 102 LEU A CA  1 
ATOM   784  C  C   . LEU A 1 103 ? 8.008   1.571   -5.524  1.00 12.49 ? 102 LEU A C   1 
ATOM   785  O  O   . LEU A 1 103 ? 6.949   2.116   -5.836  1.00 10.93 ? 102 LEU A O   1 
ATOM   786  C  CB  . LEU A 1 103 ? 7.157   -0.146  -3.906  1.00 23.36 ? 102 LEU A CB  1 
ATOM   787  C  CG  . LEU A 1 103 ? 7.446   -1.492  -4.587  1.00 27.50 ? 102 LEU A CG  1 
ATOM   788  C  CD1 . LEU A 1 103 ? 6.362   -2.499  -4.224  1.00 26.69 ? 102 LEU A CD1 1 
ATOM   789  C  CD2 . LEU A 1 103 ? 7.521   -1.316  -6.093  1.00 28.19 ? 102 LEU A CD2 1 
ATOM   790  N  N   . VAL A 1 104 ? 9.038   1.472   -6.356  1.00 14.47 ? 103 VAL A N   1 
ATOM   791  C  CA  . VAL A 1 104 ? 8.985   2.034   -7.701  1.00 15.05 ? 103 VAL A CA  1 
ATOM   792  C  C   . VAL A 1 104 ? 8.314   1.150   -8.749  1.00 16.96 ? 103 VAL A C   1 
ATOM   793  O  O   . VAL A 1 104 ? 8.601   -0.044  -8.855  1.00 17.35 ? 103 VAL A O   1 
ATOM   794  C  CB  . VAL A 1 104 ? 10.405  2.396   -8.207  1.00 18.78 ? 103 VAL A CB  1 
ATOM   795  C  CG1 . VAL A 1 104 ? 10.335  2.911   -9.647  1.00 18.03 ? 103 VAL A CG1 1 
ATOM   796  C  CG2 . VAL A 1 104 ? 11.028  3.450   -7.300  1.00 19.66 ? 103 VAL A CG2 1 
ATOM   797  N  N   . LYS A 1 105 ? 7.413   1.765   -9.510  1.00 13.58 ? 104 LYS A N   1 
ATOM   798  C  CA  . LYS A 1 105 ? 6.678   1.122   -10.601 1.00 16.41 ? 104 LYS A CA  1 
ATOM   799  C  C   . LYS A 1 105 ? 7.502   1.335   -11.875 1.00 16.26 ? 104 LYS A C   1 
ATOM   800  O  O   . LYS A 1 105 ? 7.991   2.432   -12.109 1.00 17.45 ? 104 LYS A O   1 
ATOM   801  C  CB  . LYS A 1 105 ? 5.338   1.833   -10.798 1.00 23.22 ? 104 LYS A CB  1 
ATOM   802  C  CG  . LYS A 1 105 ? 4.090   1.030   -10.572 1.00 26.21 ? 104 LYS A CG  1 
ATOM   803  C  CD  . LYS A 1 105 ? 2.887   1.943   -10.785 1.00 30.78 ? 104 LYS A CD  1 
ATOM   804  C  CE  . LYS A 1 105 ? 1.599   1.327   -10.286 1.00 31.40 ? 104 LYS A CE  1 
ATOM   805  N  NZ  . LYS A 1 105 ? 0.451   2.266   -10.413 1.00 33.72 ? 104 LYS A NZ  1 
ATOM   806  N  N   . PRO A 1 106 ? 7.673   0.293   -12.707 1.00 17.06 ? 105 PRO A N   1 
ATOM   807  C  CA  . PRO A 1 106 ? 7.173   -1.066  -12.517 1.00 18.85 ? 105 PRO A CA  1 
ATOM   808  C  C   . PRO A 1 106 ? 8.194   -1.802  -11.676 1.00 19.77 ? 105 PRO A C   1 
ATOM   809  O  O   . PRO A 1 106 ? 9.386   -1.505  -11.736 1.00 21.65 ? 105 PRO A O   1 
ATOM   810  C  CB  . PRO A 1 106 ? 7.108   -1.606  -13.938 1.00 24.03 ? 105 PRO A CB  1 
ATOM   811  C  CG  . PRO A 1 106 ? 8.307   -0.989  -14.554 1.00 21.83 ? 105 PRO A CG  1 
ATOM   812  C  CD  . PRO A 1 106 ? 8.227   0.447   -14.062 1.00 23.67 ? 105 PRO A CD  1 
ATOM   813  N  N   . PHE A 1 107 ? 7.726   -2.752  -10.885 1.00 21.33 ? 106 PHE A N   1 
ATOM   814  C  CA  . PHE A 1 107 ? 8.609   -3.526  -10.033 1.00 22.32 ? 106 PHE A CA  1 
ATOM   815  C  C   . PHE A 1 107 ? 8.549   -4.979  -10.462 1.00 22.29 ? 106 PHE A C   1 
ATOM   816  O  O   . PHE A 1 107 ? 7.534   -5.432  -10.975 1.00 21.30 ? 106 PHE A O   1 
ATOM   817  C  CB  . PHE A 1 107 ? 8.152   -3.424  -8.578  1.00 32.48 ? 106 PHE A CB  1 
ATOM   818  C  CG  . PHE A 1 107 ? 6.706   -3.788  -8.374  1.00 33.81 ? 106 PHE A CG  1 
ATOM   819  C  CD1 . PHE A 1 107 ? 5.717   -2.808  -8.400  1.00 34.55 ? 106 PHE A CD1 1 
ATOM   820  C  CD2 . PHE A 1 107 ? 6.328   -5.114  -8.192  1.00 34.72 ? 106 PHE A CD2 1 
ATOM   821  C  CE1 . PHE A 1 107 ? 4.375   -3.145  -8.247  1.00 33.88 ? 106 PHE A CE1 1 
ATOM   822  C  CE2 . PHE A 1 107 ? 4.990   -5.460  -8.039  1.00 35.24 ? 106 PHE A CE2 1 
ATOM   823  C  CZ  . PHE A 1 107 ? 4.012   -4.474  -8.067  1.00 34.72 ? 106 PHE A CZ  1 
ATOM   824  N  N   . ASN A 1 108 ? 9.645   -5.670  -10.298 1.00 29.27 ? 107 ASN A N   1 
ATOM   825  C  CA  . ASN A 1 108 ? 9.561   -7.096  -10.603 1.00 31.27 ? 107 ASN A CA  1 
ATOM   826  C  C   . ASN A 1 108 ? 9.232   -7.815  -9.255  1.00 29.88 ? 107 ASN A C   1 
ATOM   827  O  O   . ASN A 1 108 ? 9.477   -7.299  -8.344  1.00 30.10 ? 107 ASN A O   1 
ATOM   828  C  CB  . ASN A 1 108 ? 10.802  -7.562  -11.201 1.00 49.52 ? 107 ASN A CB  1 
ATOM   829  C  CG  . ASN A 1 108 ? 11.989  -7.185  -10.446 1.00 51.13 ? 107 ASN A CG  1 
ATOM   830  O  OD1 . ASN A 1 108 ? 12.010  -7.180  -9.239  1.00 53.60 ? 107 ASN A OD1 1 
ATOM   831  N  ND2 . ASN A 1 108 ? 13.050  -7.004  -11.170 1.00 53.68 ? 107 ASN A ND2 1 
ATOM   832  N  N   . PRO A 1 109 ? 8.690   -8.982  -9.321  1.00 22.50 ? 108 PRO A N   1 
ATOM   833  C  CA  . PRO A 1 109 ? 8.285   -9.665  -8.091  1.00 21.35 ? 108 PRO A CA  1 
ATOM   834  C  C   . PRO A 1 109 ? 9.295   -9.599  -6.940  1.00 21.18 ? 108 PRO A C   1 
ATOM   835  O  O   . PRO A 1 109 ? 8.927   -9.338  -5.795  1.00 18.72 ? 108 PRO A O   1 
ATOM   836  C  CB  . PRO A 1 109 ? 8.038   -11.093 -8.564  1.00 29.40 ? 108 PRO A CB  1 
ATOM   837  C  CG  . PRO A 1 109 ? 7.500   -10.880 -9.950  1.00 29.98 ? 108 PRO A CG  1 
ATOM   838  C  CD  . PRO A 1 109 ? 8.435   -9.829  -10.502 1.00 30.18 ? 108 PRO A CD  1 
ATOM   839  N  N   . GLU A 1 110 ? 10.567  -9.825  -7.254  1.00 19.68 ? 109 GLU A N   1 
ATOM   840  C  CA  . GLU A 1 110 ? 11.632  -9.825  -6.257  1.00 20.71 ? 109 GLU A CA  1 
ATOM   841  C  C   . GLU A 1 110 ? 11.744  -8.555  -5.417  1.00 19.75 ? 109 GLU A C   1 
ATOM   842  O  O   . GLU A 1 110 ? 11.847  -8.617  -4.192  1.00 19.32 ? 109 GLU A O   1 
ATOM   843  C  CB  . GLU A 1 110 ? 12.973  -10.100 -6.941  1.00 54.71 ? 109 GLU A CB  1 
ATOM   844  C  CG  . GLU A 1 110 ? 14.158  -10.164 -5.994  1.00 59.29 ? 109 GLU A CG  1 
ATOM   845  C  CD  . GLU A 1 110 ? 15.457  -10.467 -6.713  1.00 62.89 ? 109 GLU A CD  1 
ATOM   846  O  OE1 . GLU A 1 110 ? 15.536  -11.524 -7.374  1.00 63.82 ? 109 GLU A OE1 1 
ATOM   847  O  OE2 . GLU A 1 110 ? 16.398  -9.651  -6.618  1.00 63.47 ? 109 GLU A OE2 1 
ATOM   848  N  N   . THR A 1 111 ? 11.739  -7.404  -6.076  1.00 21.59 ? 110 THR A N   1 
ATOM   849  C  CA  . THR A 1 111 ? 11.853  -6.137  -5.372  1.00 18.93 ? 110 THR A CA  1 
ATOM   850  C  C   . THR A 1 111 ? 10.644  -5.880  -4.472  1.00 17.22 ? 110 THR A C   1 
ATOM   851  O  O   . THR A 1 111 ? 10.784  -5.353  -3.369  1.00 15.41 ? 110 THR A O   1 
ATOM   852  C  CB  . THR A 1 111 ? 12.012  -4.977  -6.363  1.00 24.81 ? 110 THR A CB  1 
ATOM   853  O  OG1 . THR A 1 111 ? 13.153  -5.226  -7.195  1.00 25.60 ? 110 THR A OG1 1 
ATOM   854  C  CG2 . THR A 1 111 ? 12.212  -3.666  -5.620  1.00 24.18 ? 110 THR A CG2 1 
ATOM   855  N  N   . LEU A 1 112 ? 9.461   -6.255  -4.945  1.00 14.42 ? 111 LEU A N   1 
ATOM   856  C  CA  . LEU A 1 112 ? 8.240   -6.068  -4.164  1.00 13.59 ? 111 LEU A CA  1 
ATOM   857  C  C   . LEU A 1 112 ? 8.372   -6.860  -2.866  1.00 12.18 ? 111 LEU A C   1 
ATOM   858  O  O   . LEU A 1 112 ? 8.132   -6.344  -1.774  1.00 12.05 ? 111 LEU A O   1 
ATOM   859  C  CB  . LEU A 1 112 ? 7.026   -6.581  -4.940  1.00 18.11 ? 111 LEU A CB  1 
ATOM   860  C  CG  . LEU A 1 112 ? 5.601   -6.196  -4.508  1.00 21.30 ? 111 LEU A CG  1 
ATOM   861  C  CD1 . LEU A 1 112 ? 4.665   -7.326  -4.901  1.00 21.36 ? 111 LEU A CD1 1 
ATOM   862  C  CD2 . LEU A 1 112 ? 5.505   -5.937  -3.017  1.00 22.34 ? 111 LEU A CD2 1 
ATOM   863  N  N   . LEU A 1 113 ? 8.763   -8.120  -2.996  1.00 14.54 ? 112 LEU A N   1 
ATOM   864  C  CA  . LEU A 1 113 ? 8.912   -8.988  -1.837  1.00 14.42 ? 112 LEU A CA  1 
ATOM   865  C  C   . LEU A 1 113 ? 9.936   -8.468  -0.834  1.00 14.08 ? 112 LEU A C   1 
ATOM   866  O  O   . LEU A 1 113 ? 9.656   -8.397  0.359   1.00 11.72 ? 112 LEU A O   1 
ATOM   867  C  CB  . LEU A 1 113 ? 9.277   -10.403 -2.295  1.00 13.69 ? 112 LEU A CB  1 
ATOM   868  C  CG  . LEU A 1 113 ? 8.200   -11.080 -3.149  1.00 12.94 ? 112 LEU A CG  1 
ATOM   869  C  CD1 . LEU A 1 113 ? 8.707   -12.424 -3.661  1.00 16.42 ? 112 LEU A CD1 1 
ATOM   870  C  CD2 . LEU A 1 113 ? 6.934   -11.257 -2.321  1.00 11.08 ? 112 LEU A CD2 1 
ATOM   871  N  N   . LYS A 1 114 ? 11.117  -8.090  -1.309  1.00 14.64 ? 113 LYS A N   1 
ATOM   872  C  CA  . LYS A 1 114 ? 12.145  -7.576  -0.410  1.00 15.67 ? 113 LYS A CA  1 
ATOM   873  C  C   . LYS A 1 114 ? 11.730  -6.269  0.257   1.00 14.31 ? 113 LYS A C   1 
ATOM   874  O  O   . LYS A 1 114 ? 12.102  -5.997  1.395   1.00 13.72 ? 113 LYS A O   1 
ATOM   875  C  CB  . LYS A 1 114 ? 13.463  -7.381  -1.166  1.00 22.73 ? 113 LYS A CB  1 
ATOM   876  C  CG  . LYS A 1 114 ? 14.134  -8.688  -1.550  1.00 24.81 ? 113 LYS A CG  1 
ATOM   877  C  CD  . LYS A 1 114 ? 15.480  -8.456  -2.210  1.00 28.93 ? 113 LYS A CD  1 
ATOM   878  C  CE  . LYS A 1 114 ? 16.216  -9.769  -2.427  1.00 29.20 ? 113 LYS A CE  1 
ATOM   879  N  NZ  . LYS A 1 114 ? 15.443  -10.704 -3.293  1.00 32.44 ? 113 LYS A NZ  1 
ATOM   880  N  N   . THR A 1 115 ? 10.955  -5.453  -0.444  1.00 14.94 ? 114 THR A N   1 
ATOM   881  C  CA  . THR A 1 115 ? 10.525  -4.190  0.133   1.00 14.44 ? 114 THR A CA  1 
ATOM   882  C  C   . THR A 1 115 ? 9.564   -4.428  1.296   1.00 13.54 ? 114 THR A C   1 
ATOM   883  O  O   . THR A 1 115 ? 9.672   -3.783  2.337   1.00 12.70 ? 114 THR A O   1 
ATOM   884  C  CB  . THR A 1 115 ? 9.856   -3.295  -0.925  1.00 20.00 ? 114 THR A CB  1 
ATOM   885  O  OG1 . THR A 1 115 ? 10.779  -3.061  -1.998  1.00 19.49 ? 114 THR A OG1 1 
ATOM   886  C  CG2 . THR A 1 115 ? 9.459   -1.960  -0.319  1.00 19.69 ? 114 THR A CG2 1 
ATOM   887  N  N   . LEU A 1 116 ? 8.625   -5.354  1.127   1.00 15.89 ? 115 LEU A N   1 
ATOM   888  C  CA  . LEU A 1 116 ? 7.677   -5.645  2.199   1.00 17.05 ? 115 LEU A CA  1 
ATOM   889  C  C   . LEU A 1 116 ? 8.399   -6.152  3.440   1.00 17.50 ? 115 LEU A C   1 
ATOM   890  O  O   . LEU A 1 116 ? 8.071   -5.771  4.562   1.00 19.20 ? 115 LEU A O   1 
ATOM   891  C  CB  . LEU A 1 116 ? 6.648   -6.688  1.752   1.00 21.12 ? 115 LEU A CB  1 
ATOM   892  C  CG  . LEU A 1 116 ? 5.479   -6.198  0.895   1.00 22.26 ? 115 LEU A CG  1 
ATOM   893  C  CD1 . LEU A 1 116 ? 4.543   -7.366  0.609   1.00 23.09 ? 115 LEU A CD1 1 
ATOM   894  C  CD2 . LEU A 1 116 ? 4.727   -5.095  1.631   1.00 23.34 ? 115 LEU A CD2 1 
ATOM   895  N  N   . GLN A 1 117 ? 9.399   -7.000  3.229   1.00 18.81 ? 116 GLN A N   1 
ATOM   896  C  CA  . GLN A 1 117 ? 10.161  -7.574  4.329   1.00 20.81 ? 116 GLN A CA  1 
ATOM   897  C  C   . GLN A 1 117 ? 10.886  -6.536  5.171   1.00 22.44 ? 116 GLN A C   1 
ATOM   898  O  O   . GLN A 1 117 ? 11.037  -6.704  6.382   1.00 24.64 ? 116 GLN A O   1 
ATOM   899  C  CB  . GLN A 1 117 ? 11.177  -8.573  3.783   1.00 23.12 ? 116 GLN A CB  1 
ATOM   900  C  CG  . GLN A 1 117 ? 10.574  -9.560  2.817   1.00 19.14 ? 116 GLN A CG  1 
ATOM   901  C  CD  . GLN A 1 117 ? 11.577  -10.572 2.325   1.00 19.38 ? 116 GLN A CD  1 
ATOM   902  O  OE1 . GLN A 1 117 ? 12.668  -10.220 1.872   1.00 13.79 ? 116 GLN A OE1 1 
ATOM   903  N  NE2 . GLN A 1 117 ? 11.209  -11.840 2.406   1.00 16.13 ? 116 GLN A NE2 1 
ATOM   904  N  N   . ARG A 1 118 ? 11.341  -5.467  4.531   1.00 19.63 ? 117 ARG A N   1 
ATOM   905  C  CA  . ARG A 1 118 ? 12.064  -4.420  5.235   1.00 23.50 ? 117 ARG A CA  1 
ATOM   906  C  C   . ARG A 1 118 ? 11.181  -3.632  6.197   1.00 24.51 ? 117 ARG A C   1 
ATOM   907  O  O   . ARG A 1 118 ? 11.658  -3.138  7.217   1.00 23.93 ? 117 ARG A O   1 
ATOM   908  C  CB  . ARG A 1 118 ? 12.733  -3.481  4.222   1.00 43.45 ? 117 ARG A CB  1 
ATOM   909  C  CG  . ARG A 1 118 ? 12.351  -2.015  4.335   1.00 48.48 ? 117 ARG A CG  1 
ATOM   910  C  CD  . ARG A 1 118 ? 13.586  -1.143  4.499   1.00 51.43 ? 117 ARG A CD  1 
ATOM   911  N  NE  . ARG A 1 118 ? 13.500  0.087   3.716   1.00 53.23 ? 117 ARG A NE  1 
ATOM   912  C  CZ  . ARG A 1 118 ? 14.407  1.057   3.746   1.00 55.18 ? 117 ARG A CZ  1 
ATOM   913  N  NH1 . ARG A 1 118 ? 15.474  0.947   4.526   1.00 55.60 ? 117 ARG A NH1 1 
ATOM   914  N  NH2 . ARG A 1 118 ? 14.254  2.136   2.990   1.00 55.61 ? 117 ARG A NH2 1 
ATOM   915  N  N   . VAL A 1 119 ? 9.895   -3.516  5.877   1.00 31.63 ? 118 VAL A N   1 
ATOM   916  C  CA  . VAL A 1 119 ? 8.970   -2.786  6.739   1.00 33.22 ? 118 VAL A CA  1 
ATOM   917  C  C   . VAL A 1 119 ? 8.258   -3.735  7.698   1.00 34.73 ? 118 VAL A C   1 
ATOM   918  O  O   . VAL A 1 119 ? 7.625   -3.302  8.661   1.00 35.22 ? 118 VAL A O   1 
ATOM   919  C  CB  . VAL A 1 119 ? 7.911   -2.023  5.917   1.00 30.13 ? 118 VAL A CB  1 
ATOM   920  C  CG1 . VAL A 1 119 ? 8.593   -1.106  4.925   1.00 29.57 ? 118 VAL A CG1 1 
ATOM   921  C  CG2 . VAL A 1 119 ? 6.995   -3.003  5.203   1.00 28.21 ? 118 VAL A CG2 1 
ATOM   922  N  N   . LEU A 1 120 ? 8.367   -5.032  7.426   1.00 38.69 ? 119 LEU A N   1 
ATOM   923  C  CA  . LEU A 1 120 ? 7.745   -6.049  8.263   1.00 40.94 ? 119 LEU A CA  1 
ATOM   924  C  C   . LEU A 1 120 ? 8.785   -6.759  9.122   1.00 41.51 ? 119 LEU A C   1 
ATOM   925  O  O   . LEU A 1 120 ? 9.313   -7.802  8.740   1.00 43.41 ? 119 LEU A O   1 
ATOM   926  C  CB  . LEU A 1 120 ? 7.003   -7.067  7.391   1.00 29.14 ? 119 LEU A CB  1 
ATOM   927  C  CG  . LEU A 1 120 ? 5.652   -6.608  6.836   1.00 29.72 ? 119 LEU A CG  1 
ATOM   928  C  CD1 . LEU A 1 120 ? 5.203   -7.536  5.722   1.00 30.24 ? 119 LEU A CD1 1 
ATOM   929  C  CD2 . LEU A 1 120 ? 4.627   -6.574  7.963   1.00 28.92 ? 119 LEU A CD2 1 
ATOM   930  O  OXT . LEU A 1 120 ? 9.088   -6.209  10.201  1.00 20.32 ? 119 LEU A OXT 1 
HETATM 931  CA CA  . CA  B 2 .   ? -2.554  4.805   -10.350 1.00 26.09 ? 201 CA  A CA  1 
HETATM 932  S  S   . SO4 C 3 .   ? 1.566   6.357   -10.147 1.00 34.15 ? 202 SO4 A S   1 
HETATM 933  O  O1  . SO4 C 3 .   ? 2.960   5.946   -10.394 1.00 34.18 ? 202 SO4 A O1  1 
HETATM 934  O  O2  . SO4 C 3 .   ? 1.147   7.322   -11.183 1.00 31.56 ? 202 SO4 A O2  1 
HETATM 935  O  O3  . SO4 C 3 .   ? 1.466   6.989   -8.817  1.00 33.08 ? 202 SO4 A O3  1 
HETATM 936  O  O4  . SO4 C 3 .   ? 0.691   5.174   -10.203 1.00 32.71 ? 202 SO4 A O4  1 
HETATM 937  O  O   . HOH D 4 .   ? -11.422 7.026   -3.391  1.00 0.27  ? 301 HOH A O   1 
HETATM 938  O  O   . HOH D 4 .   ? -8.578  -9.062  -5.078  1.00 1.89  ? 302 HOH A O   1 
HETATM 939  O  O   . HOH D 4 .   ? -11.899 -8.588  -0.067  1.00 8.10  ? 303 HOH A O   1 
HETATM 940  O  O   . HOH D 4 .   ? 7.845   -10.289 1.078   1.00 11.50 ? 304 HOH A O   1 
HETATM 941  O  O   . HOH D 4 .   ? -20.590 -5.043  4.556   1.00 28.31 ? 305 HOH A O   1 
HETATM 942  O  O   . HOH D 4 .   ? -9.767  -4.904  -6.117  1.00 9.89  ? 306 HOH A O   1 
HETATM 943  O  O   . HOH D 4 .   ? 5.512   -14.709 -5.758  1.00 13.82 ? 307 HOH A O   1 
HETATM 944  O  O   . HOH D 4 .   ? -0.609  0.469   14.101  1.00 14.28 ? 308 HOH A O   1 
HETATM 945  O  O   . HOH D 4 .   ? -4.612  -12.664 -7.405  1.00 21.11 ? 309 HOH A O   1 
HETATM 946  O  O   . HOH D 4 .   ? -7.522  12.038  3.959   1.00 26.23 ? 310 HOH A O   1 
HETATM 947  O  O   . HOH D 4 .   ? -12.105 5.479   -7.437  1.00 18.86 ? 311 HOH A O   1 
HETATM 948  O  O   . HOH D 4 .   ? 9.807   4.100   -12.795 1.00 17.77 ? 312 HOH A O   1 
HETATM 949  O  O   . HOH D 4 .   ? -16.091 -1.153  6.437   1.00 21.57 ? 313 HOH A O   1 
HETATM 950  O  O   . HOH D 4 .   ? -8.111  6.254   -4.576  1.00 15.51 ? 314 HOH A O   1 
HETATM 951  O  O   . HOH D 4 .   ? -7.206  -1.061  -14.867 1.00 18.71 ? 315 HOH A O   1 
HETATM 952  O  O   . HOH D 4 .   ? -6.107  -9.919  -3.550  1.00 14.56 ? 316 HOH A O   1 
HETATM 953  O  O   . HOH D 4 .   ? -14.982 1.448   -5.160  1.00 28.20 ? 317 HOH A O   1 
HETATM 954  O  O   . HOH D 4 .   ? -3.286  -3.077  11.990  1.00 30.45 ? 318 HOH A O   1 
HETATM 955  O  O   . HOH D 4 .   ? 14.256  -12.350 0.773   1.00 19.37 ? 319 HOH A O   1 
HETATM 956  O  O   . HOH D 4 .   ? 4.563   -12.902 -9.843  1.00 31.00 ? 320 HOH A O   1 
HETATM 957  O  O   . HOH D 4 .   ? -1.347  -8.145  -14.238 1.00 27.30 ? 321 HOH A O   1 
HETATM 958  O  O   . HOH D 4 .   ? 10.265  20.340  -3.302  1.00 21.98 ? 322 HOH A O   1 
HETATM 959  O  O   . HOH D 4 .   ? -10.874 2.946   -8.854  1.00 16.00 ? 323 HOH A O   1 
HETATM 960  O  O   . HOH D 4 .   ? -0.491  13.454  -4.607  1.00 38.65 ? 324 HOH A O   1 
HETATM 961  O  O   . HOH D 4 .   ? -0.676  -3.048  12.005  1.00 27.43 ? 325 HOH A O   1 
HETATM 962  O  O   . HOH D 4 .   ? 14.708  -6.212  2.636   1.00 27.44 ? 326 HOH A O   1 
HETATM 963  O  O   . HOH D 4 .   ? 3.436   -20.788 -4.392  1.00 36.03 ? 327 HOH A O   1 
HETATM 964  O  O   . HOH D 4 .   ? 10.943  -1.313  -8.047  1.00 31.57 ? 328 HOH A O   1 
HETATM 965  O  O   . HOH D 4 .   ? -9.280  6.413   -7.010  1.00 19.05 ? 329 HOH A O   1 
HETATM 966  O  O   . HOH D 4 .   ? -9.573  -0.089  11.254  1.00 21.02 ? 330 HOH A O   1 
HETATM 967  O  O   . HOH D 4 .   ? 3.249   -19.766 0.043   1.00 26.57 ? 331 HOH A O   1 
HETATM 968  O  O   . HOH D 4 .   ? 2.101   -14.486 5.553   1.00 22.59 ? 332 HOH A O   1 
HETATM 969  O  O   . HOH D 4 .   ? 0.998   -6.053  12.514  1.00 28.41 ? 333 HOH A O   1 
HETATM 970  O  O   . HOH D 4 .   ? 11.734  3.633   0.795   1.00 27.31 ? 334 HOH A O   1 
HETATM 971  O  O   . HOH D 4 .   ? -1.999  0.864   16.414  1.00 40.33 ? 335 HOH A O   1 
HETATM 972  O  O   . HOH D 4 .   ? -4.882  -2.297  17.371  1.00 40.81 ? 336 HOH A O   1 
HETATM 973  O  O   . HOH D 4 .   ? 2.339   -4.542  10.935  1.00 23.21 ? 337 HOH A O   1 
HETATM 974  O  O   . HOH D 4 .   ? -1.072  -0.553  -15.098 1.00 35.53 ? 338 HOH A O   1 
HETATM 975  O  O   . HOH D 4 .   ? -9.748  8.130   9.173   1.00 27.91 ? 339 HOH A O   1 
HETATM 976  O  O   . HOH D 4 .   ? 4.812   -3.113  -11.872 1.00 35.28 ? 340 HOH A O   1 
HETATM 977  O  O   . HOH D 4 .   ? 7.313   -10.537 5.511   1.00 16.19 ? 341 HOH A O   1 
HETATM 978  O  O   . HOH D 4 .   ? 3.206   -14.761 9.482   1.00 19.14 ? 342 HOH A O   1 
HETATM 979  O  O   . HOH D 4 .   ? 7.178   -16.053 -4.304  1.00 30.44 ? 343 HOH A O   1 
HETATM 980  O  O   . HOH D 4 .   ? -16.580 -1.838  -2.352  1.00 17.03 ? 344 HOH A O   1 
HETATM 981  O  O   . HOH D 4 .   ? -12.982 9.223   -2.304  1.00 25.24 ? 345 HOH A O   1 
HETATM 982  O  O   . HOH D 4 .   ? 3.323   -7.452  -9.333  1.00 46.25 ? 346 HOH A O   1 
HETATM 983  O  O   . HOH D 4 .   ? 13.461  10.630  -5.150  1.00 26.85 ? 347 HOH A O   1 
HETATM 984  O  O   . HOH D 4 .   ? -14.523 4.443   2.854   1.00 25.30 ? 348 HOH A O   1 
HETATM 985  O  O   . HOH D 4 .   ? 8.170   9.409   2.547   1.00 23.84 ? 349 HOH A O   1 
HETATM 986  O  O   . HOH D 4 .   ? -1.175  -1.374  15.789  1.00 46.66 ? 350 HOH A O   1 
HETATM 987  O  O   . HOH D 4 .   ? -1.738  -11.186 10.608  1.00 42.60 ? 351 HOH A O   1 
HETATM 988  O  O   . HOH D 4 .   ? -8.648  -10.632 6.359   1.00 32.80 ? 352 HOH A O   1 
HETATM 989  O  O   . HOH D 4 .   ? 6.509   19.169  4.416   1.00 37.63 ? 353 HOH A O   1 
HETATM 990  O  O   . HOH D 4 .   ? 0.286   -6.285  14.871  1.00 37.76 ? 354 HOH A O   1 
HETATM 991  O  O   . HOH D 4 .   ? 13.031  -12.049 -3.709  1.00 40.07 ? 355 HOH A O   1 
HETATM 992  O  O   . HOH D 4 .   ? -2.184  -7.165  -17.957 1.00 28.16 ? 356 HOH A O   1 
HETATM 993  O  O   . HOH D 4 .   ? -2.982  -7.985  11.927  1.00 37.22 ? 357 HOH A O   1 
HETATM 994  O  O   . HOH D 4 .   ? 0.860   7.351   14.715  1.00 41.38 ? 358 HOH A O   1 
HETATM 995  O  O   . HOH D 4 .   ? -12.526 -8.672  11.496  1.00 37.02 ? 359 HOH A O   1 
HETATM 996  O  O   . HOH D 4 .   ? -10.061 11.923  2.348   1.00 40.49 ? 360 HOH A O   1 
HETATM 997  O  O   . HOH D 4 .   ? -0.541  1.630   -13.652 1.00 40.90 ? 361 HOH A O   1 
HETATM 998  O  O   . HOH D 4 .   ? -3.112  11.300  9.587   1.00 35.05 ? 362 HOH A O   1 
HETATM 999  O  O   . HOH D 4 .   ? -2.398  15.935  -4.332  1.00 40.50 ? 363 HOH A O   1 
HETATM 1000 O  O   . HOH D 4 .   ? -14.761 -3.168  12.567  1.00 26.47 ? 364 HOH A O   1 
HETATM 1001 O  O   . HOH D 4 .   ? -11.323 4.336   -11.051 1.00 32.44 ? 365 HOH A O   1 
HETATM 1002 O  O   . HOH D 4 .   ? -16.236 0.210   -0.562  1.00 18.55 ? 366 HOH A O   1 
HETATM 1003 O  O   . HOH D 4 .   ? -3.268  -8.079  -20.269 1.00 23.83 ? 367 HOH A O   1 
HETATM 1004 O  O   . HOH D 4 .   ? -1.993  2.788   -11.374 1.00 31.16 ? 368 HOH A O   1 
HETATM 1005 O  O   . HOH D 4 .   ? -11.427 11.673  -2.047  1.00 28.37 ? 369 HOH A O   1 
HETATM 1006 O  O   . HOH D 4 .   ? 2.620   -16.940 -12.316 1.00 37.49 ? 370 HOH A O   1 
HETATM 1007 O  O   . HOH D 4 .   ? 5.181   -4.515  11.072  1.00 32.65 ? 371 HOH A O   1 
HETATM 1008 O  O   . HOH D 4 .   ? 3.378   6.180   12.028  1.00 35.87 ? 372 HOH A O   1 
HETATM 1009 O  O   . HOH D 4 .   ? 10.115  -15.773 -4.817  1.00 37.64 ? 373 HOH A O   1 
HETATM 1010 O  O   . HOH D 4 .   ? -11.692 -6.275  4.297   1.00 45.16 ? 374 HOH A O   1 
HETATM 1011 O  O   . HOH D 4 .   ? 11.418  -13.647 -5.192  1.00 37.45 ? 375 HOH A O   1 
HETATM 1012 O  O   . HOH D 4 .   ? 2.201   -11.030 -10.919 1.00 28.91 ? 376 HOH A O   1 
HETATM 1013 O  O   . HOH D 4 .   ? -15.077 -5.781  12.448  1.00 39.77 ? 377 HOH A O   1 
HETATM 1014 O  O   . HOH D 4 .   ? 11.315  8.068   2.202   1.00 38.86 ? 378 HOH A O   1 
HETATM 1015 O  O   . HOH D 4 .   ? -16.368 1.953   -2.702  1.00 31.75 ? 379 HOH A O   1 
HETATM 1016 O  O   . HOH D 4 .   ? -18.480 -1.061  -4.784  1.00 35.75 ? 380 HOH A O   1 
HETATM 1017 O  O   . HOH D 4 .   ? -0.331  10.509  -3.358  1.00 22.53 ? 381 HOH A O   1 
HETATM 1018 O  O   . HOH D 4 .   ? -17.029 2.932   0.906   1.00 28.81 ? 382 HOH A O   1 
HETATM 1019 O  O   . HOH D 4 .   ? -15.908 -1.147  -5.049  1.00 25.48 ? 383 HOH A O   1 
HETATM 1020 O  O   . HOH D 4 .   ? 4.535   19.488  -4.739  1.00 31.48 ? 384 HOH A O   1 
HETATM 1021 O  O   . HOH D 4 .   ? -0.806  -18.671 14.202  1.00 36.89 ? 385 HOH A O   1 
HETATM 1022 O  O   . HOH D 4 .   ? 3.916   -16.007 11.819  1.00 36.33 ? 386 HOH A O   1 
HETATM 1023 O  O   . HOH D 4 .   ? -8.283  3.799   -13.474 1.00 24.61 ? 387 HOH A O   1 
HETATM 1024 O  O   . HOH D 4 .   ? 11.914  -0.844  -10.723 1.00 35.62 ? 388 HOH A O   1 
HETATM 1025 O  O   . HOH D 4 .   ? 0.803   -19.143 -0.673  1.00 27.70 ? 389 HOH A O   1 
HETATM 1026 O  O   . HOH D 4 .   ? -18.121 4.543   -1.582  1.00 31.50 ? 390 HOH A O   1 
HETATM 1027 O  O   . HOH D 4 .   ? 15.357  10.903  -7.481  1.00 34.60 ? 391 HOH A O   1 
HETATM 1028 O  O   . HOH D 4 .   ? 2.657   6.058   -13.195 1.00 39.05 ? 392 HOH A O   1 
HETATM 1029 O  O   . HOH D 4 .   ? -6.664  -10.176 12.958  1.00 37.96 ? 393 HOH A O   1 
HETATM 1030 O  O   . HOH D 4 .   ? -18.681 1.559   -4.181  1.00 30.05 ? 394 HOH A O   1 
HETATM 1031 O  O   . HOH D 4 .   ? -4.104  -14.103 7.946   1.00 33.10 ? 395 HOH A O   1 
HETATM 1032 O  O   . HOH D 4 .   ? -13.427 -12.960 7.970   1.00 39.01 ? 396 HOH A O   1 
HETATM 1033 O  O   . HOH D 4 .   ? 15.394  -6.680  -5.857  1.00 32.83 ? 397 HOH A O   1 
HETATM 1034 O  O   . HOH D 4 .   ? -14.859 3.519   5.218   1.00 38.88 ? 398 HOH A O   1 
HETATM 1035 O  O   . HOH D 4 .   ? -1.028  -17.393 0.101   1.00 35.55 ? 399 HOH A O   1 
HETATM 1036 O  O   . HOH D 4 .   ? -10.972 -12.297 9.758   1.00 30.26 ? 400 HOH A O   1 
HETATM 1037 O  O   . HOH D 4 .   ? -7.783  12.440  6.161   1.00 33.84 ? 401 HOH A O   1 
HETATM 1038 O  O   . HOH D 4 .   ? 11.435  -0.436  -2.709  1.00 34.48 ? 402 HOH A O   1 
HETATM 1039 O  O   . HOH D 4 .   ? 0.282   -19.327 -9.596  1.00 42.57 ? 403 HOH A O   1 
HETATM 1040 O  O   . HOH D 4 .   ? 11.779  -7.815  10.467  1.00 39.66 ? 404 HOH A O   1 
HETATM 1041 O  O   . HOH D 4 .   ? 11.006  16.651  -6.201  1.00 34.58 ? 405 HOH A O   1 
HETATM 1042 O  O   . HOH D 4 .   ? 5.888   14.076  -13.717 1.00 47.05 ? 406 HOH A O   1 
HETATM 1043 O  O   . HOH D 4 .   ? -1.164  -20.845 12.435  1.00 43.67 ? 407 HOH A O   1 
HETATM 1044 O  O   . HOH D 4 .   ? 5.721   -19.186 -5.746  1.00 30.26 ? 408 HOH A O   1 
HETATM 1045 O  O   . HOH D 4 .   ? 11.728  -10.838 -9.750  1.00 34.90 ? 409 HOH A O   1 
HETATM 1046 O  O   . HOH D 4 .   ? -13.334 -6.755  1.992   1.00 20.48 ? 410 HOH A O   1 
HETATM 1047 O  O   . HOH D 4 .   ? -13.564 -7.012  5.993   1.00 20.57 ? 411 HOH A O   1 
HETATM 1048 O  O   . HOH D 4 .   ? 7.023   15.057  -7.732  1.00 20.66 ? 412 HOH A O   1 
HETATM 1049 O  O   . HOH D 4 .   ? -13.506 6.426   6.261   1.00 20.78 ? 413 HOH A O   1 
# 
loop_
_pdbx_poly_seq_scheme.asym_id 
_pdbx_poly_seq_scheme.entity_id 
_pdbx_poly_seq_scheme.seq_id 
_pdbx_poly_seq_scheme.mon_id 
_pdbx_poly_seq_scheme.ndb_seq_num 
_pdbx_poly_seq_scheme.pdb_seq_num 
_pdbx_poly_seq_scheme.auth_seq_num 
_pdbx_poly_seq_scheme.pdb_mon_id 
_pdbx_poly_seq_scheme.auth_mon_id 
_pdbx_poly_seq_scheme.pdb_strand_id 
_pdbx_poly_seq_scheme.pdb_ins_code 
_pdbx_poly_seq_scheme.hetero 
A 1 1   ALA 1   -1  -1  ALA ALA A . n 
A 1 2   MET 2   1   1   MET MET A . n 
A 1 3   ALA 3   2   2   ALA ALA A . n 
A 1 4   LYS 4   3   3   LYS LYS A . n 
A 1 5   VAL 5   4   4   VAL VAL A . n 
A 1 6   LEU 6   5   5   LEU LEU A . n 
A 1 7   ALA 7   6   6   ALA ALA A . n 
A 1 8   VAL 8   7   7   VAL VAL A . n 
A 1 9   ASP 9   8   8   ASP ASP A . n 
A 1 10  ASP 10  9   9   ASP ASP A . n 
A 1 11  SER 11  10  10  SER SER A . n 
A 1 12  ILE 12  11  11  ILE ILE A . n 
A 1 13  SER 13  12  12  SER SER A . n 
A 1 14  ILE 14  13  13  ILE ILE A . n 
A 1 15  ARG 15  14  14  ARG ARG A . n 
A 1 16  GLN 16  15  15  GLN GLN A . n 
A 1 17  MET 17  16  16  MET MET A . n 
A 1 18  VAL 18  17  17  VAL VAL A . n 
A 1 19  SER 19  18  18  SER SER A . n 
A 1 20  HIS 20  19  19  HIS HIS A . n 
A 1 21  THR 21  20  20  THR THR A . n 
A 1 22  LEU 22  21  21  LEU LEU A . n 
A 1 23  GLN 23  22  22  GLN GLN A . n 
A 1 24  ASP 24  23  23  ASP ASP A . n 
A 1 25  ALA 25  24  24  ALA ALA A . n 
A 1 26  GLY 26  25  25  GLY GLY A . n 
A 1 27  TYR 27  26  26  TYR TYR A . n 
A 1 28  GLU 28  27  27  GLU GLU A . n 
A 1 29  VAL 29  28  28  VAL VAL A . n 
A 1 30  GLU 30  29  29  GLU GLU A . n 
A 1 31  THR 31  30  30  THR THR A . n 
A 1 32  ALA 32  31  31  ALA ALA A . n 
A 1 33  ALA 33  32  32  ALA ALA A . n 
A 1 34  ASP 34  33  33  ASP ASP A . n 
A 1 35  GLY 35  34  34  GLY GLY A . n 
A 1 36  ARG 36  35  35  ARG ARG A . n 
A 1 37  GLU 37  36  36  GLU GLU A . n 
A 1 38  ALA 38  37  37  ALA ALA A . n 
A 1 39  LEU 39  38  38  LEU LEU A . n 
A 1 40  ALA 40  39  39  ALA ALA A . n 
A 1 41  LYS 41  40  40  LYS LYS A . n 
A 1 42  ALA 42  41  41  ALA ALA A . n 
A 1 43  GLN 43  42  42  GLN GLN A . n 
A 1 44  LYS 44  43  43  LYS LYS A . n 
A 1 45  ALA 45  44  44  ALA ALA A . n 
A 1 46  ARG 46  45  45  ARG ARG A . n 
A 1 47  PHE 47  46  46  PHE PHE A . n 
A 1 48  ASP 48  47  47  ASP ASP A . n 
A 1 49  VAL 49  48  48  VAL VAL A . n 
A 1 50  ILE 50  49  49  ILE ILE A . n 
A 1 51  ILE 51  50  50  ILE ILE A . n 
A 1 52  SER 52  51  51  SER SER A . n 
A 1 53  ASP 53  52  52  ASP ASP A . n 
A 1 54  VAL 54  53  53  VAL VAL A . n 
A 1 55  ASN 55  54  54  ASN ASN A . n 
A 1 56  MET 56  55  55  MET MET A . n 
A 1 57  PRO 57  56  56  PRO PRO A . n 
A 1 58  VAL 58  57  57  VAL VAL A . n 
A 1 59  MET 59  58  58  MET MET A . n 
A 1 60  THR 60  59  59  THR THR A . n 
A 1 61  GLY 61  60  60  GLY GLY A . n 
A 1 62  PHE 62  61  61  PHE PHE A . n 
A 1 63  GLU 63  62  62  GLU GLU A . n 
A 1 64  PHE 64  63  63  PHE PHE A . n 
A 1 65  VAL 65  64  64  VAL VAL A . n 
A 1 66  LYS 66  65  65  LYS LYS A . n 
A 1 67  ALA 67  66  66  ALA ALA A . n 
A 1 68  VAL 68  67  67  VAL VAL A . n 
A 1 69  ARG 69  68  68  ARG ARG A . n 
A 1 70  MET 70  69  69  MET MET A . n 
A 1 71  GLN 71  70  70  GLN GLN A . n 
A 1 72  SER 72  71  71  SER SER A . n 
A 1 73  GLN 73  72  72  GLN GLN A . n 
A 1 74  TYR 74  73  73  TYR TYR A . n 
A 1 75  LYS 75  74  74  LYS LYS A . n 
A 1 76  PHE 76  75  75  PHE PHE A . n 
A 1 77  THR 77  76  76  THR THR A . n 
A 1 78  PRO 78  77  77  PRO PRO A . n 
A 1 79  ILE 79  78  78  ILE ILE A . n 
A 1 80  LEU 80  79  79  LEU LEU A . n 
A 1 81  MET 81  80  80  MET MET A . n 
A 1 82  LEU 82  81  81  LEU LEU A . n 
A 1 83  THR 83  82  82  THR THR A . n 
A 1 84  THR 84  83  83  THR THR A . n 
A 1 85  GLU 85  84  84  GLU GLU A . n 
A 1 86  THR 86  85  85  THR THR A . n 
A 1 87  SER 87  86  86  SER SER A . n 
A 1 88  PRO 88  87  87  PRO PRO A . n 
A 1 89  GLU 89  88  88  GLU GLU A . n 
A 1 90  LYS 90  89  89  LYS LYS A . n 
A 1 91  LYS 91  90  90  LYS LYS A . n 
A 1 92  GLN 92  91  91  GLN GLN A . n 
A 1 93  GLU 93  92  92  GLU GLU A . n 
A 1 94  GLY 94  93  93  GLY GLY A . n 
A 1 95  LYS 95  94  94  LYS LYS A . n 
A 1 96  ALA 96  95  95  ALA ALA A . n 
A 1 97  VAL 97  96  96  VAL VAL A . n 
A 1 98  GLY 98  97  97  GLY GLY A . n 
A 1 99  ALA 99  98  98  ALA ALA A . n 
A 1 100 THR 100 99  99  THR THR A . n 
A 1 101 GLY 101 100 100 GLY GLY A . n 
A 1 102 TRP 102 101 101 TRP TRP A . n 
A 1 103 LEU 103 102 102 LEU LEU A . n 
A 1 104 VAL 104 103 103 VAL VAL A . n 
A 1 105 LYS 105 104 104 LYS LYS A . n 
A 1 106 PRO 106 105 105 PRO PRO A . n 
A 1 107 PHE 107 106 106 PHE PHE A . n 
A 1 108 ASN 108 107 107 ASN ASN A . n 
A 1 109 PRO 109 108 108 PRO PRO A . n 
A 1 110 GLU 110 109 109 GLU GLU A . n 
A 1 111 THR 111 110 110 THR THR A . n 
A 1 112 LEU 112 111 111 LEU LEU A . n 
A 1 113 LEU 113 112 112 LEU LEU A . n 
A 1 114 LYS 114 113 113 LYS LYS A . n 
A 1 115 THR 115 114 114 THR THR A . n 
A 1 116 LEU 116 115 115 LEU LEU A . n 
A 1 117 GLN 117 116 116 GLN GLN A . n 
A 1 118 ARG 118 117 117 ARG ARG A . n 
A 1 119 VAL 119 118 118 VAL VAL A . n 
A 1 120 LEU 120 119 119 LEU LEU A . n 
# 
loop_
_pdbx_nonpoly_scheme.asym_id 
_pdbx_nonpoly_scheme.entity_id 
_pdbx_nonpoly_scheme.mon_id 
_pdbx_nonpoly_scheme.ndb_seq_num 
_pdbx_nonpoly_scheme.pdb_seq_num 
_pdbx_nonpoly_scheme.auth_seq_num 
_pdbx_nonpoly_scheme.pdb_mon_id 
_pdbx_nonpoly_scheme.auth_mon_id 
_pdbx_nonpoly_scheme.pdb_strand_id 
_pdbx_nonpoly_scheme.pdb_ins_code 
B 2 CA  1   201 1   CA  CA  A . 
C 3 SO4 1   202 401 SO4 SO4 A . 
D 4 HOH 1   301 201 HOH HOH A . 
D 4 HOH 2   302 202 HOH HOH A . 
D 4 HOH 3   303 203 HOH HOH A . 
D 4 HOH 4   304 204 HOH HOH A . 
D 4 HOH 5   305 205 HOH HOH A . 
D 4 HOH 6   306 206 HOH HOH A . 
D 4 HOH 7   307 207 HOH HOH A . 
D 4 HOH 8   308 208 HOH HOH A . 
D 4 HOH 9   309 209 HOH HOH A . 
D 4 HOH 10  310 210 HOH HOH A . 
D 4 HOH 11  311 211 HOH HOH A . 
D 4 HOH 12  312 212 HOH HOH A . 
D 4 HOH 13  313 213 HOH HOH A . 
D 4 HOH 14  314 214 HOH HOH A . 
D 4 HOH 15  315 215 HOH HOH A . 
D 4 HOH 16  316 216 HOH HOH A . 
D 4 HOH 17  317 217 HOH HOH A . 
D 4 HOH 18  318 218 HOH HOH A . 
D 4 HOH 19  319 219 HOH HOH A . 
D 4 HOH 20  320 220 HOH HOH A . 
D 4 HOH 21  321 221 HOH HOH A . 
D 4 HOH 22  322 222 HOH HOH A . 
D 4 HOH 23  323 223 HOH HOH A . 
D 4 HOH 24  324 224 HOH HOH A . 
D 4 HOH 25  325 225 HOH HOH A . 
D 4 HOH 26  326 226 HOH HOH A . 
D 4 HOH 27  327 227 HOH HOH A . 
D 4 HOH 28  328 228 HOH HOH A . 
D 4 HOH 29  329 229 HOH HOH A . 
D 4 HOH 30  330 230 HOH HOH A . 
D 4 HOH 31  331 231 HOH HOH A . 
D 4 HOH 32  332 232 HOH HOH A . 
D 4 HOH 33  333 233 HOH HOH A . 
D 4 HOH 34  334 234 HOH HOH A . 
D 4 HOH 35  335 235 HOH HOH A . 
D 4 HOH 36  336 236 HOH HOH A . 
D 4 HOH 37  337 237 HOH HOH A . 
D 4 HOH 38  338 238 HOH HOH A . 
D 4 HOH 39  339 239 HOH HOH A . 
D 4 HOH 40  340 240 HOH HOH A . 
D 4 HOH 41  341 241 HOH HOH A . 
D 4 HOH 42  342 242 HOH HOH A . 
D 4 HOH 43  343 243 HOH HOH A . 
D 4 HOH 44  344 244 HOH HOH A . 
D 4 HOH 45  345 245 HOH HOH A . 
D 4 HOH 46  346 246 HOH HOH A . 
D 4 HOH 47  347 247 HOH HOH A . 
D 4 HOH 48  348 248 HOH HOH A . 
D 4 HOH 49  349 249 HOH HOH A . 
D 4 HOH 50  350 250 HOH HOH A . 
D 4 HOH 51  351 251 HOH HOH A . 
D 4 HOH 52  352 252 HOH HOH A . 
D 4 HOH 53  353 253 HOH HOH A . 
D 4 HOH 54  354 254 HOH HOH A . 
D 4 HOH 55  355 255 HOH HOH A . 
D 4 HOH 56  356 256 HOH HOH A . 
D 4 HOH 57  357 257 HOH HOH A . 
D 4 HOH 58  358 258 HOH HOH A . 
D 4 HOH 59  359 259 HOH HOH A . 
D 4 HOH 60  360 260 HOH HOH A . 
D 4 HOH 61  361 261 HOH HOH A . 
D 4 HOH 62  362 262 HOH HOH A . 
D 4 HOH 63  363 263 HOH HOH A . 
D 4 HOH 64  364 264 HOH HOH A . 
D 4 HOH 65  365 265 HOH HOH A . 
D 4 HOH 66  366 266 HOH HOH A . 
D 4 HOH 67  367 267 HOH HOH A . 
D 4 HOH 68  368 268 HOH HOH A . 
D 4 HOH 69  369 269 HOH HOH A . 
D 4 HOH 70  370 270 HOH HOH A . 
D 4 HOH 71  371 271 HOH HOH A . 
D 4 HOH 72  372 272 HOH HOH A . 
D 4 HOH 73  373 274 HOH HOH A . 
D 4 HOH 74  374 275 HOH HOH A . 
D 4 HOH 75  375 276 HOH HOH A . 
D 4 HOH 76  376 277 HOH HOH A . 
D 4 HOH 77  377 279 HOH HOH A . 
D 4 HOH 78  378 280 HOH HOH A . 
D 4 HOH 79  379 281 HOH HOH A . 
D 4 HOH 80  380 282 HOH HOH A . 
D 4 HOH 81  381 283 HOH HOH A . 
D 4 HOH 82  382 284 HOH HOH A . 
D 4 HOH 83  383 285 HOH HOH A . 
D 4 HOH 84  384 287 HOH HOH A . 
D 4 HOH 85  385 288 HOH HOH A . 
D 4 HOH 86  386 289 HOH HOH A . 
D 4 HOH 87  387 290 HOH HOH A . 
D 4 HOH 88  388 291 HOH HOH A . 
D 4 HOH 89  389 292 HOH HOH A . 
D 4 HOH 90  390 293 HOH HOH A . 
D 4 HOH 91  391 294 HOH HOH A . 
D 4 HOH 92  392 295 HOH HOH A . 
D 4 HOH 93  393 296 HOH HOH A . 
D 4 HOH 94  394 297 HOH HOH A . 
D 4 HOH 95  395 298 HOH HOH A . 
D 4 HOH 96  396 299 HOH HOH A . 
D 4 HOH 97  397 300 HOH HOH A . 
D 4 HOH 98  398 301 HOH HOH A . 
D 4 HOH 99  399 302 HOH HOH A . 
D 4 HOH 100 400 303 HOH HOH A . 
D 4 HOH 101 401 304 HOH HOH A . 
D 4 HOH 102 402 305 HOH HOH A . 
D 4 HOH 103 403 306 HOH HOH A . 
D 4 HOH 104 404 307 HOH HOH A . 
D 4 HOH 105 405 308 HOH HOH A . 
D 4 HOH 106 406 309 HOH HOH A . 
D 4 HOH 107 407 310 HOH HOH A . 
D 4 HOH 108 408 311 HOH HOH A . 
D 4 HOH 109 409 312 HOH HOH A . 
D 4 HOH 110 410 313 HOH HOH A . 
D 4 HOH 111 411 314 HOH HOH A . 
D 4 HOH 112 412 315 HOH HOH A . 
D 4 HOH 113 413 316 HOH HOH A . 
# 
_pdbx_struct_assembly.id                   1 
_pdbx_struct_assembly.details              author_and_software_defined_assembly 
_pdbx_struct_assembly.method_details       PISA 
_pdbx_struct_assembly.oligomeric_details   monomeric 
_pdbx_struct_assembly.oligomeric_count     1 
# 
_pdbx_struct_assembly_gen.assembly_id       1 
_pdbx_struct_assembly_gen.oper_expression   1 
_pdbx_struct_assembly_gen.asym_id_list      A,B,C,D 
# 
_pdbx_struct_oper_list.id                   1 
_pdbx_struct_oper_list.type                 'identity operation' 
_pdbx_struct_oper_list.name                 1_555 
_pdbx_struct_oper_list.symmetry_operation   x,y,z 
_pdbx_struct_oper_list.matrix[1][1]         1.0000000000 
_pdbx_struct_oper_list.matrix[1][2]         0.0000000000 
_pdbx_struct_oper_list.matrix[1][3]         0.0000000000 
_pdbx_struct_oper_list.vector[1]            0.0000000000 
_pdbx_struct_oper_list.matrix[2][1]         0.0000000000 
_pdbx_struct_oper_list.matrix[2][2]         1.0000000000 
_pdbx_struct_oper_list.matrix[2][3]         0.0000000000 
_pdbx_struct_oper_list.vector[2]            0.0000000000 
_pdbx_struct_oper_list.matrix[3][1]         0.0000000000 
_pdbx_struct_oper_list.matrix[3][2]         0.0000000000 
_pdbx_struct_oper_list.matrix[3][3]         1.0000000000 
_pdbx_struct_oper_list.vector[3]            0.0000000000 
# 
loop_
_pdbx_struct_conn_angle.id 
_pdbx_struct_conn_angle.ptnr1_label_atom_id 
_pdbx_struct_conn_angle.ptnr1_label_alt_id 
_pdbx_struct_conn_angle.ptnr1_label_asym_id 
_pdbx_struct_conn_angle.ptnr1_label_comp_id 
_pdbx_struct_conn_angle.ptnr1_label_seq_id 
_pdbx_struct_conn_angle.ptnr1_auth_atom_id 
_pdbx_struct_conn_angle.ptnr1_auth_asym_id 
_pdbx_struct_conn_angle.ptnr1_auth_comp_id 
_pdbx_struct_conn_angle.ptnr1_auth_seq_id 
_pdbx_struct_conn_angle.ptnr1_PDB_ins_code 
_pdbx_struct_conn_angle.ptnr1_symmetry 
_pdbx_struct_conn_angle.ptnr2_label_atom_id 
_pdbx_struct_conn_angle.ptnr2_label_alt_id 
_pdbx_struct_conn_angle.ptnr2_label_asym_id 
_pdbx_struct_conn_angle.ptnr2_label_comp_id 
_pdbx_struct_conn_angle.ptnr2_label_seq_id 
_pdbx_struct_conn_angle.ptnr2_auth_atom_id 
_pdbx_struct_conn_angle.ptnr2_auth_asym_id 
_pdbx_struct_conn_angle.ptnr2_auth_comp_id 
_pdbx_struct_conn_angle.ptnr2_auth_seq_id 
_pdbx_struct_conn_angle.ptnr2_PDB_ins_code 
_pdbx_struct_conn_angle.ptnr2_symmetry 
_pdbx_struct_conn_angle.ptnr3_label_atom_id 
_pdbx_struct_conn_angle.ptnr3_label_alt_id 
_pdbx_struct_conn_angle.ptnr3_label_asym_id 
_pdbx_struct_conn_angle.ptnr3_label_comp_id 
_pdbx_struct_conn_angle.ptnr3_label_seq_id 
_pdbx_struct_conn_angle.ptnr3_auth_atom_id 
_pdbx_struct_conn_angle.ptnr3_auth_asym_id 
_pdbx_struct_conn_angle.ptnr3_auth_comp_id 
_pdbx_struct_conn_angle.ptnr3_auth_seq_id 
_pdbx_struct_conn_angle.ptnr3_PDB_ins_code 
_pdbx_struct_conn_angle.ptnr3_symmetry 
_pdbx_struct_conn_angle.value 
_pdbx_struct_conn_angle.value_esd 
1 OD1 ? A ASP 10 ? A ASP 9  ? 1_555 CA ? B CA . ? A CA 201 ? 1_555 OD2 ? A ASP 53 ? A ASP 52  ? 1_555 91.4  ? 
2 OD1 ? A ASP 10 ? A ASP 9  ? 1_555 CA ? B CA . ? A CA 201 ? 1_555 O   ? A ASN 55 ? A ASN 54  ? 1_555 104.5 ? 
3 OD2 ? A ASP 53 ? A ASP 52 ? 1_555 CA ? B CA . ? A CA 201 ? 1_555 O   ? A ASN 55 ? A ASN 54  ? 1_555 78.3  ? 
4 OD1 ? A ASP 10 ? A ASP 9  ? 1_555 CA ? B CA . ? A CA 201 ? 1_555 O   ? D HOH .  ? A HOH 368 ? 1_555 87.8  ? 
5 OD2 ? A ASP 53 ? A ASP 52 ? 1_555 CA ? B CA . ? A CA 201 ? 1_555 O   ? D HOH .  ? A HOH 368 ? 1_555 95.9  ? 
6 O   ? A ASN 55 ? A ASN 54 ? 1_555 CA ? B CA . ? A CA 201 ? 1_555 O   ? D HOH .  ? A HOH 368 ? 1_555 166.3 ? 
# 
loop_
_pdbx_audit_revision_history.ordinal 
_pdbx_audit_revision_history.data_content_type 
_pdbx_audit_revision_history.major_revision 
_pdbx_audit_revision_history.minor_revision 
_pdbx_audit_revision_history.revision_date 
1 'Structure model' 1 0 2013-08-07 
2 'Structure model' 1 1 2013-10-02 
3 'Structure model' 1 2 2013-11-20 
4 'Structure model' 1 3 2023-09-20 
# 
_pdbx_audit_revision_details.ordinal             1 
_pdbx_audit_revision_details.revision_ordinal    1 
_pdbx_audit_revision_details.data_content_type   'Structure model' 
_pdbx_audit_revision_details.provider            repository 
_pdbx_audit_revision_details.type                'Initial release' 
_pdbx_audit_revision_details.description         ? 
_pdbx_audit_revision_details.details             ? 
# 
loop_
_pdbx_audit_revision_group.ordinal 
_pdbx_audit_revision_group.revision_ordinal 
_pdbx_audit_revision_group.data_content_type 
_pdbx_audit_revision_group.group 
1 2 'Structure model' 'Database references'    
2 3 'Structure model' 'Database references'    
3 4 'Structure model' 'Data collection'        
4 4 'Structure model' 'Database references'    
5 4 'Structure model' 'Derived calculations'   
6 4 'Structure model' 'Refinement description' 
# 
loop_
_pdbx_audit_revision_category.ordinal 
_pdbx_audit_revision_category.revision_ordinal 
_pdbx_audit_revision_category.data_content_type 
_pdbx_audit_revision_category.category 
1 4 'Structure model' chem_comp_atom                
2 4 'Structure model' chem_comp_bond                
3 4 'Structure model' database_2                    
4 4 'Structure model' pdbx_initial_refinement_model 
5 4 'Structure model' pdbx_struct_conn_angle        
6 4 'Structure model' struct_conn                   
7 4 'Structure model' struct_ref_seq_dif            
8 4 'Structure model' struct_site                   
# 
loop_
_pdbx_audit_revision_item.ordinal 
_pdbx_audit_revision_item.revision_ordinal 
_pdbx_audit_revision_item.data_content_type 
_pdbx_audit_revision_item.item 
1  4 'Structure model' '_database_2.pdbx_DOI'                        
2  4 'Structure model' '_database_2.pdbx_database_accession'         
3  4 'Structure model' '_pdbx_struct_conn_angle.ptnr1_auth_comp_id'  
4  4 'Structure model' '_pdbx_struct_conn_angle.ptnr1_auth_seq_id'   
5  4 'Structure model' '_pdbx_struct_conn_angle.ptnr1_label_asym_id' 
6  4 'Structure model' '_pdbx_struct_conn_angle.ptnr1_label_atom_id' 
7  4 'Structure model' '_pdbx_struct_conn_angle.ptnr1_label_comp_id' 
8  4 'Structure model' '_pdbx_struct_conn_angle.ptnr1_label_seq_id'  
9  4 'Structure model' '_pdbx_struct_conn_angle.ptnr3_auth_comp_id'  
10 4 'Structure model' '_pdbx_struct_conn_angle.ptnr3_auth_seq_id'   
11 4 'Structure model' '_pdbx_struct_conn_angle.ptnr3_label_asym_id' 
12 4 'Structure model' '_pdbx_struct_conn_angle.ptnr3_label_atom_id' 
13 4 'Structure model' '_pdbx_struct_conn_angle.ptnr3_label_comp_id' 
14 4 'Structure model' '_pdbx_struct_conn_angle.ptnr3_label_seq_id'  
15 4 'Structure model' '_pdbx_struct_conn_angle.value'               
16 4 'Structure model' '_struct_conn.pdbx_dist_value'                
17 4 'Structure model' '_struct_conn.ptnr1_auth_comp_id'             
18 4 'Structure model' '_struct_conn.ptnr1_auth_seq_id'              
19 4 'Structure model' '_struct_conn.ptnr1_label_asym_id'            
20 4 'Structure model' '_struct_conn.ptnr1_label_atom_id'            
21 4 'Structure model' '_struct_conn.ptnr1_label_comp_id'            
22 4 'Structure model' '_struct_conn.ptnr1_label_seq_id'             
23 4 'Structure model' '_struct_conn.ptnr2_auth_comp_id'             
24 4 'Structure model' '_struct_conn.ptnr2_auth_seq_id'              
25 4 'Structure model' '_struct_conn.ptnr2_label_asym_id'            
26 4 'Structure model' '_struct_conn.ptnr2_label_atom_id'            
27 4 'Structure model' '_struct_conn.ptnr2_label_comp_id'            
28 4 'Structure model' '_struct_ref_seq_dif.details'                 
29 4 'Structure model' '_struct_site.pdbx_auth_asym_id'              
30 4 'Structure model' '_struct_site.pdbx_auth_comp_id'              
31 4 'Structure model' '_struct_site.pdbx_auth_seq_id'               
# 
loop_
_software.name 
_software.classification 
_software.version 
_software.citation_id 
_software.pdbx_ordinal 
MAR345dtb 'data collection' .   ? 1 
AMoRE     phasing           .   ? 2 
CNS       refinement        1.2 ? 3 
AUTOMAR   'data reduction'  .   ? 4 
# 
loop_
_pdbx_validate_rmsd_bond.id 
_pdbx_validate_rmsd_bond.PDB_model_num 
_pdbx_validate_rmsd_bond.auth_atom_id_1 
_pdbx_validate_rmsd_bond.auth_asym_id_1 
_pdbx_validate_rmsd_bond.auth_comp_id_1 
_pdbx_validate_rmsd_bond.auth_seq_id_1 
_pdbx_validate_rmsd_bond.PDB_ins_code_1 
_pdbx_validate_rmsd_bond.label_alt_id_1 
_pdbx_validate_rmsd_bond.auth_atom_id_2 
_pdbx_validate_rmsd_bond.auth_asym_id_2 
_pdbx_validate_rmsd_bond.auth_comp_id_2 
_pdbx_validate_rmsd_bond.auth_seq_id_2 
_pdbx_validate_rmsd_bond.PDB_ins_code_2 
_pdbx_validate_rmsd_bond.label_alt_id_2 
_pdbx_validate_rmsd_bond.bond_value 
_pdbx_validate_rmsd_bond.bond_target_value 
_pdbx_validate_rmsd_bond.bond_deviation 
_pdbx_validate_rmsd_bond.bond_standard_deviation 
_pdbx_validate_rmsd_bond.linker_flag 
1 1 CB A SER 86  ? ? OG  A SER 86  ? ? 1.324 1.418 -0.094 0.013 N 
2 1 C  A PRO 87  ? ? O   A PRO 87  ? ? 1.108 1.228 -0.120 0.020 N 
3 1 CB A VAL 96  ? ? CG1 A VAL 96  ? ? 1.323 1.524 -0.201 0.021 N 
4 1 CB A VAL 96  ? ? CG2 A VAL 96  ? ? 1.294 1.524 -0.230 0.021 N 
5 1 C  A VAL 96  ? ? O   A VAL 96  ? ? 1.083 1.229 -0.146 0.019 N 
6 1 C  A ASN 107 ? ? O   A ASN 107 ? ? 1.076 1.229 -0.153 0.019 N 
# 
_pdbx_validate_torsion.id              1 
_pdbx_validate_torsion.PDB_model_num   1 
_pdbx_validate_torsion.auth_comp_id    VAL 
_pdbx_validate_torsion.auth_asym_id    A 
_pdbx_validate_torsion.auth_seq_id     57 
_pdbx_validate_torsion.PDB_ins_code    ? 
_pdbx_validate_torsion.label_alt_id    ? 
_pdbx_validate_torsion.phi             -102.93 
_pdbx_validate_torsion.psi             -90.40 
# 
loop_
_chem_comp_atom.comp_id 
_chem_comp_atom.atom_id 
_chem_comp_atom.type_symbol 
_chem_comp_atom.pdbx_aromatic_flag 
_chem_comp_atom.pdbx_stereo_config 
_chem_comp_atom.pdbx_ordinal 
ALA N    N  N N 1   
ALA CA   C  N S 2   
ALA C    C  N N 3   
ALA O    O  N N 4   
ALA CB   C  N N 5   
ALA OXT  O  N N 6   
ALA H    H  N N 7   
ALA H2   H  N N 8   
ALA HA   H  N N 9   
ALA HB1  H  N N 10  
ALA HB2  H  N N 11  
ALA HB3  H  N N 12  
ALA HXT  H  N N 13  
ARG N    N  N N 14  
ARG CA   C  N S 15  
ARG C    C  N N 16  
ARG O    O  N N 17  
ARG CB   C  N N 18  
ARG CG   C  N N 19  
ARG CD   C  N N 20  
ARG NE   N  N N 21  
ARG CZ   C  N N 22  
ARG NH1  N  N N 23  
ARG NH2  N  N N 24  
ARG OXT  O  N N 25  
ARG H    H  N N 26  
ARG H2   H  N N 27  
ARG HA   H  N N 28  
ARG HB2  H  N N 29  
ARG HB3  H  N N 30  
ARG HG2  H  N N 31  
ARG HG3  H  N N 32  
ARG HD2  H  N N 33  
ARG HD3  H  N N 34  
ARG HE   H  N N 35  
ARG HH11 H  N N 36  
ARG HH12 H  N N 37  
ARG HH21 H  N N 38  
ARG HH22 H  N N 39  
ARG HXT  H  N N 40  
ASN N    N  N N 41  
ASN CA   C  N S 42  
ASN C    C  N N 43  
ASN O    O  N N 44  
ASN CB   C  N N 45  
ASN CG   C  N N 46  
ASN OD1  O  N N 47  
ASN ND2  N  N N 48  
ASN OXT  O  N N 49  
ASN H    H  N N 50  
ASN H2   H  N N 51  
ASN HA   H  N N 52  
ASN HB2  H  N N 53  
ASN HB3  H  N N 54  
ASN HD21 H  N N 55  
ASN HD22 H  N N 56  
ASN HXT  H  N N 57  
ASP N    N  N N 58  
ASP CA   C  N S 59  
ASP C    C  N N 60  
ASP O    O  N N 61  
ASP CB   C  N N 62  
ASP CG   C  N N 63  
ASP OD1  O  N N 64  
ASP OD2  O  N N 65  
ASP OXT  O  N N 66  
ASP H    H  N N 67  
ASP H2   H  N N 68  
ASP HA   H  N N 69  
ASP HB2  H  N N 70  
ASP HB3  H  N N 71  
ASP HD2  H  N N 72  
ASP HXT  H  N N 73  
CA  CA   CA N N 74  
GLN N    N  N N 75  
GLN CA   C  N S 76  
GLN C    C  N N 77  
GLN O    O  N N 78  
GLN CB   C  N N 79  
GLN CG   C  N N 80  
GLN CD   C  N N 81  
GLN OE1  O  N N 82  
GLN NE2  N  N N 83  
GLN OXT  O  N N 84  
GLN H    H  N N 85  
GLN H2   H  N N 86  
GLN HA   H  N N 87  
GLN HB2  H  N N 88  
GLN HB3  H  N N 89  
GLN HG2  H  N N 90  
GLN HG3  H  N N 91  
GLN HE21 H  N N 92  
GLN HE22 H  N N 93  
GLN HXT  H  N N 94  
GLU N    N  N N 95  
GLU CA   C  N S 96  
GLU C    C  N N 97  
GLU O    O  N N 98  
GLU CB   C  N N 99  
GLU CG   C  N N 100 
GLU CD   C  N N 101 
GLU OE1  O  N N 102 
GLU OE2  O  N N 103 
GLU OXT  O  N N 104 
GLU H    H  N N 105 
GLU H2   H  N N 106 
GLU HA   H  N N 107 
GLU HB2  H  N N 108 
GLU HB3  H  N N 109 
GLU HG2  H  N N 110 
GLU HG3  H  N N 111 
GLU HE2  H  N N 112 
GLU HXT  H  N N 113 
GLY N    N  N N 114 
GLY CA   C  N N 115 
GLY C    C  N N 116 
GLY O    O  N N 117 
GLY OXT  O  N N 118 
GLY H    H  N N 119 
GLY H2   H  N N 120 
GLY HA2  H  N N 121 
GLY HA3  H  N N 122 
GLY HXT  H  N N 123 
HIS N    N  N N 124 
HIS CA   C  N S 125 
HIS C    C  N N 126 
HIS O    O  N N 127 
HIS CB   C  N N 128 
HIS CG   C  Y N 129 
HIS ND1  N  Y N 130 
HIS CD2  C  Y N 131 
HIS CE1  C  Y N 132 
HIS NE2  N  Y N 133 
HIS OXT  O  N N 134 
HIS H    H  N N 135 
HIS H2   H  N N 136 
HIS HA   H  N N 137 
HIS HB2  H  N N 138 
HIS HB3  H  N N 139 
HIS HD1  H  N N 140 
HIS HD2  H  N N 141 
HIS HE1  H  N N 142 
HIS HE2  H  N N 143 
HIS HXT  H  N N 144 
HOH O    O  N N 145 
HOH H1   H  N N 146 
HOH H2   H  N N 147 
ILE N    N  N N 148 
ILE CA   C  N S 149 
ILE C    C  N N 150 
ILE O    O  N N 151 
ILE CB   C  N S 152 
ILE CG1  C  N N 153 
ILE CG2  C  N N 154 
ILE CD1  C  N N 155 
ILE OXT  O  N N 156 
ILE H    H  N N 157 
ILE H2   H  N N 158 
ILE HA   H  N N 159 
ILE HB   H  N N 160 
ILE HG12 H  N N 161 
ILE HG13 H  N N 162 
ILE HG21 H  N N 163 
ILE HG22 H  N N 164 
ILE HG23 H  N N 165 
ILE HD11 H  N N 166 
ILE HD12 H  N N 167 
ILE HD13 H  N N 168 
ILE HXT  H  N N 169 
LEU N    N  N N 170 
LEU CA   C  N S 171 
LEU C    C  N N 172 
LEU O    O  N N 173 
LEU CB   C  N N 174 
LEU CG   C  N N 175 
LEU CD1  C  N N 176 
LEU CD2  C  N N 177 
LEU OXT  O  N N 178 
LEU H    H  N N 179 
LEU H2   H  N N 180 
LEU HA   H  N N 181 
LEU HB2  H  N N 182 
LEU HB3  H  N N 183 
LEU HG   H  N N 184 
LEU HD11 H  N N 185 
LEU HD12 H  N N 186 
LEU HD13 H  N N 187 
LEU HD21 H  N N 188 
LEU HD22 H  N N 189 
LEU HD23 H  N N 190 
LEU HXT  H  N N 191 
LYS N    N  N N 192 
LYS CA   C  N S 193 
LYS C    C  N N 194 
LYS O    O  N N 195 
LYS CB   C  N N 196 
LYS CG   C  N N 197 
LYS CD   C  N N 198 
LYS CE   C  N N 199 
LYS NZ   N  N N 200 
LYS OXT  O  N N 201 
LYS H    H  N N 202 
LYS H2   H  N N 203 
LYS HA   H  N N 204 
LYS HB2  H  N N 205 
LYS HB3  H  N N 206 
LYS HG2  H  N N 207 
LYS HG3  H  N N 208 
LYS HD2  H  N N 209 
LYS HD3  H  N N 210 
LYS HE2  H  N N 211 
LYS HE3  H  N N 212 
LYS HZ1  H  N N 213 
LYS HZ2  H  N N 214 
LYS HZ3  H  N N 215 
LYS HXT  H  N N 216 
MET N    N  N N 217 
MET CA   C  N S 218 
MET C    C  N N 219 
MET O    O  N N 220 
MET CB   C  N N 221 
MET CG   C  N N 222 
MET SD   S  N N 223 
MET CE   C  N N 224 
MET OXT  O  N N 225 
MET H    H  N N 226 
MET H2   H  N N 227 
MET HA   H  N N 228 
MET HB2  H  N N 229 
MET HB3  H  N N 230 
MET HG2  H  N N 231 
MET HG3  H  N N 232 
MET HE1  H  N N 233 
MET HE2  H  N N 234 
MET HE3  H  N N 235 
MET HXT  H  N N 236 
PHE N    N  N N 237 
PHE CA   C  N S 238 
PHE C    C  N N 239 
PHE O    O  N N 240 
PHE CB   C  N N 241 
PHE CG   C  Y N 242 
PHE CD1  C  Y N 243 
PHE CD2  C  Y N 244 
PHE CE1  C  Y N 245 
PHE CE2  C  Y N 246 
PHE CZ   C  Y N 247 
PHE OXT  O  N N 248 
PHE H    H  N N 249 
PHE H2   H  N N 250 
PHE HA   H  N N 251 
PHE HB2  H  N N 252 
PHE HB3  H  N N 253 
PHE HD1  H  N N 254 
PHE HD2  H  N N 255 
PHE HE1  H  N N 256 
PHE HE2  H  N N 257 
PHE HZ   H  N N 258 
PHE HXT  H  N N 259 
PRO N    N  N N 260 
PRO CA   C  N S 261 
PRO C    C  N N 262 
PRO O    O  N N 263 
PRO CB   C  N N 264 
PRO CG   C  N N 265 
PRO CD   C  N N 266 
PRO OXT  O  N N 267 
PRO H    H  N N 268 
PRO HA   H  N N 269 
PRO HB2  H  N N 270 
PRO HB3  H  N N 271 
PRO HG2  H  N N 272 
PRO HG3  H  N N 273 
PRO HD2  H  N N 274 
PRO HD3  H  N N 275 
PRO HXT  H  N N 276 
SER N    N  N N 277 
SER CA   C  N S 278 
SER C    C  N N 279 
SER O    O  N N 280 
SER CB   C  N N 281 
SER OG   O  N N 282 
SER OXT  O  N N 283 
SER H    H  N N 284 
SER H2   H  N N 285 
SER HA   H  N N 286 
SER HB2  H  N N 287 
SER HB3  H  N N 288 
SER HG   H  N N 289 
SER HXT  H  N N 290 
SO4 S    S  N N 291 
SO4 O1   O  N N 292 
SO4 O2   O  N N 293 
SO4 O3   O  N N 294 
SO4 O4   O  N N 295 
THR N    N  N N 296 
THR CA   C  N S 297 
THR C    C  N N 298 
THR O    O  N N 299 
THR CB   C  N R 300 
THR OG1  O  N N 301 
THR CG2  C  N N 302 
THR OXT  O  N N 303 
THR H    H  N N 304 
THR H2   H  N N 305 
THR HA   H  N N 306 
THR HB   H  N N 307 
THR HG1  H  N N 308 
THR HG21 H  N N 309 
THR HG22 H  N N 310 
THR HG23 H  N N 311 
THR HXT  H  N N 312 
TRP N    N  N N 313 
TRP CA   C  N S 314 
TRP C    C  N N 315 
TRP O    O  N N 316 
TRP CB   C  N N 317 
TRP CG   C  Y N 318 
TRP CD1  C  Y N 319 
TRP CD2  C  Y N 320 
TRP NE1  N  Y N 321 
TRP CE2  C  Y N 322 
TRP CE3  C  Y N 323 
TRP CZ2  C  Y N 324 
TRP CZ3  C  Y N 325 
TRP CH2  C  Y N 326 
TRP OXT  O  N N 327 
TRP H    H  N N 328 
TRP H2   H  N N 329 
TRP HA   H  N N 330 
TRP HB2  H  N N 331 
TRP HB3  H  N N 332 
TRP HD1  H  N N 333 
TRP HE1  H  N N 334 
TRP HE3  H  N N 335 
TRP HZ2  H  N N 336 
TRP HZ3  H  N N 337 
TRP HH2  H  N N 338 
TRP HXT  H  N N 339 
TYR N    N  N N 340 
TYR CA   C  N S 341 
TYR C    C  N N 342 
TYR O    O  N N 343 
TYR CB   C  N N 344 
TYR CG   C  Y N 345 
TYR CD1  C  Y N 346 
TYR CD2  C  Y N 347 
TYR CE1  C  Y N 348 
TYR CE2  C  Y N 349 
TYR CZ   C  Y N 350 
TYR OH   O  N N 351 
TYR OXT  O  N N 352 
TYR H    H  N N 353 
TYR H2   H  N N 354 
TYR HA   H  N N 355 
TYR HB2  H  N N 356 
TYR HB3  H  N N 357 
TYR HD1  H  N N 358 
TYR HD2  H  N N 359 
TYR HE1  H  N N 360 
TYR HE2  H  N N 361 
TYR HH   H  N N 362 
TYR HXT  H  N N 363 
VAL N    N  N N 364 
VAL CA   C  N S 365 
VAL C    C  N N 366 
VAL O    O  N N 367 
VAL CB   C  N N 368 
VAL CG1  C  N N 369 
VAL CG2  C  N N 370 
VAL OXT  O  N N 371 
VAL H    H  N N 372 
VAL H2   H  N N 373 
VAL HA   H  N N 374 
VAL HB   H  N N 375 
VAL HG11 H  N N 376 
VAL HG12 H  N N 377 
VAL HG13 H  N N 378 
VAL HG21 H  N N 379 
VAL HG22 H  N N 380 
VAL HG23 H  N N 381 
VAL HXT  H  N N 382 
# 
loop_
_chem_comp_bond.comp_id 
_chem_comp_bond.atom_id_1 
_chem_comp_bond.atom_id_2 
_chem_comp_bond.value_order 
_chem_comp_bond.pdbx_aromatic_flag 
_chem_comp_bond.pdbx_stereo_config 
_chem_comp_bond.pdbx_ordinal 
ALA N   CA   sing N N 1   
ALA N   H    sing N N 2   
ALA N   H2   sing N N 3   
ALA CA  C    sing N N 4   
ALA CA  CB   sing N N 5   
ALA CA  HA   sing N N 6   
ALA C   O    doub N N 7   
ALA C   OXT  sing N N 8   
ALA CB  HB1  sing N N 9   
ALA CB  HB2  sing N N 10  
ALA CB  HB3  sing N N 11  
ALA OXT HXT  sing N N 12  
ARG N   CA   sing N N 13  
ARG N   H    sing N N 14  
ARG N   H2   sing N N 15  
ARG CA  C    sing N N 16  
ARG CA  CB   sing N N 17  
ARG CA  HA   sing N N 18  
ARG C   O    doub N N 19  
ARG C   OXT  sing N N 20  
ARG CB  CG   sing N N 21  
ARG CB  HB2  sing N N 22  
ARG CB  HB3  sing N N 23  
ARG CG  CD   sing N N 24  
ARG CG  HG2  sing N N 25  
ARG CG  HG3  sing N N 26  
ARG CD  NE   sing N N 27  
ARG CD  HD2  sing N N 28  
ARG CD  HD3  sing N N 29  
ARG NE  CZ   sing N N 30  
ARG NE  HE   sing N N 31  
ARG CZ  NH1  sing N N 32  
ARG CZ  NH2  doub N N 33  
ARG NH1 HH11 sing N N 34  
ARG NH1 HH12 sing N N 35  
ARG NH2 HH21 sing N N 36  
ARG NH2 HH22 sing N N 37  
ARG OXT HXT  sing N N 38  
ASN N   CA   sing N N 39  
ASN N   H    sing N N 40  
ASN N   H2   sing N N 41  
ASN CA  C    sing N N 42  
ASN CA  CB   sing N N 43  
ASN CA  HA   sing N N 44  
ASN C   O    doub N N 45  
ASN C   OXT  sing N N 46  
ASN CB  CG   sing N N 47  
ASN CB  HB2  sing N N 48  
ASN CB  HB3  sing N N 49  
ASN CG  OD1  doub N N 50  
ASN CG  ND2  sing N N 51  
ASN ND2 HD21 sing N N 52  
ASN ND2 HD22 sing N N 53  
ASN OXT HXT  sing N N 54  
ASP N   CA   sing N N 55  
ASP N   H    sing N N 56  
ASP N   H2   sing N N 57  
ASP CA  C    sing N N 58  
ASP CA  CB   sing N N 59  
ASP CA  HA   sing N N 60  
ASP C   O    doub N N 61  
ASP C   OXT  sing N N 62  
ASP CB  CG   sing N N 63  
ASP CB  HB2  sing N N 64  
ASP CB  HB3  sing N N 65  
ASP CG  OD1  doub N N 66  
ASP CG  OD2  sing N N 67  
ASP OD2 HD2  sing N N 68  
ASP OXT HXT  sing N N 69  
GLN N   CA   sing N N 70  
GLN N   H    sing N N 71  
GLN N   H2   sing N N 72  
GLN CA  C    sing N N 73  
GLN CA  CB   sing N N 74  
GLN CA  HA   sing N N 75  
GLN C   O    doub N N 76  
GLN C   OXT  sing N N 77  
GLN CB  CG   sing N N 78  
GLN CB  HB2  sing N N 79  
GLN CB  HB3  sing N N 80  
GLN CG  CD   sing N N 81  
GLN CG  HG2  sing N N 82  
GLN CG  HG3  sing N N 83  
GLN CD  OE1  doub N N 84  
GLN CD  NE2  sing N N 85  
GLN NE2 HE21 sing N N 86  
GLN NE2 HE22 sing N N 87  
GLN OXT HXT  sing N N 88  
GLU N   CA   sing N N 89  
GLU N   H    sing N N 90  
GLU N   H2   sing N N 91  
GLU CA  C    sing N N 92  
GLU CA  CB   sing N N 93  
GLU CA  HA   sing N N 94  
GLU C   O    doub N N 95  
GLU C   OXT  sing N N 96  
GLU CB  CG   sing N N 97  
GLU CB  HB2  sing N N 98  
GLU CB  HB3  sing N N 99  
GLU CG  CD   sing N N 100 
GLU CG  HG2  sing N N 101 
GLU CG  HG3  sing N N 102 
GLU CD  OE1  doub N N 103 
GLU CD  OE2  sing N N 104 
GLU OE2 HE2  sing N N 105 
GLU OXT HXT  sing N N 106 
GLY N   CA   sing N N 107 
GLY N   H    sing N N 108 
GLY N   H2   sing N N 109 
GLY CA  C    sing N N 110 
GLY CA  HA2  sing N N 111 
GLY CA  HA3  sing N N 112 
GLY C   O    doub N N 113 
GLY C   OXT  sing N N 114 
GLY OXT HXT  sing N N 115 
HIS N   CA   sing N N 116 
HIS N   H    sing N N 117 
HIS N   H2   sing N N 118 
HIS CA  C    sing N N 119 
HIS CA  CB   sing N N 120 
HIS CA  HA   sing N N 121 
HIS C   O    doub N N 122 
HIS C   OXT  sing N N 123 
HIS CB  CG   sing N N 124 
HIS CB  HB2  sing N N 125 
HIS CB  HB3  sing N N 126 
HIS CG  ND1  sing Y N 127 
HIS CG  CD2  doub Y N 128 
HIS ND1 CE1  doub Y N 129 
HIS ND1 HD1  sing N N 130 
HIS CD2 NE2  sing Y N 131 
HIS CD2 HD2  sing N N 132 
HIS CE1 NE2  sing Y N 133 
HIS CE1 HE1  sing N N 134 
HIS NE2 HE2  sing N N 135 
HIS OXT HXT  sing N N 136 
HOH O   H1   sing N N 137 
HOH O   H2   sing N N 138 
ILE N   CA   sing N N 139 
ILE N   H    sing N N 140 
ILE N   H2   sing N N 141 
ILE CA  C    sing N N 142 
ILE CA  CB   sing N N 143 
ILE CA  HA   sing N N 144 
ILE C   O    doub N N 145 
ILE C   OXT  sing N N 146 
ILE CB  CG1  sing N N 147 
ILE CB  CG2  sing N N 148 
ILE CB  HB   sing N N 149 
ILE CG1 CD1  sing N N 150 
ILE CG1 HG12 sing N N 151 
ILE CG1 HG13 sing N N 152 
ILE CG2 HG21 sing N N 153 
ILE CG2 HG22 sing N N 154 
ILE CG2 HG23 sing N N 155 
ILE CD1 HD11 sing N N 156 
ILE CD1 HD12 sing N N 157 
ILE CD1 HD13 sing N N 158 
ILE OXT HXT  sing N N 159 
LEU N   CA   sing N N 160 
LEU N   H    sing N N 161 
LEU N   H2   sing N N 162 
LEU CA  C    sing N N 163 
LEU CA  CB   sing N N 164 
LEU CA  HA   sing N N 165 
LEU C   O    doub N N 166 
LEU C   OXT  sing N N 167 
LEU CB  CG   sing N N 168 
LEU CB  HB2  sing N N 169 
LEU CB  HB3  sing N N 170 
LEU CG  CD1  sing N N 171 
LEU CG  CD2  sing N N 172 
LEU CG  HG   sing N N 173 
LEU CD1 HD11 sing N N 174 
LEU CD1 HD12 sing N N 175 
LEU CD1 HD13 sing N N 176 
LEU CD2 HD21 sing N N 177 
LEU CD2 HD22 sing N N 178 
LEU CD2 HD23 sing N N 179 
LEU OXT HXT  sing N N 180 
LYS N   CA   sing N N 181 
LYS N   H    sing N N 182 
LYS N   H2   sing N N 183 
LYS CA  C    sing N N 184 
LYS CA  CB   sing N N 185 
LYS CA  HA   sing N N 186 
LYS C   O    doub N N 187 
LYS C   OXT  sing N N 188 
LYS CB  CG   sing N N 189 
LYS CB  HB2  sing N N 190 
LYS CB  HB3  sing N N 191 
LYS CG  CD   sing N N 192 
LYS CG  HG2  sing N N 193 
LYS CG  HG3  sing N N 194 
LYS CD  CE   sing N N 195 
LYS CD  HD2  sing N N 196 
LYS CD  HD3  sing N N 197 
LYS CE  NZ   sing N N 198 
LYS CE  HE2  sing N N 199 
LYS CE  HE3  sing N N 200 
LYS NZ  HZ1  sing N N 201 
LYS NZ  HZ2  sing N N 202 
LYS NZ  HZ3  sing N N 203 
LYS OXT HXT  sing N N 204 
MET N   CA   sing N N 205 
MET N   H    sing N N 206 
MET N   H2   sing N N 207 
MET CA  C    sing N N 208 
MET CA  CB   sing N N 209 
MET CA  HA   sing N N 210 
MET C   O    doub N N 211 
MET C   OXT  sing N N 212 
MET CB  CG   sing N N 213 
MET CB  HB2  sing N N 214 
MET CB  HB3  sing N N 215 
MET CG  SD   sing N N 216 
MET CG  HG2  sing N N 217 
MET CG  HG3  sing N N 218 
MET SD  CE   sing N N 219 
MET CE  HE1  sing N N 220 
MET CE  HE2  sing N N 221 
MET CE  HE3  sing N N 222 
MET OXT HXT  sing N N 223 
PHE N   CA   sing N N 224 
PHE N   H    sing N N 225 
PHE N   H2   sing N N 226 
PHE CA  C    sing N N 227 
PHE CA  CB   sing N N 228 
PHE CA  HA   sing N N 229 
PHE C   O    doub N N 230 
PHE C   OXT  sing N N 231 
PHE CB  CG   sing N N 232 
PHE CB  HB2  sing N N 233 
PHE CB  HB3  sing N N 234 
PHE CG  CD1  doub Y N 235 
PHE CG  CD2  sing Y N 236 
PHE CD1 CE1  sing Y N 237 
PHE CD1 HD1  sing N N 238 
PHE CD2 CE2  doub Y N 239 
PHE CD2 HD2  sing N N 240 
PHE CE1 CZ   doub Y N 241 
PHE CE1 HE1  sing N N 242 
PHE CE2 CZ   sing Y N 243 
PHE CE2 HE2  sing N N 244 
PHE CZ  HZ   sing N N 245 
PHE OXT HXT  sing N N 246 
PRO N   CA   sing N N 247 
PRO N   CD   sing N N 248 
PRO N   H    sing N N 249 
PRO CA  C    sing N N 250 
PRO CA  CB   sing N N 251 
PRO CA  HA   sing N N 252 
PRO C   O    doub N N 253 
PRO C   OXT  sing N N 254 
PRO CB  CG   sing N N 255 
PRO CB  HB2  sing N N 256 
PRO CB  HB3  sing N N 257 
PRO CG  CD   sing N N 258 
PRO CG  HG2  sing N N 259 
PRO CG  HG3  sing N N 260 
PRO CD  HD2  sing N N 261 
PRO CD  HD3  sing N N 262 
PRO OXT HXT  sing N N 263 
SER N   CA   sing N N 264 
SER N   H    sing N N 265 
SER N   H2   sing N N 266 
SER CA  C    sing N N 267 
SER CA  CB   sing N N 268 
SER CA  HA   sing N N 269 
SER C   O    doub N N 270 
SER C   OXT  sing N N 271 
SER CB  OG   sing N N 272 
SER CB  HB2  sing N N 273 
SER CB  HB3  sing N N 274 
SER OG  HG   sing N N 275 
SER OXT HXT  sing N N 276 
SO4 S   O1   doub N N 277 
SO4 S   O2   doub N N 278 
SO4 S   O3   sing N N 279 
SO4 S   O4   sing N N 280 
THR N   CA   sing N N 281 
THR N   H    sing N N 282 
THR N   H2   sing N N 283 
THR CA  C    sing N N 284 
THR CA  CB   sing N N 285 
THR CA  HA   sing N N 286 
THR C   O    doub N N 287 
THR C   OXT  sing N N 288 
THR CB  OG1  sing N N 289 
THR CB  CG2  sing N N 290 
THR CB  HB   sing N N 291 
THR OG1 HG1  sing N N 292 
THR CG2 HG21 sing N N 293 
THR CG2 HG22 sing N N 294 
THR CG2 HG23 sing N N 295 
THR OXT HXT  sing N N 296 
TRP N   CA   sing N N 297 
TRP N   H    sing N N 298 
TRP N   H2   sing N N 299 
TRP CA  C    sing N N 300 
TRP CA  CB   sing N N 301 
TRP CA  HA   sing N N 302 
TRP C   O    doub N N 303 
TRP C   OXT  sing N N 304 
TRP CB  CG   sing N N 305 
TRP CB  HB2  sing N N 306 
TRP CB  HB3  sing N N 307 
TRP CG  CD1  doub Y N 308 
TRP CG  CD2  sing Y N 309 
TRP CD1 NE1  sing Y N 310 
TRP CD1 HD1  sing N N 311 
TRP CD2 CE2  doub Y N 312 
TRP CD2 CE3  sing Y N 313 
TRP NE1 CE2  sing Y N 314 
TRP NE1 HE1  sing N N 315 
TRP CE2 CZ2  sing Y N 316 
TRP CE3 CZ3  doub Y N 317 
TRP CE3 HE3  sing N N 318 
TRP CZ2 CH2  doub Y N 319 
TRP CZ2 HZ2  sing N N 320 
TRP CZ3 CH2  sing Y N 321 
TRP CZ3 HZ3  sing N N 322 
TRP CH2 HH2  sing N N 323 
TRP OXT HXT  sing N N 324 
TYR N   CA   sing N N 325 
TYR N   H    sing N N 326 
TYR N   H2   sing N N 327 
TYR CA  C    sing N N 328 
TYR CA  CB   sing N N 329 
TYR CA  HA   sing N N 330 
TYR C   O    doub N N 331 
TYR C   OXT  sing N N 332 
TYR CB  CG   sing N N 333 
TYR CB  HB2  sing N N 334 
TYR CB  HB3  sing N N 335 
TYR CG  CD1  doub Y N 336 
TYR CG  CD2  sing Y N 337 
TYR CD1 CE1  sing Y N 338 
TYR CD1 HD1  sing N N 339 
TYR CD2 CE2  doub Y N 340 
TYR CD2 HD2  sing N N 341 
TYR CE1 CZ   doub Y N 342 
TYR CE1 HE1  sing N N 343 
TYR CE2 CZ   sing Y N 344 
TYR CE2 HE2  sing N N 345 
TYR CZ  OH   sing N N 346 
TYR OH  HH   sing N N 347 
TYR OXT HXT  sing N N 348 
VAL N   CA   sing N N 349 
VAL N   H    sing N N 350 
VAL N   H2   sing N N 351 
VAL CA  C    sing N N 352 
VAL CA  CB   sing N N 353 
VAL CA  HA   sing N N 354 
VAL C   O    doub N N 355 
VAL C   OXT  sing N N 356 
VAL CB  CG1  sing N N 357 
VAL CB  CG2  sing N N 358 
VAL CB  HB   sing N N 359 
VAL CG1 HG11 sing N N 360 
VAL CG1 HG12 sing N N 361 
VAL CG1 HG13 sing N N 362 
VAL CG2 HG21 sing N N 363 
VAL CG2 HG22 sing N N 364 
VAL CG2 HG23 sing N N 365 
VAL OXT HXT  sing N N 366 
# 
loop_
_pdbx_entity_nonpoly.entity_id 
_pdbx_entity_nonpoly.name 
_pdbx_entity_nonpoly.comp_id 
2 'CALCIUM ION' CA  
3 'SULFATE ION' SO4 
4 water         HOH 
# 
_pdbx_initial_refinement_model.id               1 
_pdbx_initial_refinement_model.entity_id_list   ? 
_pdbx_initial_refinement_model.type             'experimental model' 
_pdbx_initial_refinement_model.source_name      PDB 
_pdbx_initial_refinement_model.accession_code   3TO5 
_pdbx_initial_refinement_model.details          'PDB ENTRY 3TO5' 
# 
